data_2YDX
#
_entry.id   2YDX
#
_cell.length_a   163.389
_cell.length_b   163.389
_cell.length_c   252.882
_cell.angle_alpha   90.00
_cell.angle_beta   90.00
_cell.angle_gamma   90.00
#
_symmetry.space_group_name_H-M   'P 42 21 2'
#
loop_
_entity.id
_entity.type
_entity.pdbx_description
1 polymer 'METHIONINE ADENOSYLTRANSFERASE 2 SUBUNIT BETA'
2 non-polymer RESVERATROL
3 non-polymer 'NADP NICOTINAMIDE-ADENINE-DINUCLEOTIDE PHOSPHATE'
4 non-polymer 'SULFATE ION'
5 non-polymer 'CALCIUM ION'
6 non-polymer '1,4,5,6-TETRAHYDRONICOTINAMIDE ADENINE DINUCLEOTIDE PHOSPHATE'
7 water water
#
_entity_poly.entity_id   1
_entity_poly.type   'polypeptide(L)'
_entity_poly.pdbx_seq_one_letter_code
;MNRRVLVTGATGLLGRAVHKEFQQNNWHAVGCGFRRARPKFEQVNLLDSNAVHHIIHDFQPHVIVHCAAERRPDVVENQP
DAASQLNVDASGNLAKEAAAVGAFLIYISSDYVFDGTNPPYREEDIPAPLNLYGKTKLDGEKAVLENNLGAAVLRIPILY
GEVEKLEESAVTVMFDKVQFSNKSANMDHWQQRFPTHVKDVATVCRQLAEKRMLDPSIKGTFHWSGNEQMTKYEMACAIA
DAFNLPSSHLRPITDSPVLGAQRPRNAQLDCSKLETLGIGQRTPFRIGIKESLWPFLIDKRWRQTVFHAENLYFQ
;
_entity_poly.pdbx_strand_id   A,B,C,D,E
#
# COMPACT_ATOMS: atom_id res chain seq x y z
N MET A 1 13.45 -6.30 15.79
CA MET A 1 12.81 -5.17 16.45
C MET A 1 11.31 -5.32 16.52
N ASN A 2 10.68 -4.68 17.53
CA ASN A 2 9.23 -4.68 17.75
C ASN A 2 8.52 -3.62 16.85
N ARG A 3 8.64 -3.78 15.54
CA ARG A 3 8.04 -2.84 14.59
C ARG A 3 7.46 -3.60 13.41
N ARG A 4 6.60 -2.91 12.64
CA ARG A 4 5.93 -3.45 11.47
C ARG A 4 6.60 -2.95 10.22
N VAL A 5 6.86 -3.86 9.25
CA VAL A 5 7.48 -3.54 7.98
C VAL A 5 6.70 -4.19 6.81
N LEU A 6 6.41 -3.39 5.79
CA LEU A 6 5.77 -3.80 4.55
C LEU A 6 6.82 -3.80 3.45
N VAL A 7 7.00 -4.97 2.80
CA VAL A 7 7.98 -5.14 1.73
C VAL A 7 7.23 -5.29 0.42
N THR A 8 7.32 -4.30 -0.50
CA THR A 8 6.67 -4.44 -1.82
C THR A 8 7.64 -5.25 -2.67
N GLY A 9 7.14 -5.94 -3.69
CA GLY A 9 8.00 -6.76 -4.52
C GLY A 9 8.64 -7.94 -3.80
N ALA A 10 7.98 -8.44 -2.72
CA ALA A 10 8.41 -9.56 -1.89
C ALA A 10 8.52 -10.88 -2.66
N THR A 11 7.85 -11.00 -3.82
CA THR A 11 7.93 -12.19 -4.65
C THR A 11 9.16 -12.14 -5.58
N GLY A 12 9.70 -10.93 -5.78
CA GLY A 12 10.88 -10.69 -6.62
C GLY A 12 12.21 -11.18 -6.05
N LEU A 13 13.29 -11.05 -6.83
CA LEU A 13 14.62 -11.51 -6.42
C LEU A 13 15.11 -10.84 -5.11
N LEU A 14 15.03 -9.49 -5.02
CA LEU A 14 15.47 -8.74 -3.83
C LEU A 14 14.43 -8.83 -2.71
N GLY A 15 13.16 -8.51 -3.01
CA GLY A 15 12.06 -8.56 -2.07
C GLY A 15 12.01 -9.80 -1.20
N ARG A 16 12.21 -11.00 -1.80
CA ARG A 16 12.22 -12.28 -1.07
C ARG A 16 13.24 -12.25 0.09
N ALA A 17 14.43 -11.69 -0.17
CA ALA A 17 15.53 -11.61 0.79
C ALA A 17 15.26 -10.57 1.87
N VAL A 18 14.68 -9.42 1.47
CA VAL A 18 14.32 -8.31 2.36
C VAL A 18 13.28 -8.82 3.35
N HIS A 19 12.20 -9.43 2.88
CA HIS A 19 11.17 -9.99 3.76
C HIS A 19 11.79 -10.96 4.76
N LYS A 20 12.64 -11.90 4.28
CA LYS A 20 13.30 -12.90 5.13
C LYS A 20 14.17 -12.24 6.22
N GLU A 21 14.98 -11.21 5.86
CA GLU A 21 15.85 -10.54 6.84
C GLU A 21 15.06 -9.92 7.98
N PHE A 22 14.00 -9.19 7.63
CA PHE A 22 13.17 -8.54 8.61
C PHE A 22 12.47 -9.58 9.49
N GLN A 23 11.83 -10.58 8.88
CA GLN A 23 11.11 -11.63 9.59
C GLN A 23 12.02 -12.42 10.53
N GLN A 24 13.24 -12.75 10.08
CA GLN A 24 14.22 -13.52 10.87
C GLN A 24 14.79 -12.72 12.04
N ASN A 25 14.63 -11.39 11.99
CA ASN A 25 15.04 -10.46 13.04
C ASN A 25 13.85 -9.99 13.85
N ASN A 26 12.80 -10.81 13.91
CA ASN A 26 11.58 -10.66 14.69
C ASN A 26 10.77 -9.37 14.43
N TRP A 27 10.85 -8.83 13.22
CA TRP A 27 9.98 -7.73 12.83
C TRP A 27 8.64 -8.33 12.44
N HIS A 28 7.55 -7.53 12.49
CA HIS A 28 6.29 -8.00 11.97
C HIS A 28 6.36 -7.69 10.48
N ALA A 29 6.88 -8.64 9.71
CA ALA A 29 7.11 -8.49 8.28
C ALA A 29 5.95 -9.02 7.48
N VAL A 30 5.40 -8.12 6.63
CA VAL A 30 4.32 -8.40 5.68
C VAL A 30 4.85 -8.10 4.27
N GLY A 31 4.78 -9.08 3.38
CA GLY A 31 5.22 -8.93 2.01
C GLY A 31 4.12 -8.82 0.98
N CYS A 32 4.43 -8.12 -0.10
CA CYS A 32 3.56 -7.87 -1.23
C CYS A 32 4.08 -8.44 -2.47
N GLY A 33 3.18 -9.02 -3.22
CA GLY A 33 3.50 -9.51 -4.54
C GLY A 33 2.39 -9.14 -5.48
N PHE A 34 2.38 -9.78 -6.63
CA PHE A 34 1.35 -9.58 -7.61
C PHE A 34 1.01 -10.93 -8.28
N ARG A 35 1.67 -11.24 -9.41
CA ARG A 35 1.45 -12.47 -10.13
C ARG A 35 1.78 -13.70 -9.28
N ARG A 36 2.85 -13.60 -8.46
CA ARG A 36 3.35 -14.69 -7.62
C ARG A 36 2.98 -14.62 -6.12
N ALA A 37 2.20 -13.63 -5.72
CA ALA A 37 1.91 -13.36 -4.32
C ALA A 37 1.35 -14.55 -3.53
N ARG A 38 0.19 -15.05 -3.92
CA ARG A 38 -0.49 -16.07 -3.18
C ARG A 38 0.20 -17.46 -3.23
N PRO A 39 0.22 -18.22 -2.09
CA PRO A 39 -0.39 -17.95 -0.79
C PRO A 39 0.50 -17.22 0.22
N LYS A 40 1.83 -17.27 0.05
CA LYS A 40 2.80 -16.70 0.96
C LYS A 40 2.61 -15.19 1.24
N PHE A 41 2.23 -14.41 0.21
CA PHE A 41 2.17 -12.98 0.33
C PHE A 41 0.84 -12.36 -0.04
N GLU A 42 0.73 -11.03 0.19
CA GLU A 42 -0.42 -10.20 -0.15
C GLU A 42 -0.39 -9.86 -1.62
N GLN A 43 -1.54 -10.00 -2.30
CA GLN A 43 -1.66 -9.67 -3.71
C GLN A 43 -2.18 -8.25 -3.81
N VAL A 44 -1.29 -7.31 -4.12
CA VAL A 44 -1.61 -5.87 -4.23
C VAL A 44 -1.01 -5.30 -5.52
N ASN A 45 -1.87 -4.80 -6.41
CA ASN A 45 -1.41 -4.17 -7.64
C ASN A 45 -1.06 -2.74 -7.27
N LEU A 46 0.24 -2.41 -7.38
CA LEU A 46 0.73 -1.08 -7.00
C LEU A 46 0.19 0.01 -7.92
N LEU A 47 -0.37 -0.39 -9.07
CA LEU A 47 -0.99 0.50 -10.05
C LEU A 47 -2.45 0.80 -9.66
N ASP A 48 -3.01 0.08 -8.64
CA ASP A 48 -4.35 0.34 -8.12
C ASP A 48 -4.21 1.14 -6.81
N SER A 49 -4.38 2.45 -6.91
CA SER A 49 -4.25 3.42 -5.81
C SER A 49 -5.03 3.04 -4.55
N ASN A 50 -6.23 2.41 -4.72
CA ASN A 50 -7.10 2.02 -3.61
C ASN A 50 -6.55 0.84 -2.85
N ALA A 51 -6.09 -0.18 -3.57
CA ALA A 51 -5.50 -1.36 -2.99
C ALA A 51 -4.28 -0.99 -2.13
N VAL A 52 -3.40 -0.11 -2.65
CA VAL A 52 -2.18 0.38 -2.01
C VAL A 52 -2.57 1.15 -0.73
N HIS A 53 -3.56 2.03 -0.86
CA HIS A 53 -4.04 2.84 0.24
C HIS A 53 -4.55 1.97 1.36
N HIS A 54 -5.37 0.97 1.01
CA HIS A 54 -6.01 0.10 1.97
C HIS A 54 -5.05 -0.79 2.71
N ILE A 55 -4.08 -1.41 2.03
CA ILE A 55 -3.15 -2.27 2.74
C ILE A 55 -2.27 -1.44 3.71
N ILE A 56 -1.79 -0.26 3.27
CA ILE A 56 -0.93 0.58 4.09
C ILE A 56 -1.71 1.07 5.34
N HIS A 57 -2.95 1.56 5.14
N HIS A 57 -2.94 1.58 5.16
CA HIS A 57 -3.80 2.06 6.21
CA HIS A 57 -3.72 2.11 6.27
C HIS A 57 -4.20 0.96 7.19
C HIS A 57 -4.30 1.00 7.16
N ASP A 58 -4.37 -0.27 6.69
CA ASP A 58 -4.82 -1.41 7.51
C ASP A 58 -3.67 -1.95 8.36
N PHE A 59 -2.51 -2.21 7.73
CA PHE A 59 -1.31 -2.73 8.38
C PHE A 59 -0.61 -1.69 9.25
N GLN A 60 -0.69 -0.38 8.89
CA GLN A 60 -0.04 0.74 9.60
C GLN A 60 1.47 0.44 9.79
N PRO A 61 2.24 0.30 8.69
CA PRO A 61 3.64 -0.08 8.85
C PRO A 61 4.50 1.05 9.42
N HIS A 62 5.60 0.69 10.07
CA HIS A 62 6.55 1.67 10.58
C HIS A 62 7.53 1.97 9.48
N VAL A 63 7.85 0.94 8.66
CA VAL A 63 8.79 0.97 7.55
C VAL A 63 8.12 0.39 6.32
N ILE A 64 8.40 0.97 5.14
CA ILE A 64 8.00 0.40 3.85
C ILE A 64 9.26 0.25 3.02
N VAL A 65 9.55 -0.95 2.51
CA VAL A 65 10.71 -1.20 1.61
C VAL A 65 10.14 -1.43 0.20
N HIS A 66 10.36 -0.47 -0.70
CA HIS A 66 9.77 -0.54 -2.03
C HIS A 66 10.76 -1.14 -3.04
N CYS A 67 10.58 -2.46 -3.33
CA CYS A 67 11.39 -3.28 -4.25
C CYS A 67 10.71 -3.44 -5.58
N ALA A 68 9.38 -3.54 -5.61
CA ALA A 68 8.61 -3.71 -6.84
C ALA A 68 8.97 -2.66 -7.90
N ALA A 69 9.28 -3.13 -9.12
CA ALA A 69 9.70 -2.35 -10.27
C ALA A 69 9.73 -3.20 -11.53
N GLU A 70 9.84 -2.54 -12.71
CA GLU A 70 10.00 -3.19 -14.00
C GLU A 70 11.44 -2.96 -14.39
N ARG A 71 12.28 -4.00 -14.24
CA ARG A 71 13.73 -3.91 -14.45
C ARG A 71 14.21 -4.64 -15.71
N ARG A 72 13.26 -5.22 -16.45
CA ARG A 72 13.56 -5.95 -17.67
C ARG A 72 13.59 -4.94 -18.83
N PRO A 73 14.79 -4.73 -19.48
CA PRO A 73 14.86 -3.76 -20.58
C PRO A 73 14.00 -4.16 -21.79
N ASP A 74 13.61 -5.46 -21.87
CA ASP A 74 12.71 -6.00 -22.89
C ASP A 74 11.29 -5.45 -22.68
N VAL A 75 10.84 -5.37 -21.41
CA VAL A 75 9.51 -4.89 -21.02
C VAL A 75 9.50 -3.35 -20.93
N VAL A 76 10.64 -2.73 -20.54
CA VAL A 76 10.78 -1.28 -20.41
C VAL A 76 10.77 -0.60 -21.82
N GLU A 77 11.47 -1.18 -22.82
CA GLU A 77 11.51 -0.64 -24.18
C GLU A 77 10.19 -0.90 -24.95
N ASN A 78 9.61 -2.12 -24.85
CA ASN A 78 8.37 -2.51 -25.54
C ASN A 78 7.12 -1.81 -24.97
N GLN A 79 7.03 -1.71 -23.63
CA GLN A 79 5.94 -1.05 -22.92
C GLN A 79 6.51 0.13 -22.09
N PRO A 80 6.85 1.28 -22.72
CA PRO A 80 7.45 2.41 -21.96
C PRO A 80 6.45 3.13 -21.04
N ASP A 81 5.18 3.11 -21.46
CA ASP A 81 3.99 3.66 -20.82
C ASP A 81 3.80 3.03 -19.42
N ALA A 82 3.72 1.67 -19.38
CA ALA A 82 3.52 0.85 -18.18
C ALA A 82 4.72 0.86 -17.25
N ALA A 83 5.95 0.89 -17.81
CA ALA A 83 7.22 0.92 -17.06
C ALA A 83 7.33 2.20 -16.21
N SER A 84 7.00 3.36 -16.81
CA SER A 84 6.98 4.65 -16.11
C SER A 84 5.92 4.63 -14.99
N GLN A 85 4.75 4.03 -15.28
CA GLN A 85 3.64 3.92 -14.33
C GLN A 85 4.01 3.13 -13.06
N LEU A 86 4.81 2.06 -13.18
CA LEU A 86 5.19 1.24 -12.02
C LEU A 86 6.45 1.78 -11.33
N ASN A 87 7.45 2.18 -12.12
CA ASN A 87 8.70 2.66 -11.55
C ASN A 87 8.61 4.09 -11.03
N VAL A 88 7.76 4.95 -11.65
CA VAL A 88 7.73 6.34 -11.20
C VAL A 88 6.44 6.65 -10.47
N ASP A 89 5.29 6.53 -11.16
CA ASP A 89 3.98 6.87 -10.63
C ASP A 89 3.62 6.07 -9.38
N ALA A 90 3.76 4.73 -9.41
CA ALA A 90 3.46 3.86 -8.27
C ALA A 90 4.35 4.17 -7.05
N SER A 91 5.65 4.47 -7.29
CA SER A 91 6.63 4.83 -6.26
C SER A 91 6.23 6.17 -5.60
N GLY A 92 5.78 7.12 -6.42
CA GLY A 92 5.35 8.44 -5.99
C GLY A 92 4.15 8.32 -5.09
N ASN A 93 3.16 7.51 -5.50
CA ASN A 93 1.93 7.28 -4.75
C ASN A 93 2.26 6.58 -3.42
N LEU A 94 3.19 5.63 -3.44
CA LEU A 94 3.65 4.92 -2.26
C LEU A 94 4.22 5.90 -1.25
N ALA A 95 5.03 6.89 -1.73
CA ALA A 95 5.63 7.94 -0.92
C ALA A 95 4.57 8.80 -0.26
N LYS A 96 3.47 9.16 -1.00
CA LYS A 96 2.34 9.94 -0.48
C LYS A 96 1.66 9.16 0.64
N GLU A 97 1.40 7.87 0.39
CA GLU A 97 0.75 6.95 1.30
C GLU A 97 1.57 6.72 2.58
N ALA A 98 2.91 6.55 2.44
CA ALA A 98 3.82 6.38 3.58
C ALA A 98 3.87 7.64 4.44
N ALA A 99 3.85 8.81 3.79
CA ALA A 99 3.87 10.12 4.43
C ALA A 99 2.64 10.31 5.32
N ALA A 100 1.47 9.81 4.86
CA ALA A 100 0.16 9.89 5.54
C ALA A 100 0.09 9.01 6.78
N VAL A 101 0.78 7.87 6.81
CA VAL A 101 0.77 6.90 7.91
C VAL A 101 1.94 7.17 8.88
N GLY A 102 2.97 7.89 8.41
CA GLY A 102 4.16 8.17 9.21
C GLY A 102 5.10 6.98 9.20
N ALA A 103 5.31 6.42 8.00
CA ALA A 103 6.13 5.26 7.78
C ALA A 103 7.44 5.66 7.09
N PHE A 104 8.55 5.04 7.50
CA PHE A 104 9.85 5.28 6.90
C PHE A 104 9.93 4.51 5.57
N LEU A 105 9.97 5.24 4.46
CA LEU A 105 10.00 4.59 3.15
C LEU A 105 11.41 4.46 2.64
N ILE A 106 11.81 3.24 2.26
CA ILE A 106 13.11 2.98 1.65
C ILE A 106 12.82 2.64 0.20
N TYR A 107 13.21 3.55 -0.72
CA TYR A 107 13.05 3.34 -2.15
C TYR A 107 14.31 2.72 -2.69
N ILE A 108 14.18 1.56 -3.36
CA ILE A 108 15.33 0.86 -3.91
C ILE A 108 15.58 1.39 -5.32
N SER A 109 16.74 2.01 -5.52
CA SER A 109 17.15 2.56 -6.80
C SER A 109 18.27 1.69 -7.43
N SER A 110 18.88 2.20 -8.52
CA SER A 110 19.83 1.48 -9.33
C SER A 110 21.10 2.26 -9.63
N ASP A 111 22.23 1.54 -9.92
CA ASP A 111 23.47 2.23 -10.31
C ASP A 111 23.32 2.73 -11.78
N TYR A 112 22.23 2.30 -12.47
CA TYR A 112 21.91 2.65 -13.85
C TYR A 112 21.41 4.09 -14.00
N VAL A 113 21.36 4.87 -12.89
CA VAL A 113 20.99 6.29 -12.92
C VAL A 113 22.23 7.10 -13.38
N PHE A 114 23.45 6.49 -13.29
CA PHE A 114 24.73 7.07 -13.67
C PHE A 114 25.20 6.60 -15.07
N ASP A 115 26.07 7.40 -15.74
CA ASP A 115 26.57 7.07 -17.08
C ASP A 115 27.80 6.15 -17.03
N GLY A 116 28.30 5.90 -15.83
CA GLY A 116 29.41 5.00 -15.56
C GLY A 116 30.70 5.33 -16.28
N THR A 117 30.97 6.62 -16.43
CA THR A 117 32.16 7.14 -17.09
C THR A 117 33.17 7.62 -16.05
N ASN A 118 32.69 8.10 -14.89
CA ASN A 118 33.56 8.65 -13.87
C ASN A 118 33.36 7.97 -12.46
N PRO A 119 33.69 6.66 -12.30
CA PRO A 119 33.57 6.02 -10.99
C PRO A 119 34.65 6.44 -9.98
N PRO A 120 34.47 6.25 -8.64
CA PRO A 120 33.28 5.75 -7.95
C PRO A 120 32.26 6.87 -7.79
N TYR A 121 30.97 6.50 -7.76
CA TYR A 121 29.91 7.49 -7.64
C TYR A 121 29.48 7.68 -6.21
N ARG A 122 29.54 8.92 -5.76
CA ARG A 122 29.08 9.34 -4.44
C ARG A 122 27.58 9.68 -4.59
N GLU A 123 26.83 9.68 -3.47
CA GLU A 123 25.37 9.88 -3.41
C GLU A 123 24.92 11.18 -4.11
N GLU A 124 25.70 12.26 -3.90
CA GLU A 124 25.49 13.61 -4.42
C GLU A 124 25.89 13.80 -5.91
N ASP A 125 26.63 12.84 -6.51
CA ASP A 125 27.09 12.93 -7.90
C ASP A 125 25.89 13.01 -8.86
N ILE A 126 26.03 13.78 -9.93
CA ILE A 126 24.96 14.06 -10.89
C ILE A 126 24.59 12.82 -11.72
N PRO A 127 23.34 12.33 -11.59
CA PRO A 127 22.92 11.17 -12.39
C PRO A 127 22.70 11.56 -13.86
N ALA A 128 23.05 10.65 -14.78
CA ALA A 128 22.94 10.78 -16.23
C ALA A 128 22.56 9.43 -16.83
N PRO A 129 21.26 9.01 -16.77
CA PRO A 129 20.90 7.66 -17.27
C PRO A 129 21.03 7.53 -18.78
N LEU A 130 21.60 6.41 -19.23
CA LEU A 130 21.85 6.14 -20.65
C LEU A 130 20.71 5.31 -21.30
N ASN A 131 19.79 4.84 -20.48
CA ASN A 131 18.66 4.01 -20.90
C ASN A 131 17.37 4.45 -20.23
N LEU A 132 16.22 4.03 -20.78
CA LEU A 132 14.91 4.40 -20.26
C LEU A 132 14.69 3.81 -18.84
N TYR A 133 15.24 2.62 -18.57
CA TYR A 133 15.15 2.00 -17.26
C TYR A 133 15.79 2.88 -16.19
N GLY A 134 17.01 3.37 -16.47
CA GLY A 134 17.76 4.26 -15.60
C GLY A 134 16.98 5.54 -15.34
N LYS A 135 16.37 6.08 -16.41
CA LYS A 135 15.57 7.29 -16.34
C LYS A 135 14.37 7.05 -15.41
N THR A 136 13.62 5.93 -15.57
CA THR A 136 12.45 5.61 -14.72
C THR A 136 12.85 5.46 -13.24
N LYS A 137 14.00 4.82 -12.94
CA LYS A 137 14.50 4.65 -11.56
C LYS A 137 14.76 6.01 -10.93
N LEU A 138 15.52 6.89 -11.68
CA LEU A 138 15.90 8.25 -11.31
C LEU A 138 14.67 9.09 -11.06
N ASP A 139 13.66 8.95 -11.94
CA ASP A 139 12.40 9.66 -11.86
C ASP A 139 11.59 9.17 -10.68
N GLY A 140 11.70 7.88 -10.39
CA GLY A 140 11.10 7.27 -9.21
C GLY A 140 11.67 7.92 -7.95
N GLU A 141 13.03 8.12 -7.92
CA GLU A 141 13.77 8.77 -6.82
C GLU A 141 13.21 10.14 -6.53
N LYS A 142 13.09 10.96 -7.59
CA LYS A 142 12.57 12.32 -7.55
C LYS A 142 11.11 12.30 -7.08
N ALA A 143 10.28 11.37 -7.63
CA ALA A 143 8.86 11.20 -7.26
C ALA A 143 8.73 10.87 -5.77
N VAL A 144 9.57 9.97 -5.24
CA VAL A 144 9.57 9.56 -3.85
C VAL A 144 9.95 10.74 -2.95
N LEU A 145 11.13 11.35 -3.19
CA LEU A 145 11.66 12.43 -2.37
C LEU A 145 10.83 13.71 -2.43
N GLU A 146 10.04 13.91 -3.51
CA GLU A 146 9.13 15.08 -3.64
C GLU A 146 7.94 14.93 -2.72
N ASN A 147 7.32 13.75 -2.72
CA ASN A 147 6.11 13.39 -2.00
C ASN A 147 6.32 12.93 -0.54
N ASN A 148 7.57 12.67 -0.16
CA ASN A 148 7.92 12.23 1.20
C ASN A 148 9.29 12.80 1.54
N LEU A 149 9.35 13.63 2.59
CA LEU A 149 10.57 14.29 3.01
C LEU A 149 11.53 13.33 3.73
N GLY A 150 11.03 12.63 4.76
CA GLY A 150 11.81 11.67 5.54
C GLY A 150 12.23 10.35 4.91
N ALA A 151 11.89 10.12 3.62
CA ALA A 151 12.21 8.90 2.86
C ALA A 151 13.70 8.77 2.60
N ALA A 152 14.13 7.53 2.32
CA ALA A 152 15.49 7.17 1.96
C ALA A 152 15.53 6.50 0.61
N VAL A 153 16.59 6.77 -0.16
CA VAL A 153 16.82 6.14 -1.47
C VAL A 153 18.06 5.27 -1.33
N LEU A 154 17.95 3.97 -1.63
CA LEU A 154 19.10 3.06 -1.56
C LEU A 154 19.47 2.60 -2.97
N ARG A 155 20.61 3.12 -3.52
CA ARG A 155 21.08 2.75 -4.86
C ARG A 155 21.97 1.53 -4.75
N ILE A 156 21.67 0.50 -5.53
CA ILE A 156 22.41 -0.75 -5.50
C ILE A 156 22.78 -1.21 -6.92
N PRO A 157 23.85 -2.04 -7.13
CA PRO A 157 24.19 -2.52 -8.47
C PRO A 157 23.63 -3.89 -8.77
N ILE A 158 24.14 -4.57 -9.82
CA ILE A 158 23.70 -5.91 -10.26
C ILE A 158 23.54 -6.88 -9.06
N LEU A 159 22.35 -7.44 -8.94
CA LEU A 159 22.01 -8.34 -7.85
C LEU A 159 22.06 -9.80 -8.27
N TYR A 160 22.34 -10.66 -7.27
CA TYR A 160 22.36 -12.13 -7.38
C TYR A 160 21.86 -12.67 -6.03
N GLY A 161 21.48 -13.92 -6.02
CA GLY A 161 20.96 -14.59 -4.84
C GLY A 161 20.24 -15.86 -5.24
N GLU A 162 19.46 -16.44 -4.31
CA GLU A 162 18.76 -17.69 -4.59
C GLU A 162 17.66 -17.41 -5.59
N VAL A 163 17.82 -17.90 -6.82
CA VAL A 163 16.91 -17.64 -7.94
C VAL A 163 15.91 -18.79 -8.17
N GLU A 164 14.70 -18.43 -8.61
CA GLU A 164 13.65 -19.36 -9.00
C GLU A 164 14.01 -19.97 -10.38
N LYS A 165 14.58 -19.13 -11.27
CA LYS A 165 15.03 -19.44 -12.63
C LYS A 165 16.38 -18.75 -12.84
N LEU A 166 17.27 -19.31 -13.70
CA LEU A 166 18.58 -18.66 -13.91
C LEU A 166 18.45 -17.24 -14.50
N GLU A 167 17.37 -16.98 -15.29
CA GLU A 167 17.07 -15.69 -15.92
C GLU A 167 16.69 -14.62 -14.91
N GLU A 168 16.37 -15.00 -13.66
CA GLU A 168 15.99 -14.06 -12.61
C GLU A 168 17.10 -13.05 -12.26
N SER A 169 18.38 -13.42 -12.47
CA SER A 169 19.50 -12.54 -12.16
C SER A 169 20.41 -12.43 -13.34
N ALA A 170 20.99 -11.25 -13.54
CA ALA A 170 21.91 -11.00 -14.66
C ALA A 170 23.27 -11.69 -14.39
N VAL A 171 23.50 -12.21 -13.17
CA VAL A 171 24.69 -12.94 -12.77
C VAL A 171 24.45 -14.41 -13.01
N THR A 172 23.35 -14.92 -12.52
CA THR A 172 23.05 -16.35 -12.62
C THR A 172 22.75 -16.83 -14.06
N VAL A 173 22.30 -15.96 -15.01
CA VAL A 173 21.96 -16.38 -16.40
C VAL A 173 23.05 -17.19 -17.06
N MET A 174 24.30 -16.79 -16.93
CA MET A 174 25.42 -17.42 -17.63
C MET A 174 25.67 -18.87 -17.24
N PHE A 175 25.18 -19.34 -16.08
CA PHE A 175 25.50 -20.65 -15.55
C PHE A 175 25.38 -21.75 -16.59
N ASP A 176 24.45 -21.67 -17.54
CA ASP A 176 24.37 -22.73 -18.56
C ASP A 176 25.52 -22.65 -19.56
N LYS A 177 25.94 -21.45 -19.93
CA LYS A 177 27.05 -21.25 -20.87
C LYS A 177 28.34 -21.77 -20.23
N VAL A 178 28.43 -21.68 -18.88
CA VAL A 178 29.57 -22.12 -18.09
C VAL A 178 29.60 -23.64 -18.08
N GLN A 179 28.43 -24.26 -17.88
CA GLN A 179 28.26 -25.72 -17.81
C GLN A 179 28.43 -26.44 -19.17
N PHE A 180 28.03 -25.84 -20.31
CA PHE A 180 28.18 -26.39 -21.67
C PHE A 180 29.60 -26.09 -22.15
N SER A 181 30.57 -26.92 -21.70
CA SER A 181 32.03 -26.79 -21.96
C SER A 181 32.41 -27.13 -23.38
N ASN A 182 31.60 -27.96 -24.04
CA ASN A 182 31.77 -28.46 -25.42
C ASN A 182 31.56 -27.33 -26.46
N LYS A 183 30.79 -26.28 -26.10
CA LYS A 183 30.47 -25.13 -26.96
C LYS A 183 31.16 -23.86 -26.42
N SER A 184 31.80 -23.10 -27.34
CA SER A 184 32.45 -21.85 -26.98
C SER A 184 31.39 -20.79 -26.65
N ALA A 185 31.67 -19.97 -25.62
CA ALA A 185 30.73 -18.95 -25.20
C ALA A 185 31.40 -17.60 -25.13
N ASN A 186 30.83 -16.62 -25.84
CA ASN A 186 31.32 -15.25 -25.84
C ASN A 186 30.77 -14.50 -24.64
N MET A 187 31.67 -13.88 -23.86
CA MET A 187 31.28 -13.12 -22.68
C MET A 187 31.87 -11.70 -22.74
N ASP A 188 31.09 -10.65 -22.37
CA ASP A 188 31.62 -9.30 -22.35
C ASP A 188 32.68 -9.16 -21.26
N HIS A 189 33.78 -8.51 -21.58
CA HIS A 189 34.91 -8.27 -20.69
C HIS A 189 35.17 -6.78 -20.63
N TRP A 190 34.19 -5.97 -21.04
CA TRP A 190 34.41 -4.53 -20.98
C TRP A 190 33.53 -3.84 -19.89
N GLN A 191 32.18 -4.05 -19.88
CA GLN A 191 31.36 -3.41 -18.84
C GLN A 191 31.67 -3.99 -17.48
N GLN A 192 32.08 -3.12 -16.53
CA GLN A 192 32.42 -3.51 -15.16
C GLN A 192 31.18 -3.59 -14.34
N ARG A 193 31.13 -4.59 -13.44
CA ARG A 193 30.02 -4.88 -12.55
C ARG A 193 30.50 -5.16 -11.13
N PHE A 194 29.60 -4.94 -10.14
CA PHE A 194 29.85 -5.12 -8.73
C PHE A 194 28.78 -6.04 -8.19
N PRO A 195 28.87 -7.37 -8.51
CA PRO A 195 27.79 -8.28 -8.10
C PRO A 195 27.54 -8.17 -6.61
N THR A 196 26.28 -7.92 -6.23
CA THR A 196 25.84 -7.73 -4.85
C THR A 196 24.79 -8.76 -4.48
N HIS A 197 24.97 -9.39 -3.32
CA HIS A 197 24.02 -10.38 -2.81
C HIS A 197 22.80 -9.71 -2.24
N VAL A 198 21.63 -10.23 -2.63
CA VAL A 198 20.34 -9.76 -2.14
C VAL A 198 20.27 -9.85 -0.61
N LYS A 199 20.93 -10.86 -0.01
CA LYS A 199 21.07 -11.07 1.44
C LYS A 199 21.71 -9.86 2.10
N ASP A 200 22.79 -9.33 1.48
CA ASP A 200 23.55 -8.19 1.99
C ASP A 200 22.79 -6.86 1.87
N VAL A 201 22.07 -6.64 0.73
CA VAL A 201 21.20 -5.47 0.54
C VAL A 201 20.09 -5.52 1.60
N ALA A 202 19.51 -6.74 1.85
CA ALA A 202 18.46 -6.93 2.85
C ALA A 202 18.93 -6.53 4.24
N THR A 203 20.18 -6.90 4.64
CA THR A 203 20.78 -6.46 5.92
C THR A 203 20.87 -4.94 5.97
N VAL A 204 21.41 -4.32 4.90
CA VAL A 204 21.55 -2.86 4.80
C VAL A 204 20.16 -2.18 5.02
N CYS A 205 19.06 -2.71 4.42
CA CYS A 205 17.69 -2.21 4.61
C CYS A 205 17.28 -2.30 6.05
N ARG A 206 17.48 -3.49 6.68
CA ARG A 206 17.13 -3.69 8.08
C ARG A 206 17.89 -2.77 9.01
N GLN A 207 19.22 -2.63 8.81
CA GLN A 207 20.08 -1.79 9.64
C GLN A 207 19.71 -0.34 9.54
N LEU A 208 19.38 0.11 8.31
CA LEU A 208 18.95 1.47 8.03
C LEU A 208 17.61 1.76 8.73
N ALA A 209 16.64 0.84 8.59
CA ALA A 209 15.32 0.91 9.23
C ALA A 209 15.47 0.89 10.75
N GLU A 210 16.26 -0.04 11.30
CA GLU A 210 16.48 -0.14 12.74
C GLU A 210 17.18 1.10 13.32
N LYS A 211 18.01 1.79 12.50
CA LYS A 211 18.70 3.02 12.92
C LYS A 211 17.74 4.17 12.98
N ARG A 212 16.87 4.29 11.95
CA ARG A 212 15.86 5.36 11.84
C ARG A 212 14.81 5.26 12.96
N MET A 213 14.48 4.03 13.42
CA MET A 213 13.50 3.82 14.50
C MET A 213 13.94 4.52 15.79
N LEU A 214 15.22 4.95 15.88
CA LEU A 214 15.77 5.63 17.06
C LEU A 214 16.44 6.98 16.72
N ASP A 215 16.79 7.20 15.43
CA ASP A 215 17.44 8.41 14.93
C ASP A 215 16.64 9.02 13.76
N PRO A 216 15.96 10.16 13.93
CA PRO A 216 15.19 10.73 12.81
C PRO A 216 16.06 11.40 11.73
N SER A 217 17.38 11.45 11.90
CA SER A 217 18.26 12.03 10.88
C SER A 217 18.58 11.01 9.73
N ILE A 218 18.16 9.74 9.87
CA ILE A 218 18.38 8.73 8.85
C ILE A 218 17.34 8.93 7.72
N LYS A 219 17.72 9.73 6.72
CA LYS A 219 16.92 10.03 5.53
C LYS A 219 17.86 10.39 4.37
N GLY A 220 17.33 10.41 3.15
CA GLY A 220 18.14 10.80 1.99
C GLY A 220 18.65 9.67 1.14
N THR A 221 19.63 9.97 0.26
CA THR A 221 20.18 8.97 -0.65
C THR A 221 21.38 8.24 -0.02
N PHE A 222 21.46 6.91 -0.23
CA PHE A 222 22.50 6.02 0.25
C PHE A 222 22.93 5.05 -0.83
N HIS A 223 24.17 4.55 -0.74
CA HIS A 223 24.69 3.62 -1.72
C HIS A 223 25.15 2.32 -1.10
N TRP A 224 24.82 1.20 -1.71
CA TRP A 224 25.37 -0.06 -1.24
C TRP A 224 25.77 -0.92 -2.43
N SER A 225 26.94 -1.57 -2.32
CA SER A 225 27.55 -2.40 -3.37
C SER A 225 28.55 -3.38 -2.80
N GLY A 226 28.71 -4.50 -3.48
CA GLY A 226 29.73 -5.51 -3.18
C GLY A 226 31.06 -4.91 -3.59
N ASN A 227 32.17 -5.35 -2.99
CA ASN A 227 33.45 -4.74 -3.29
C ASN A 227 34.31 -5.48 -4.35
N GLU A 228 33.75 -6.54 -4.97
CA GLU A 228 34.45 -7.31 -6.00
C GLU A 228 34.07 -6.81 -7.39
N GLN A 229 35.03 -6.20 -8.10
CA GLN A 229 34.82 -5.71 -9.46
C GLN A 229 34.98 -6.86 -10.41
N MET A 230 34.02 -7.02 -11.33
CA MET A 230 33.94 -8.13 -12.26
C MET A 230 33.15 -7.82 -13.51
N THR A 231 33.57 -8.40 -14.65
CA THR A 231 32.82 -8.31 -15.91
C THR A 231 32.05 -9.63 -16.06
N LYS A 232 31.16 -9.73 -17.06
CA LYS A 232 30.39 -10.92 -17.37
C LYS A 232 31.34 -12.10 -17.52
N TYR A 233 32.51 -11.85 -18.13
CA TYR A 233 33.54 -12.85 -18.35
C TYR A 233 34.16 -13.31 -17.03
N GLU A 234 34.60 -12.36 -16.19
CA GLU A 234 35.23 -12.64 -14.90
C GLU A 234 34.25 -13.35 -13.98
N MET A 235 32.95 -12.95 -14.02
CA MET A 235 31.90 -13.58 -13.21
C MET A 235 31.72 -15.03 -13.66
N ALA A 236 31.56 -15.24 -14.99
CA ALA A 236 31.40 -16.56 -15.59
C ALA A 236 32.55 -17.48 -15.18
N CYS A 237 33.79 -16.95 -15.17
CA CYS A 237 34.98 -17.68 -14.75
C CYS A 237 34.97 -17.95 -13.25
N ALA A 238 34.56 -16.97 -12.43
CA ALA A 238 34.43 -17.13 -10.97
C ALA A 238 33.41 -18.21 -10.59
N ILE A 239 32.30 -18.31 -11.37
CA ILE A 239 31.23 -19.30 -11.22
C ILE A 239 31.84 -20.68 -11.53
N ALA A 240 32.59 -20.79 -12.63
CA ALA A 240 33.27 -22.00 -13.04
C ALA A 240 34.23 -22.46 -11.95
N ASP A 241 34.98 -21.54 -11.35
CA ASP A 241 35.95 -21.83 -10.29
C ASP A 241 35.28 -22.30 -9.01
N ALA A 242 34.11 -21.73 -8.68
CA ALA A 242 33.32 -22.06 -7.48
C ALA A 242 32.86 -23.52 -7.48
N PHE A 243 32.56 -24.05 -8.69
CA PHE A 243 32.05 -25.41 -8.87
C PHE A 243 33.11 -26.38 -9.37
N ASN A 244 34.31 -25.87 -9.62
CA ASN A 244 35.48 -26.60 -10.12
C ASN A 244 35.17 -27.15 -11.52
N LEU A 245 34.61 -26.27 -12.37
CA LEU A 245 34.31 -26.53 -13.78
C LEU A 245 35.32 -25.81 -14.68
N PRO A 246 35.63 -26.35 -15.88
CA PRO A 246 36.55 -25.61 -16.76
C PRO A 246 35.92 -24.33 -17.33
N SER A 247 36.77 -23.34 -17.66
CA SER A 247 36.37 -22.04 -18.20
C SER A 247 37.19 -21.73 -19.44
N SER A 248 37.81 -22.77 -20.03
CA SER A 248 38.63 -22.65 -21.24
C SER A 248 37.80 -22.23 -22.47
N HIS A 249 36.48 -22.55 -22.49
CA HIS A 249 35.58 -22.28 -23.61
C HIS A 249 34.95 -20.89 -23.54
N LEU A 250 35.13 -20.20 -22.41
CA LEU A 250 34.60 -18.85 -22.28
C LEU A 250 35.60 -17.89 -22.94
N ARG A 251 35.12 -17.16 -23.97
CA ARG A 251 35.91 -16.22 -24.74
C ARG A 251 35.59 -14.79 -24.29
N PRO A 252 36.60 -13.99 -23.83
CA PRO A 252 36.33 -12.60 -23.44
C PRO A 252 36.22 -11.72 -24.68
N ILE A 253 35.07 -11.08 -24.83
CA ILE A 253 34.79 -10.22 -25.99
C ILE A 253 34.30 -8.88 -25.46
N THR A 254 34.16 -7.91 -26.31
CA THR A 254 33.57 -6.66 -25.86
C THR A 254 32.28 -6.55 -26.72
N ASP A 255 31.11 -6.45 -26.08
CA ASP A 255 29.84 -6.40 -26.79
C ASP A 255 29.73 -5.21 -27.73
N SER A 256 28.79 -5.33 -28.68
CA SER A 256 28.41 -4.39 -29.72
C SER A 256 28.46 -2.95 -29.24
N PRO A 257 29.06 -2.04 -30.04
CA PRO A 257 29.11 -0.61 -29.64
C PRO A 257 27.74 -0.06 -29.24
N VAL A 258 26.69 -0.55 -29.95
CA VAL A 258 25.27 -0.27 -29.77
C VAL A 258 24.86 -0.62 -28.34
N LEU A 259 25.35 -1.75 -27.81
CA LEU A 259 25.07 -2.14 -26.45
C LEU A 259 25.75 -1.23 -25.45
N GLY A 260 27.06 -1.06 -25.58
CA GLY A 260 27.89 -0.24 -24.68
C GLY A 260 27.55 1.23 -24.58
N ALA A 261 26.81 1.77 -25.56
CA ALA A 261 26.37 3.17 -25.59
C ALA A 261 25.08 3.41 -24.78
N GLN A 262 24.25 2.36 -24.67
CA GLN A 262 22.95 2.34 -24.02
C GLN A 262 23.02 1.90 -22.54
N ARG A 263 24.24 1.65 -21.98
CA ARG A 263 24.41 1.20 -20.57
C ARG A 263 25.70 1.75 -19.91
N PRO A 264 25.75 1.96 -18.58
CA PRO A 264 26.99 2.47 -17.97
C PRO A 264 28.09 1.42 -17.94
N ARG A 265 29.27 1.79 -18.45
CA ARG A 265 30.44 0.95 -18.52
C ARG A 265 30.97 0.60 -17.10
N ASN A 266 30.99 1.55 -16.15
CA ASN A 266 31.44 1.31 -14.77
C ASN A 266 30.78 2.31 -13.85
N ALA A 267 29.59 1.94 -13.35
CA ALA A 267 28.77 2.75 -12.47
C ALA A 267 29.14 2.50 -10.98
N GLN A 268 30.43 2.22 -10.64
CA GLN A 268 30.88 1.89 -9.28
C GLN A 268 30.30 2.85 -8.27
N LEU A 269 29.61 2.30 -7.27
CA LEU A 269 29.01 3.11 -6.21
C LEU A 269 29.96 3.22 -5.03
N ASP A 270 30.21 4.44 -4.56
CA ASP A 270 31.03 4.70 -3.36
C ASP A 270 30.12 4.54 -2.15
N CYS A 271 30.45 3.60 -1.23
CA CYS A 271 29.62 3.28 -0.06
C CYS A 271 30.12 3.91 1.26
N SER A 272 31.03 4.90 1.19
CA SER A 272 31.59 5.51 2.40
C SER A 272 30.56 6.06 3.38
N LYS A 273 29.41 6.58 2.87
CA LYS A 273 28.33 7.15 3.68
C LYS A 273 27.80 6.10 4.65
N LEU A 274 27.40 4.93 4.13
CA LEU A 274 26.85 3.86 4.95
C LEU A 274 27.92 3.21 5.80
N GLU A 275 29.15 3.09 5.28
CA GLU A 275 30.28 2.48 6.02
C GLU A 275 30.60 3.30 7.27
N THR A 276 30.53 4.64 7.17
CA THR A 276 30.76 5.59 8.26
C THR A 276 29.71 5.37 9.34
N LEU A 277 28.46 5.07 8.93
CA LEU A 277 27.31 4.83 9.81
C LEU A 277 27.37 3.46 10.47
N GLY A 278 28.30 2.62 10.03
CA GLY A 278 28.47 1.27 10.55
C GLY A 278 27.49 0.28 9.95
N ILE A 279 26.76 0.70 8.89
CA ILE A 279 25.80 -0.11 8.14
C ILE A 279 26.61 -0.90 7.11
N GLY A 280 26.21 -2.14 6.85
CA GLY A 280 26.86 -2.93 5.83
C GLY A 280 27.16 -4.38 6.13
N GLN A 281 27.26 -5.18 5.04
CA GLN A 281 27.53 -6.61 5.04
C GLN A 281 28.05 -6.98 3.69
N ARG A 282 29.07 -7.85 3.64
CA ARG A 282 29.63 -8.26 2.36
C ARG A 282 29.98 -9.74 2.32
N THR A 283 29.11 -10.52 1.67
CA THR A 283 29.31 -11.94 1.41
C THR A 283 30.29 -12.08 0.24
N PRO A 284 31.44 -12.77 0.44
CA PRO A 284 32.37 -13.01 -0.69
C PRO A 284 31.66 -13.69 -1.87
N PHE A 285 31.84 -13.14 -3.10
CA PHE A 285 31.14 -13.63 -4.30
C PHE A 285 31.20 -15.16 -4.46
N ARG A 286 32.40 -15.77 -4.31
CA ARG A 286 32.57 -17.23 -4.48
C ARG A 286 31.69 -18.02 -3.51
N ILE A 287 31.46 -17.51 -2.28
CA ILE A 287 30.63 -18.19 -1.28
C ILE A 287 29.15 -18.02 -1.68
N GLY A 288 28.76 -16.76 -1.91
CA GLY A 288 27.39 -16.39 -2.29
C GLY A 288 26.86 -17.06 -3.54
N ILE A 289 27.68 -17.14 -4.60
CA ILE A 289 27.22 -17.70 -5.87
C ILE A 289 27.05 -19.23 -5.80
N LYS A 290 27.90 -19.91 -5.03
CA LYS A 290 27.87 -21.35 -4.81
C LYS A 290 26.52 -21.69 -4.14
N GLU A 291 26.19 -21.00 -3.04
N GLU A 291 26.21 -21.01 -3.01
CA GLU A 291 24.95 -21.10 -2.27
CA GLU A 291 24.97 -21.19 -2.25
C GLU A 291 23.70 -20.88 -3.15
C GLU A 291 23.70 -20.86 -3.12
N SER A 292 23.86 -20.08 -4.21
CA SER A 292 22.80 -19.65 -5.13
C SER A 292 22.52 -20.57 -6.30
N LEU A 293 23.56 -21.07 -6.95
CA LEU A 293 23.46 -21.83 -8.18
C LEU A 293 23.52 -23.33 -8.04
N TRP A 294 24.02 -23.88 -6.93
CA TRP A 294 24.19 -25.34 -6.83
C TRP A 294 22.92 -26.13 -7.27
N PRO A 295 21.63 -25.70 -7.06
CA PRO A 295 20.50 -26.53 -7.56
C PRO A 295 20.47 -26.64 -9.09
N PHE A 296 21.10 -25.68 -9.80
CA PHE A 296 21.12 -25.64 -11.25
C PHE A 296 22.34 -26.33 -11.85
N LEU A 297 23.16 -26.95 -11.00
CA LEU A 297 24.35 -27.64 -11.47
C LEU A 297 23.92 -29.01 -12.00
N ILE A 298 24.01 -29.22 -13.31
CA ILE A 298 23.60 -30.44 -13.98
C ILE A 298 24.56 -31.58 -13.66
N ASP A 299 23.98 -32.69 -13.16
CA ASP A 299 24.66 -33.97 -12.91
C ASP A 299 24.38 -34.81 -14.13
N LYS A 300 25.39 -35.05 -14.98
CA LYS A 300 25.21 -35.80 -16.22
C LYS A 300 24.60 -37.16 -15.94
N ARG A 301 25.30 -38.04 -15.17
CA ARG A 301 24.78 -39.39 -14.89
C ARG A 301 24.47 -40.09 -16.27
N TRP A 302 23.24 -40.58 -16.42
CA TRP A 302 22.69 -41.19 -17.61
C TRP A 302 22.48 -40.22 -18.80
N ARG A 303 22.51 -38.92 -18.57
CA ARG A 303 22.20 -37.94 -19.61
C ARG A 303 23.38 -37.74 -20.50
N GLN A 304 23.62 -38.69 -21.40
CA GLN A 304 24.77 -38.61 -22.28
C GLN A 304 24.66 -37.49 -23.32
N THR A 305 23.52 -37.32 -23.97
CA THR A 305 23.36 -36.29 -25.01
C THR A 305 22.68 -34.99 -24.48
N VAL A 306 22.68 -34.72 -23.14
CA VAL A 306 22.04 -33.50 -22.61
C VAL A 306 22.80 -32.26 -23.06
N PHE A 307 24.15 -32.35 -23.10
CA PHE A 307 24.99 -31.22 -23.47
C PHE A 307 25.18 -31.13 -25.00
N HIS A 308 24.29 -31.76 -25.78
CA HIS A 308 24.30 -31.73 -27.24
C HIS A 308 24.09 -30.31 -27.76
N ALA A 309 24.78 -29.96 -28.88
CA ALA A 309 24.79 -28.65 -29.55
C ALA A 309 23.38 -28.13 -29.89
N GLU A 310 22.49 -28.99 -30.45
CA GLU A 310 21.11 -28.64 -30.84
C GLU A 310 20.12 -28.72 -29.64
N ASN A 311 20.60 -28.46 -28.39
CA ASN A 311 19.79 -28.48 -27.15
C ASN A 311 20.23 -27.34 -26.21
N LEU A 312 19.26 -26.49 -25.76
CA LEU A 312 19.54 -25.34 -24.89
C LEU A 312 18.31 -24.98 -24.06
N MET B 1 46.51 15.82 -12.04
CA MET B 1 46.55 14.81 -11.00
C MET B 1 47.92 14.75 -10.27
N ASN B 2 47.91 14.31 -8.98
CA ASN B 2 49.12 14.16 -8.14
C ASN B 2 49.84 12.80 -8.44
N ARG B 3 50.25 12.63 -9.69
CA ARG B 3 50.92 11.41 -10.11
C ARG B 3 52.10 11.73 -11.01
N ARG B 4 52.98 10.76 -11.19
CA ARG B 4 54.18 10.86 -12.02
C ARG B 4 53.96 10.15 -13.33
N VAL B 5 54.36 10.79 -14.43
CA VAL B 5 54.24 10.26 -15.78
C VAL B 5 55.55 10.48 -16.55
N LEU B 6 56.01 9.40 -17.22
CA LEU B 6 57.18 9.38 -18.08
C LEU B 6 56.71 9.26 -19.51
N VAL B 7 57.18 10.19 -20.36
CA VAL B 7 56.78 10.23 -21.76
C VAL B 7 57.98 9.96 -22.62
N THR B 8 58.05 8.77 -23.25
CA THR B 8 59.09 8.45 -24.22
C THR B 8 58.72 9.17 -25.49
N GLY B 9 59.68 9.49 -26.31
CA GLY B 9 59.43 10.18 -27.55
C GLY B 9 58.88 11.58 -27.42
N ALA B 10 59.19 12.28 -26.28
CA ALA B 10 58.76 13.64 -25.93
C ALA B 10 59.29 14.70 -26.87
N THR B 11 60.35 14.37 -27.66
CA THR B 11 60.92 15.34 -28.60
C THR B 11 60.15 15.28 -29.92
N GLY B 12 59.48 14.15 -30.17
CA GLY B 12 58.72 13.86 -31.38
C GLY B 12 57.44 14.67 -31.53
N LEU B 13 56.73 14.52 -32.68
CA LEU B 13 55.51 15.27 -32.99
C LEU B 13 54.41 15.06 -31.94
N LEU B 14 54.08 13.81 -31.60
CA LEU B 14 53.06 13.48 -30.61
C LEU B 14 53.59 13.68 -29.19
N GLY B 15 54.79 13.16 -28.90
CA GLY B 15 55.41 13.25 -27.58
C GLY B 15 55.44 14.64 -26.96
N ARG B 16 55.76 15.66 -27.78
CA ARG B 16 55.79 17.05 -27.33
C ARG B 16 54.44 17.46 -26.76
N ALA B 17 53.32 17.06 -27.43
CA ALA B 17 51.96 17.40 -27.04
C ALA B 17 51.51 16.63 -25.82
N VAL B 18 51.90 15.34 -25.72
CA VAL B 18 51.58 14.48 -24.59
C VAL B 18 52.27 15.06 -23.33
N HIS B 19 53.55 15.40 -23.45
CA HIS B 19 54.23 15.95 -22.30
C HIS B 19 53.56 17.28 -21.84
N LYS B 20 53.20 18.16 -22.79
CA LYS B 20 52.56 19.42 -22.47
C LYS B 20 51.21 19.18 -21.77
N GLU B 21 50.39 18.24 -22.29
CA GLU B 21 49.09 17.93 -21.72
C GLU B 21 49.20 17.54 -20.28
N PHE B 22 50.05 16.57 -19.97
CA PHE B 22 50.21 16.08 -18.62
C PHE B 22 50.72 17.18 -17.70
N GLN B 23 51.78 17.88 -18.11
CA GLN B 23 52.39 18.94 -17.31
C GLN B 23 51.40 20.08 -17.01
N GLN B 24 50.61 20.49 -17.99
CA GLN B 24 49.64 21.58 -17.85
C GLN B 24 48.46 21.20 -16.94
N ASN B 25 48.28 19.89 -16.69
CA ASN B 25 47.24 19.33 -15.85
C ASN B 25 47.85 18.87 -14.53
N ASN B 26 48.95 19.50 -14.13
CA ASN B 26 49.68 19.35 -12.88
C ASN B 26 50.18 17.93 -12.56
N TRP B 27 50.48 17.14 -13.58
CA TRP B 27 51.14 15.86 -13.35
C TRP B 27 52.61 16.14 -13.21
N HIS B 28 53.36 15.24 -12.54
CA HIS B 28 54.81 15.37 -12.52
C HIS B 28 55.25 14.71 -13.79
N ALA B 29 55.35 15.50 -14.85
CA ALA B 29 55.68 15.01 -16.18
C ALA B 29 57.16 15.13 -16.45
N VAL B 30 57.76 13.99 -16.80
CA VAL B 30 59.16 13.85 -17.19
C VAL B 30 59.16 13.27 -18.60
N GLY B 31 59.81 14.00 -19.53
CA GLY B 31 59.91 13.63 -20.94
C GLY B 31 61.23 13.04 -21.33
N CYS B 32 61.20 12.13 -22.31
CA CYS B 32 62.37 11.44 -22.86
C CYS B 32 62.54 11.73 -24.28
N GLY B 33 63.78 11.94 -24.65
CA GLY B 33 64.13 12.13 -26.03
C GLY B 33 65.41 11.40 -26.30
N PHE B 34 66.02 11.73 -27.42
CA PHE B 34 67.28 11.13 -27.78
C PHE B 34 68.15 12.20 -28.43
N ARG B 35 68.11 12.31 -29.75
CA ARG B 35 68.96 13.28 -30.44
C ARG B 35 68.61 14.73 -30.06
N ARG B 36 67.31 15.03 -29.84
CA ARG B 36 66.82 16.37 -29.53
C ARG B 36 66.44 16.59 -28.04
N ALA B 37 66.75 15.63 -27.13
CA ALA B 37 66.38 15.65 -25.71
C ALA B 37 66.86 16.89 -24.95
N ARG B 38 68.14 17.07 -24.81
CA ARG B 38 68.72 18.14 -24.01
C ARG B 38 68.53 19.55 -24.62
N PRO B 39 68.23 20.60 -23.80
CA PRO B 39 68.15 20.61 -22.33
C PRO B 39 66.76 20.35 -21.74
N LYS B 40 65.68 20.52 -22.54
CA LYS B 40 64.30 20.36 -22.09
C LYS B 40 63.99 18.98 -21.53
N PHE B 41 64.62 17.90 -22.08
CA PHE B 41 64.29 16.53 -21.67
C PHE B 41 65.45 15.63 -21.28
N GLU B 42 65.10 14.38 -20.87
CA GLU B 42 66.03 13.30 -20.51
C GLU B 42 66.52 12.62 -21.78
N GLN B 43 67.82 12.41 -21.88
CA GLN B 43 68.42 11.73 -23.02
C GLN B 43 68.58 10.26 -22.65
N VAL B 44 67.70 9.42 -23.18
CA VAL B 44 67.70 7.99 -22.88
C VAL B 44 67.56 7.21 -24.20
N ASN B 45 68.56 6.37 -24.52
CA ASN B 45 68.47 5.52 -25.70
C ASN B 45 67.63 4.32 -25.30
N LEU B 46 66.45 4.19 -25.92
CA LEU B 46 65.51 3.11 -25.61
C LEU B 46 66.06 1.75 -26.00
N LEU B 47 67.10 1.75 -26.84
CA LEU B 47 67.83 0.55 -27.29
C LEU B 47 68.86 0.11 -26.24
N ASP B 48 69.15 0.97 -25.21
CA ASP B 48 70.04 0.63 -24.10
C ASP B 48 69.18 0.23 -22.90
N SER B 49 69.01 -1.08 -22.70
CA SER B 49 68.21 -1.69 -21.63
C SER B 49 68.55 -1.15 -20.24
N ASN B 50 69.83 -0.79 -19.97
CA ASN B 50 70.26 -0.29 -18.66
C ASN B 50 69.80 1.12 -18.42
N ALA B 51 69.89 1.97 -19.42
CA ALA B 51 69.44 3.35 -19.31
C ALA B 51 67.95 3.39 -19.00
N VAL B 52 67.15 2.59 -19.77
CA VAL B 52 65.69 2.45 -19.65
C VAL B 52 65.37 1.98 -18.23
N HIS B 53 66.07 0.94 -17.75
CA HIS B 53 65.89 0.38 -16.43
C HIS B 53 66.13 1.41 -15.35
N HIS B 54 67.24 2.15 -15.45
CA HIS B 54 67.64 3.14 -14.47
C HIS B 54 66.73 4.33 -14.39
N ILE B 55 66.29 4.91 -15.52
CA ILE B 55 65.39 6.06 -15.43
C ILE B 55 64.01 5.63 -14.86
N ILE B 56 63.50 4.46 -15.28
CA ILE B 56 62.19 3.99 -14.80
C ILE B 56 62.22 3.74 -13.28
N HIS B 57 63.21 2.98 -12.78
N HIS B 57 63.24 2.99 -12.79
CA HIS B 57 63.28 2.68 -11.36
CA HIS B 57 63.41 2.69 -11.37
C HIS B 57 63.71 3.91 -10.52
C HIS B 57 63.65 3.94 -10.53
N ASP B 58 64.38 4.94 -11.10
CA ASP B 58 64.73 6.17 -10.36
C ASP B 58 63.51 7.06 -10.20
N PHE B 59 62.79 7.30 -11.33
CA PHE B 59 61.62 8.16 -11.38
C PHE B 59 60.41 7.54 -10.74
N GLN B 60 60.24 6.19 -10.86
CA GLN B 60 59.10 5.44 -10.33
C GLN B 60 57.80 6.04 -10.87
N PRO B 61 57.60 6.11 -12.22
CA PRO B 61 56.36 6.70 -12.75
C PRO B 61 55.13 5.84 -12.45
N HIS B 62 53.95 6.48 -12.40
CA HIS B 62 52.66 5.82 -12.23
C HIS B 62 52.17 5.41 -13.58
N VAL B 63 52.50 6.23 -14.62
CA VAL B 63 52.11 6.07 -16.01
C VAL B 63 53.33 6.22 -16.90
N ILE B 64 53.40 5.44 -18.00
CA ILE B 64 54.43 5.58 -19.04
C ILE B 64 53.69 5.70 -20.36
N VAL B 65 53.88 6.81 -21.12
CA VAL B 65 53.23 6.95 -22.44
C VAL B 65 54.34 6.75 -23.43
N HIS B 66 54.30 5.63 -24.19
CA HIS B 66 55.33 5.28 -25.14
C HIS B 66 54.99 5.78 -26.54
N CYS B 67 55.67 6.90 -26.95
CA CYS B 67 55.49 7.56 -28.25
C CYS B 67 56.63 7.25 -29.18
N ALA B 68 57.86 7.17 -28.64
CA ALA B 68 59.09 6.88 -29.36
C ALA B 68 58.93 5.69 -30.30
N ALA B 69 59.27 5.90 -31.59
CA ALA B 69 59.19 4.90 -32.66
C ALA B 69 59.92 5.37 -33.93
N GLU B 70 60.12 4.44 -34.88
CA GLU B 70 60.61 4.70 -36.23
C GLU B 70 59.41 4.59 -37.15
N ARG B 71 58.86 5.72 -37.53
CA ARG B 71 57.61 5.82 -38.25
C ARG B 71 57.83 6.10 -39.76
N ARG B 72 59.08 6.49 -40.13
CA ARG B 72 59.48 6.84 -41.50
C ARG B 72 59.62 5.57 -42.35
N PRO B 73 58.75 5.40 -43.41
CA PRO B 73 58.85 4.19 -44.26
C PRO B 73 60.18 4.12 -45.04
N ASP B 74 60.88 5.26 -45.16
CA ASP B 74 62.19 5.36 -45.79
C ASP B 74 63.24 4.67 -44.91
N VAL B 75 63.11 4.82 -43.55
CA VAL B 75 64.05 4.22 -42.58
C VAL B 75 63.62 2.79 -42.22
N VAL B 76 62.31 2.52 -42.20
CA VAL B 76 61.73 1.21 -41.89
C VAL B 76 62.09 0.20 -43.00
N GLU B 77 62.10 0.63 -44.29
CA GLU B 77 62.46 -0.24 -45.43
C GLU B 77 63.99 -0.40 -45.59
N ASN B 78 64.76 0.72 -45.51
CA ASN B 78 66.23 0.73 -45.66
C ASN B 78 66.95 0.05 -44.48
N GLN B 79 66.51 0.32 -43.22
CA GLN B 79 67.06 -0.28 -41.99
C GLN B 79 65.95 -1.08 -41.27
N PRO B 80 65.60 -2.31 -41.77
CA PRO B 80 64.50 -3.07 -41.14
C PRO B 80 64.83 -3.66 -39.77
N ASP B 81 66.12 -3.96 -39.48
CA ASP B 81 66.46 -4.55 -38.19
C ASP B 81 66.61 -3.50 -37.08
N ALA B 82 66.87 -2.22 -37.46
CA ALA B 82 66.96 -1.10 -36.50
C ALA B 82 65.56 -0.61 -36.13
N ALA B 83 64.62 -0.74 -37.09
CA ALA B 83 63.20 -0.37 -36.96
C ALA B 83 62.50 -1.37 -36.03
N SER B 84 62.75 -2.68 -36.23
CA SER B 84 62.20 -3.76 -35.40
C SER B 84 62.72 -3.62 -33.97
N GLN B 85 64.02 -3.28 -33.80
CA GLN B 85 64.62 -3.13 -32.48
C GLN B 85 63.98 -2.01 -31.67
N LEU B 86 63.56 -0.92 -32.33
CA LEU B 86 62.95 0.24 -31.67
C LEU B 86 61.40 0.11 -31.56
N ASN B 87 60.73 -0.21 -32.67
CA ASN B 87 59.28 -0.36 -32.67
C ASN B 87 58.80 -1.64 -31.94
N VAL B 88 59.62 -2.72 -31.88
CA VAL B 88 59.19 -3.97 -31.24
C VAL B 88 59.95 -4.21 -29.91
N ASP B 89 61.23 -4.57 -30.01
CA ASP B 89 62.10 -4.94 -28.90
C ASP B 89 62.13 -3.90 -27.78
N ALA B 90 62.32 -2.61 -28.11
CA ALA B 90 62.35 -1.52 -27.10
C ALA B 90 61.00 -1.38 -26.38
N SER B 91 59.87 -1.54 -27.10
CA SER B 91 58.52 -1.47 -26.54
C SER B 91 58.31 -2.61 -25.55
N GLY B 92 58.64 -3.84 -25.98
CA GLY B 92 58.56 -5.02 -25.14
C GLY B 92 59.37 -4.87 -23.86
N ASN B 93 60.61 -4.35 -23.96
CA ASN B 93 61.46 -4.15 -22.79
C ASN B 93 60.83 -3.09 -21.87
N LEU B 94 60.22 -2.05 -22.47
CA LEU B 94 59.53 -1.00 -21.74
C LEU B 94 58.37 -1.60 -20.94
N ALA B 95 57.63 -2.55 -21.55
CA ALA B 95 56.52 -3.25 -20.92
C ALA B 95 57.01 -4.08 -19.73
N LYS B 96 58.17 -4.76 -19.85
CA LYS B 96 58.79 -5.52 -18.76
C LYS B 96 59.13 -4.57 -17.57
N GLU B 97 59.70 -3.38 -17.88
CA GLU B 97 60.09 -2.39 -16.86
C GLU B 97 58.90 -1.66 -16.26
N ALA B 98 57.81 -1.51 -17.04
CA ALA B 98 56.58 -0.89 -16.57
C ALA B 98 55.96 -1.81 -15.55
N ALA B 99 55.99 -3.12 -15.86
CA ALA B 99 55.45 -4.20 -15.05
C ALA B 99 56.17 -4.29 -13.71
N ALA B 100 57.50 -4.10 -13.69
CA ALA B 100 58.37 -4.18 -12.51
C ALA B 100 58.16 -3.03 -11.52
N VAL B 101 57.79 -1.85 -12.03
CA VAL B 101 57.60 -0.64 -11.23
C VAL B 101 56.12 -0.46 -10.85
N GLY B 102 55.23 -1.12 -11.58
CA GLY B 102 53.79 -1.05 -11.37
C GLY B 102 53.24 0.22 -11.98
N ALA B 103 53.70 0.51 -13.20
CA ALA B 103 53.34 1.67 -13.97
C ALA B 103 52.42 1.29 -15.10
N PHE B 104 51.38 2.13 -15.33
CA PHE B 104 50.41 1.93 -16.40
C PHE B 104 51.07 2.37 -17.73
N LEU B 105 51.32 1.38 -18.62
CA LEU B 105 51.96 1.70 -19.88
C LEU B 105 50.93 1.92 -21.00
N ILE B 106 51.04 3.04 -21.70
CA ILE B 106 50.20 3.33 -22.87
C ILE B 106 51.10 3.23 -24.09
N TYR B 107 50.90 2.20 -24.91
CA TYR B 107 51.64 2.00 -26.14
C TYR B 107 50.89 2.67 -27.28
N ILE B 108 51.56 3.57 -28.02
CA ILE B 108 50.91 4.26 -29.11
C ILE B 108 51.11 3.44 -30.38
N SER B 109 50.00 2.96 -30.97
CA SER B 109 50.00 2.16 -32.20
C SER B 109 49.45 2.97 -33.39
N SER B 110 49.18 2.29 -34.51
CA SER B 110 48.79 2.90 -35.78
C SER B 110 47.56 2.26 -36.44
N ASP B 111 46.84 3.02 -37.31
CA ASP B 111 45.71 2.47 -38.07
C ASP B 111 46.25 1.56 -39.21
N TYR B 112 47.57 1.64 -39.45
CA TYR B 112 48.32 0.89 -40.47
C TYR B 112 48.48 -0.60 -40.12
N VAL B 113 47.92 -1.05 -38.97
CA VAL B 113 47.93 -2.47 -38.60
C VAL B 113 46.79 -3.19 -39.39
N PHE B 114 45.83 -2.42 -39.94
CA PHE B 114 44.69 -2.89 -40.72
C PHE B 114 44.93 -2.75 -42.25
N ASP B 115 44.23 -3.58 -43.07
CA ASP B 115 44.35 -3.57 -44.52
C ASP B 115 43.43 -2.54 -45.19
N GLY B 116 42.60 -1.88 -44.39
CA GLY B 116 41.71 -0.81 -44.82
C GLY B 116 40.72 -1.18 -45.90
N THR B 117 40.25 -2.42 -45.87
CA THR B 117 39.30 -2.99 -46.82
C THR B 117 37.89 -3.00 -46.24
N ASN B 118 37.79 -3.15 -44.90
CA ASN B 118 36.50 -3.26 -44.23
C ASN B 118 36.34 -2.25 -43.07
N PRO B 119 36.25 -0.93 -43.38
CA PRO B 119 36.04 0.06 -42.30
C PRO B 119 34.57 0.13 -41.80
N PRO B 120 34.28 0.67 -40.56
CA PRO B 120 35.20 1.13 -39.52
C PRO B 120 35.77 -0.06 -38.74
N TYR B 121 37.01 0.05 -38.30
CA TYR B 121 37.68 -1.02 -37.57
C TYR B 121 37.51 -0.88 -36.05
N ARG B 122 36.94 -1.91 -35.44
CA ARG B 122 36.75 -2.05 -34.01
C ARG B 122 38.07 -2.62 -33.44
N GLU B 123 38.34 -2.38 -32.15
CA GLU B 123 39.59 -2.77 -31.49
C GLU B 123 39.87 -4.27 -31.62
N GLU B 124 38.83 -5.09 -31.59
CA GLU B 124 39.10 -6.52 -31.64
C GLU B 124 38.94 -7.12 -33.09
N ASP B 125 39.00 -6.25 -34.14
CA ASP B 125 39.00 -6.67 -35.55
C ASP B 125 40.41 -7.19 -35.87
N ILE B 126 40.51 -8.17 -36.79
CA ILE B 126 41.76 -8.84 -37.15
C ILE B 126 42.72 -7.91 -37.90
N PRO B 127 43.90 -7.59 -37.33
CA PRO B 127 44.85 -6.74 -38.07
C PRO B 127 45.53 -7.52 -39.20
N ALA B 128 45.77 -6.84 -40.33
CA ALA B 128 46.42 -7.36 -41.54
C ALA B 128 47.30 -6.27 -42.15
N PRO B 129 48.53 -6.03 -41.60
CA PRO B 129 49.38 -4.93 -42.14
C PRO B 129 49.87 -5.17 -43.57
N LEU B 130 49.76 -4.15 -44.41
CA LEU B 130 50.16 -4.20 -45.82
C LEU B 130 51.60 -3.70 -46.05
N ASN B 131 52.26 -3.20 -44.99
CA ASN B 131 53.63 -2.67 -45.02
C ASN B 131 54.41 -3.10 -43.77
N LEU B 132 55.76 -3.01 -43.82
CA LEU B 132 56.63 -3.41 -42.70
C LEU B 132 56.42 -2.53 -41.48
N TYR B 133 56.13 -1.25 -41.68
CA TYR B 133 55.92 -0.37 -40.54
C TYR B 133 54.76 -0.88 -39.71
N GLY B 134 53.58 -1.06 -40.31
CA GLY B 134 52.40 -1.61 -39.64
C GLY B 134 52.69 -2.94 -38.96
N LYS B 135 53.46 -3.82 -39.63
CA LYS B 135 53.87 -5.11 -39.06
C LYS B 135 54.73 -4.88 -37.81
N THR B 136 55.65 -3.88 -37.82
CA THR B 136 56.49 -3.59 -36.63
C THR B 136 55.64 -3.00 -35.49
N LYS B 137 54.61 -2.21 -35.85
CA LYS B 137 53.70 -1.61 -34.88
C LYS B 137 52.82 -2.69 -34.29
N LEU B 138 52.35 -3.65 -35.12
CA LEU B 138 51.54 -4.77 -34.67
C LEU B 138 52.36 -5.68 -33.72
N ASP B 139 53.60 -5.96 -34.10
CA ASP B 139 54.48 -6.84 -33.33
C ASP B 139 54.88 -6.12 -32.03
N GLY B 140 54.81 -4.78 -32.03
CA GLY B 140 55.07 -3.91 -30.89
C GLY B 140 53.98 -4.05 -29.85
N GLU B 141 52.71 -4.10 -30.31
CA GLU B 141 51.53 -4.32 -29.46
C GLU B 141 51.66 -5.67 -28.80
N LYS B 142 51.90 -6.72 -29.62
CA LYS B 142 52.05 -8.09 -29.14
C LYS B 142 53.15 -8.14 -28.08
N ALA B 143 54.31 -7.52 -28.34
CA ALA B 143 55.44 -7.45 -27.40
C ALA B 143 55.03 -6.82 -26.07
N VAL B 144 54.28 -5.70 -26.15
CA VAL B 144 53.83 -4.94 -25.00
C VAL B 144 52.85 -5.79 -24.18
N LEU B 145 51.76 -6.26 -24.82
CA LEU B 145 50.69 -7.00 -24.15
C LEU B 145 51.14 -8.37 -23.63
N GLU B 146 52.21 -8.97 -24.20
CA GLU B 146 52.76 -10.24 -23.72
C GLU B 146 53.48 -10.04 -22.39
N ASN B 147 54.32 -9.01 -22.30
CA ASN B 147 55.19 -8.68 -21.18
C ASN B 147 54.54 -7.84 -20.05
N ASN B 148 53.35 -7.26 -20.31
CA ASN B 148 52.64 -6.43 -19.34
C ASN B 148 51.15 -6.62 -19.56
N LEU B 149 50.48 -7.24 -18.58
CA LEU B 149 49.06 -7.55 -18.67
C LEU B 149 48.20 -6.29 -18.64
N GLY B 150 48.43 -5.43 -17.65
CA GLY B 150 47.70 -4.18 -17.46
C GLY B 150 47.92 -3.03 -18.42
N ALA B 151 48.77 -3.20 -19.43
CA ALA B 151 49.10 -2.17 -20.43
C ALA B 151 47.92 -1.89 -21.36
N ALA B 152 47.96 -0.71 -22.00
CA ALA B 152 46.97 -0.26 -22.96
C ALA B 152 47.62 0.05 -24.27
N VAL B 153 46.92 -0.26 -25.37
CA VAL B 153 47.37 0.04 -26.73
C VAL B 153 46.42 1.10 -27.27
N LEU B 154 46.96 2.25 -27.73
CA LEU B 154 46.12 3.30 -28.30
C LEU B 154 46.44 3.43 -29.80
N ARG B 155 45.52 2.95 -30.66
CA ARG B 155 45.69 3.04 -32.12
C ARG B 155 45.14 4.36 -32.61
N ILE B 156 45.96 5.10 -33.36
CA ILE B 156 45.60 6.43 -33.88
C ILE B 156 45.95 6.56 -35.37
N PRO B 157 45.26 7.44 -36.14
CA PRO B 157 45.56 7.59 -37.55
C PRO B 157 46.54 8.74 -37.83
N ILE B 158 46.64 9.19 -39.09
CA ILE B 158 47.53 10.26 -39.56
C ILE B 158 47.48 11.48 -38.60
N LEU B 159 48.64 11.83 -38.05
CA LEU B 159 48.75 12.94 -37.13
C LEU B 159 49.25 14.25 -37.78
N TYR B 160 48.82 15.37 -37.18
CA TYR B 160 49.20 16.73 -37.53
C TYR B 160 49.26 17.53 -36.21
N GLY B 161 49.91 18.70 -36.25
CA GLY B 161 50.07 19.58 -35.09
C GLY B 161 51.14 20.61 -35.30
N GLU B 162 51.64 21.25 -34.21
CA GLU B 162 52.69 22.28 -34.32
C GLU B 162 54.02 21.58 -34.65
N VAL B 163 54.49 21.76 -35.86
CA VAL B 163 55.65 21.05 -36.39
C VAL B 163 56.92 21.91 -36.35
N GLU B 164 58.07 21.25 -36.15
CA GLU B 164 59.38 21.90 -36.18
C GLU B 164 59.75 22.17 -37.65
N LYS B 165 59.39 21.22 -38.55
CA LYS B 165 59.59 21.22 -40.01
C LYS B 165 58.32 20.71 -40.65
N LEU B 166 57.98 21.15 -41.88
CA LEU B 166 56.76 20.68 -42.53
C LEU B 166 56.75 19.14 -42.75
N GLU B 167 57.96 18.52 -42.92
CA GLU B 167 58.16 17.07 -43.13
C GLU B 167 57.84 16.26 -41.86
N GLU B 168 57.70 16.92 -40.70
CA GLU B 168 57.43 16.23 -39.44
C GLU B 168 56.07 15.52 -39.46
N SER B 169 55.18 15.91 -40.39
CA SER B 169 53.82 15.38 -40.47
C SER B 169 53.40 15.24 -41.91
N ALA B 170 52.66 14.16 -42.24
CA ALA B 170 52.20 13.84 -43.60
C ALA B 170 51.14 14.81 -44.09
N VAL B 171 50.44 15.46 -43.13
CA VAL B 171 49.42 16.47 -43.42
C VAL B 171 50.11 17.79 -43.73
N THR B 172 51.07 18.17 -42.89
CA THR B 172 51.79 19.44 -43.02
C THR B 172 52.81 19.46 -44.18
N VAL B 173 53.37 18.29 -44.66
CA VAL B 173 54.36 18.27 -45.77
C VAL B 173 53.81 18.93 -47.03
N MET B 174 52.51 18.80 -47.29
CA MET B 174 51.97 19.37 -48.51
C MET B 174 51.75 20.90 -48.49
N PHE B 175 52.05 21.61 -47.38
CA PHE B 175 51.80 23.05 -47.33
C PHE B 175 52.46 23.80 -48.47
N ASP B 176 53.70 23.44 -48.84
CA ASP B 176 54.38 24.17 -49.90
C ASP B 176 53.69 24.01 -51.28
N LYS B 177 53.14 22.81 -51.57
CA LYS B 177 52.41 22.55 -52.80
C LYS B 177 51.18 23.48 -52.91
N VAL B 178 50.51 23.71 -51.76
CA VAL B 178 49.33 24.57 -51.64
C VAL B 178 49.71 26.05 -51.81
N GLN B 179 50.92 26.42 -51.34
CA GLN B 179 51.44 27.80 -51.39
C GLN B 179 52.00 28.21 -52.78
N PHE B 180 52.52 27.24 -53.55
CA PHE B 180 53.04 27.46 -54.91
C PHE B 180 51.86 27.33 -55.91
N SER B 181 51.05 28.40 -56.04
CA SER B 181 49.84 28.51 -56.86
C SER B 181 50.13 28.58 -58.37
N ASN B 182 51.33 29.03 -58.72
CA ASN B 182 51.83 29.19 -60.10
C ASN B 182 52.07 27.83 -60.77
N LYS B 183 52.29 26.76 -59.97
CA LYS B 183 52.55 25.40 -60.44
C LYS B 183 51.38 24.48 -60.07
N SER B 184 50.91 23.67 -61.03
CA SER B 184 49.83 22.70 -60.75
C SER B 184 50.33 21.59 -59.84
N ALA B 185 49.52 21.15 -58.89
CA ALA B 185 49.96 20.10 -57.97
C ALA B 185 49.01 18.94 -57.97
N ASN B 186 49.56 17.73 -58.21
CA ASN B 186 48.79 16.49 -58.21
C ASN B 186 48.68 15.99 -56.78
N MET B 187 47.43 15.84 -56.30
CA MET B 187 47.10 15.42 -54.93
C MET B 187 46.26 14.18 -54.89
N ASP B 188 46.62 13.22 -54.03
CA ASP B 188 45.92 11.93 -53.88
C ASP B 188 44.46 12.14 -53.42
N HIS B 189 43.52 11.55 -54.18
CA HIS B 189 42.08 11.61 -53.93
C HIS B 189 41.52 10.18 -53.92
N TRP B 190 42.38 9.22 -53.53
CA TRP B 190 42.05 7.80 -53.43
C TRP B 190 41.97 7.32 -51.95
N GLN B 191 43.08 7.40 -51.21
CA GLN B 191 43.20 6.95 -49.81
C GLN B 191 42.42 7.83 -48.87
N GLN B 192 41.50 7.20 -48.13
CA GLN B 192 40.68 7.88 -47.15
C GLN B 192 41.47 8.00 -45.85
N ARG B 193 41.67 9.26 -45.37
CA ARG B 193 42.41 9.56 -44.16
C ARG B 193 41.56 10.29 -43.13
N PHE B 194 41.96 10.19 -41.85
CA PHE B 194 41.25 10.83 -40.74
C PHE B 194 42.27 11.66 -39.97
N PRO B 195 42.64 12.87 -40.50
CA PRO B 195 43.65 13.69 -39.82
C PRO B 195 43.28 13.94 -38.35
N THR B 196 44.21 13.62 -37.44
CA THR B 196 44.03 13.73 -36.01
C THR B 196 45.09 14.66 -35.41
N HIS B 197 44.66 15.59 -34.57
CA HIS B 197 45.53 16.53 -33.90
C HIS B 197 46.21 15.86 -32.72
N VAL B 198 47.53 16.03 -32.61
CA VAL B 198 48.31 15.47 -31.50
C VAL B 198 47.79 16.02 -30.15
N LYS B 199 47.31 17.28 -30.14
CA LYS B 199 46.70 17.92 -28.98
C LYS B 199 45.56 17.05 -28.44
N ASP B 200 44.73 16.54 -29.34
CA ASP B 200 43.56 15.72 -29.07
C ASP B 200 43.94 14.31 -28.63
N VAL B 201 44.97 13.68 -29.25
CA VAL B 201 45.47 12.35 -28.83
C VAL B 201 46.07 12.51 -27.42
N ALA B 202 46.79 13.62 -27.14
CA ALA B 202 47.39 13.93 -25.85
C ALA B 202 46.36 14.01 -24.76
N THR B 203 45.16 14.58 -25.05
CA THR B 203 44.03 14.66 -24.11
C THR B 203 43.54 13.26 -23.82
N VAL B 204 43.39 12.42 -24.85
CA VAL B 204 42.92 11.03 -24.74
C VAL B 204 43.88 10.23 -23.83
N CYS B 205 45.21 10.42 -23.96
CA CYS B 205 46.22 9.76 -23.12
C CYS B 205 46.05 10.16 -21.66
N ARG B 206 45.97 11.49 -21.39
CA ARG B 206 45.83 12.02 -20.03
C ARG B 206 44.58 11.48 -19.34
N GLN B 207 43.46 11.48 -20.07
CA GLN B 207 42.16 11.04 -19.61
C GLN B 207 42.20 9.56 -19.27
N LEU B 208 42.70 8.74 -20.19
CA LEU B 208 42.90 7.30 -20.03
C LEU B 208 43.77 7.00 -18.78
N ALA B 209 44.87 7.74 -18.61
CA ALA B 209 45.76 7.61 -17.45
C ALA B 209 45.00 7.93 -16.18
N GLU B 210 44.27 9.07 -16.17
CA GLU B 210 43.50 9.55 -15.03
C GLU B 210 42.36 8.59 -14.66
N LYS B 211 41.83 7.88 -15.66
CA LYS B 211 40.76 6.91 -15.43
C LYS B 211 41.30 5.69 -14.74
N ARG B 212 42.51 5.26 -15.17
CA ARG B 212 43.23 4.12 -14.64
C ARG B 212 43.66 4.35 -13.20
N MET B 213 43.94 5.60 -12.82
CA MET B 213 44.35 5.92 -11.45
C MET B 213 43.26 5.66 -10.43
N LEU B 214 42.01 5.37 -10.89
CA LEU B 214 40.85 5.05 -10.05
C LEU B 214 40.17 3.73 -10.43
N ASP B 215 40.38 3.24 -11.66
CA ASP B 215 39.77 2.03 -12.16
C ASP B 215 40.85 1.06 -12.71
N PRO B 216 41.08 -0.10 -12.05
CA PRO B 216 42.10 -1.05 -12.54
C PRO B 216 41.72 -1.78 -13.83
N SER B 217 40.45 -1.65 -14.29
CA SER B 217 39.98 -2.31 -15.51
C SER B 217 40.39 -1.55 -16.78
N ILE B 218 40.99 -0.35 -16.66
CA ILE B 218 41.39 0.42 -17.83
C ILE B 218 42.70 -0.19 -18.40
N LYS B 219 42.55 -1.14 -19.33
CA LYS B 219 43.65 -1.84 -19.98
C LYS B 219 43.17 -2.35 -21.33
N GLY B 220 44.09 -2.82 -22.17
CA GLY B 220 43.73 -3.38 -23.47
C GLY B 220 43.90 -2.45 -24.65
N THR B 221 43.23 -2.78 -25.76
CA THR B 221 43.30 -2.00 -27.02
C THR B 221 42.16 -0.99 -27.12
N PHE B 222 42.55 0.24 -27.58
CA PHE B 222 41.70 1.41 -27.75
C PHE B 222 41.99 2.07 -29.09
N HIS B 223 40.98 2.76 -29.67
CA HIS B 223 41.09 3.48 -30.94
C HIS B 223 40.74 4.96 -30.80
N TRP B 224 41.56 5.83 -31.31
CA TRP B 224 41.19 7.24 -31.31
C TRP B 224 41.41 7.81 -32.69
N SER B 225 40.48 8.65 -33.15
CA SER B 225 40.54 9.26 -34.47
C SER B 225 39.68 10.50 -34.56
N GLY B 226 40.08 11.42 -35.45
CA GLY B 226 39.29 12.60 -35.80
C GLY B 226 38.10 12.11 -36.62
N ASN B 227 36.99 12.85 -36.64
CA ASN B 227 35.80 12.42 -37.35
C ASN B 227 35.65 13.00 -38.77
N GLU B 228 36.66 13.74 -39.25
CA GLU B 228 36.68 14.36 -40.58
C GLU B 228 37.41 13.47 -41.57
N GLN B 229 36.65 12.83 -42.48
CA GLN B 229 37.23 11.99 -43.52
C GLN B 229 37.75 12.89 -44.62
N MET B 230 39.00 12.65 -45.04
CA MET B 230 39.67 13.46 -46.04
C MET B 230 40.75 12.71 -46.77
N THR B 231 40.86 12.99 -48.02
CA THR B 231 41.91 12.48 -48.88
C THR B 231 43.03 13.54 -48.80
N LYS B 232 44.26 13.24 -49.28
CA LYS B 232 45.33 14.24 -49.26
C LYS B 232 44.87 15.49 -50.04
N TYR B 233 44.07 15.28 -51.13
CA TYR B 233 43.51 16.35 -51.94
C TYR B 233 42.57 17.23 -51.12
N GLU B 234 41.58 16.63 -50.45
CA GLU B 234 40.59 17.36 -49.66
C GLU B 234 41.28 18.13 -48.54
N MET B 235 42.36 17.55 -47.95
CA MET B 235 43.17 18.17 -46.91
C MET B 235 43.86 19.42 -47.47
N ALA B 236 44.57 19.26 -48.62
CA ALA B 236 45.26 20.33 -49.35
C ALA B 236 44.29 21.50 -49.63
N CYS B 237 43.05 21.19 -50.02
CA CYS B 237 42.01 22.18 -50.28
C CYS B 237 41.54 22.84 -48.99
N ALA B 238 41.38 22.05 -47.91
CA ALA B 238 40.96 22.55 -46.59
C ALA B 238 42.01 23.52 -46.02
N ILE B 239 43.33 23.23 -46.26
CA ILE B 239 44.47 24.04 -45.87
C ILE B 239 44.38 25.37 -46.61
N ALA B 240 44.13 25.31 -47.92
CA ALA B 240 43.98 26.48 -48.78
C ALA B 240 42.85 27.37 -48.28
N ASP B 241 41.71 26.76 -47.90
CA ASP B 241 40.52 27.47 -47.42
C ASP B 241 40.76 28.16 -46.08
N ALA B 242 41.55 27.50 -45.20
CA ALA B 242 41.91 27.99 -43.86
C ALA B 242 42.68 29.29 -43.91
N PHE B 243 43.53 29.45 -44.95
CA PHE B 243 44.41 30.59 -45.11
C PHE B 243 43.91 31.57 -46.15
N ASN B 244 42.77 31.24 -46.81
CA ASN B 244 42.13 32.03 -47.85
C ASN B 244 43.09 32.12 -49.07
N LEU B 245 43.65 30.95 -49.45
CA LEU B 245 44.53 30.77 -50.60
C LEU B 245 43.80 30.03 -51.71
N PRO B 246 44.11 30.27 -53.00
CA PRO B 246 43.43 29.50 -54.07
C PRO B 246 43.87 28.03 -54.07
N SER B 247 42.97 27.15 -54.52
CA SER B 247 43.18 25.70 -54.61
C SER B 247 42.85 25.20 -56.03
N SER B 248 42.70 26.17 -56.99
CA SER B 248 42.42 25.91 -58.41
C SER B 248 43.55 25.10 -59.10
N HIS B 249 44.81 25.27 -58.62
CA HIS B 249 46.01 24.64 -59.14
C HIS B 249 46.14 23.21 -58.66
N LEU B 250 45.33 22.81 -57.67
CA LEU B 250 45.38 21.47 -57.08
C LEU B 250 44.49 20.48 -57.84
N ARG B 251 45.14 19.44 -58.44
CA ARG B 251 44.50 18.41 -59.27
C ARG B 251 44.29 17.09 -58.49
N PRO B 252 43.03 16.60 -58.35
CA PRO B 252 42.81 15.35 -57.63
C PRO B 252 43.10 14.10 -58.49
N ILE B 253 43.72 13.08 -57.88
CA ILE B 253 44.05 11.80 -58.52
C ILE B 253 43.28 10.70 -57.75
N THR B 254 42.15 10.28 -58.37
CA THR B 254 41.20 9.28 -57.87
C THR B 254 41.72 7.85 -58.09
N ASP B 255 42.68 7.67 -59.01
CA ASP B 255 43.27 6.37 -59.33
C ASP B 255 44.20 5.89 -58.24
N SER B 256 44.23 4.57 -58.00
CA SER B 256 45.10 3.93 -57.01
C SER B 256 46.57 4.10 -57.39
N PRO B 257 47.45 4.53 -56.45
CA PRO B 257 48.87 4.76 -56.80
C PRO B 257 49.66 3.46 -57.00
N VAL B 258 50.95 3.61 -57.41
CA VAL B 258 51.91 2.53 -57.63
C VAL B 258 52.13 1.75 -56.32
N LEU B 259 52.31 2.49 -55.20
CA LEU B 259 52.51 1.91 -53.87
C LEU B 259 51.16 1.65 -53.13
N GLY B 260 50.03 1.87 -53.83
CA GLY B 260 48.66 1.70 -53.36
C GLY B 260 48.30 0.35 -52.76
N ALA B 261 48.99 -0.71 -53.19
CA ALA B 261 48.82 -2.08 -52.70
C ALA B 261 49.40 -2.25 -51.30
N GLN B 262 50.34 -1.35 -50.89
CA GLN B 262 51.01 -1.37 -49.59
C GLN B 262 50.42 -0.32 -48.61
N ARG B 263 49.33 0.39 -49.02
CA ARG B 263 48.64 1.43 -48.25
C ARG B 263 47.15 1.07 -48.03
N PRO B 264 46.63 1.09 -46.77
CA PRO B 264 45.20 0.78 -46.55
C PRO B 264 44.28 1.89 -47.11
N ARG B 265 43.32 1.53 -47.99
CA ARG B 265 42.43 2.51 -48.64
C ARG B 265 41.62 3.33 -47.62
N ASN B 266 40.95 2.63 -46.67
CA ASN B 266 40.15 3.24 -45.61
C ASN B 266 40.30 2.43 -44.31
N ALA B 267 41.32 2.74 -43.50
CA ALA B 267 41.54 2.04 -42.23
C ALA B 267 40.85 2.80 -41.09
N GLN B 268 39.61 3.27 -41.33
CA GLN B 268 38.81 4.04 -40.37
C GLN B 268 38.71 3.33 -39.04
N LEU B 269 39.08 4.03 -37.95
CA LEU B 269 39.01 3.45 -36.62
C LEU B 269 37.68 3.82 -35.95
N ASP B 270 36.98 2.80 -35.43
CA ASP B 270 35.76 2.96 -34.65
C ASP B 270 36.19 3.30 -33.21
N CYS B 271 35.76 4.48 -32.69
CA CYS B 271 36.15 4.99 -31.36
C CYS B 271 35.12 4.75 -30.26
N SER B 272 34.13 3.89 -30.47
CA SER B 272 33.07 3.64 -29.51
C SER B 272 33.58 3.20 -28.14
N LYS B 273 34.68 2.43 -28.06
CA LYS B 273 35.20 1.95 -26.76
C LYS B 273 35.62 3.12 -25.87
N LEU B 274 36.41 4.08 -26.40
CA LEU B 274 36.82 5.25 -25.64
C LEU B 274 35.63 6.14 -25.35
N GLU B 275 34.71 6.34 -26.34
CA GLU B 275 33.48 7.17 -26.23
C GLU B 275 32.63 6.64 -25.06
N THR B 276 32.75 5.31 -24.76
CA THR B 276 32.10 4.58 -23.65
C THR B 276 32.69 5.01 -22.29
N LEU B 277 33.91 5.52 -22.30
CA LEU B 277 34.54 6.02 -21.10
C LEU B 277 34.34 7.55 -20.96
N GLY B 278 33.72 8.19 -21.94
CA GLY B 278 33.55 9.65 -21.94
C GLY B 278 34.82 10.36 -22.36
N ILE B 279 35.76 9.57 -22.93
CA ILE B 279 37.08 10.02 -23.33
C ILE B 279 37.00 10.51 -24.74
N GLY B 280 37.81 11.52 -24.98
CA GLY B 280 37.89 12.14 -26.28
C GLY B 280 37.89 13.65 -26.31
N GLN B 281 38.38 14.18 -27.43
CA GLN B 281 38.48 15.58 -27.80
C GLN B 281 38.61 15.68 -29.31
N ARG B 282 37.88 16.59 -29.94
CA ARG B 282 38.01 16.72 -31.38
C ARG B 282 38.10 18.20 -31.82
N THR B 283 39.34 18.64 -32.13
CA THR B 283 39.64 19.96 -32.66
C THR B 283 39.25 19.98 -34.14
N PRO B 284 38.33 20.87 -34.58
CA PRO B 284 37.96 20.93 -36.00
C PRO B 284 39.20 21.15 -36.88
N PHE B 285 39.38 20.32 -37.94
CA PHE B 285 40.57 20.36 -38.78
C PHE B 285 40.95 21.79 -39.24
N ARG B 286 39.97 22.59 -39.71
CA ARG B 286 40.21 23.97 -40.18
C ARG B 286 40.84 24.85 -39.07
N ILE B 287 40.47 24.64 -37.80
CA ILE B 287 41.02 25.40 -36.67
C ILE B 287 42.44 24.89 -36.39
N GLY B 288 42.56 23.57 -36.20
CA GLY B 288 43.81 22.89 -35.89
C GLY B 288 44.93 23.11 -36.88
N ILE B 289 44.63 23.06 -38.19
CA ILE B 289 45.66 23.18 -39.21
C ILE B 289 46.19 24.62 -39.32
N LYS B 290 45.32 25.62 -39.12
CA LYS B 290 45.63 27.05 -39.12
C LYS B 290 46.66 27.30 -38.00
N GLU B 291 46.42 26.73 -36.77
CA GLU B 291 47.34 26.82 -35.62
C GLU B 291 48.71 26.23 -35.98
N SER B 292 48.72 25.10 -36.71
CA SER B 292 49.91 24.31 -37.08
C SER B 292 50.80 24.90 -38.15
N LEU B 293 50.22 25.55 -39.13
CA LEU B 293 50.93 25.96 -40.31
C LEU B 293 51.18 27.44 -40.47
N TRP B 294 50.45 28.32 -39.77
CA TRP B 294 50.61 29.76 -40.00
C TRP B 294 52.10 30.21 -39.96
N PRO B 295 53.05 29.65 -39.14
CA PRO B 295 54.45 30.14 -39.20
C PRO B 295 55.12 29.87 -40.53
N PHE B 296 54.65 28.86 -41.27
CA PHE B 296 55.21 28.45 -42.56
C PHE B 296 54.52 29.15 -43.75
N LEU B 297 53.59 30.07 -43.46
CA LEU B 297 52.87 30.81 -44.50
C LEU B 297 53.79 31.89 -45.02
N ILE B 298 54.25 31.74 -46.26
CA ILE B 298 55.17 32.66 -46.92
C ILE B 298 54.50 34.00 -47.22
N ASP B 299 55.09 35.09 -46.69
CA ASP B 299 54.72 36.48 -46.95
C ASP B 299 55.68 36.93 -48.02
N LYS B 300 55.21 37.08 -49.28
CA LYS B 300 56.07 37.42 -50.41
C LYS B 300 56.89 38.67 -50.10
N ARG B 301 56.21 39.83 -49.91
CA ARG B 301 56.88 41.12 -49.65
C ARG B 301 57.91 41.36 -50.79
N TRP B 302 59.22 41.45 -50.45
CA TRP B 302 60.35 41.64 -51.36
C TRP B 302 60.74 40.37 -52.13
N ARG B 303 60.24 39.19 -51.70
CA ARG B 303 60.60 37.90 -52.28
C ARG B 303 59.92 37.67 -53.64
N GLN B 304 60.29 38.44 -54.67
CA GLN B 304 59.67 38.36 -56.00
C GLN B 304 59.86 37.00 -56.66
N THR B 305 61.07 36.44 -56.68
CA THR B 305 61.32 35.15 -57.33
C THR B 305 61.33 33.95 -56.36
N VAL B 306 60.70 34.05 -55.17
CA VAL B 306 60.70 32.92 -54.20
C VAL B 306 59.86 31.77 -54.73
N PHE B 307 58.74 32.08 -55.41
CA PHE B 307 57.85 31.07 -55.93
C PHE B 307 58.25 30.60 -57.34
N HIS B 308 59.53 30.81 -57.71
CA HIS B 308 60.12 30.37 -58.97
C HIS B 308 60.08 28.84 -59.08
N ALA B 309 59.83 28.35 -60.32
CA ALA B 309 59.70 26.94 -60.70
C ALA B 309 60.88 26.05 -60.22
N GLU B 310 62.14 26.51 -60.46
CA GLU B 310 63.36 25.77 -60.09
C GLU B 310 63.75 25.98 -58.60
N ASN B 311 62.76 26.23 -57.70
CA ASN B 311 62.97 26.43 -56.25
C ASN B 311 61.85 25.77 -55.43
N LEU B 312 62.23 25.00 -54.37
CA LEU B 312 61.32 24.32 -53.42
C LEU B 312 62.12 23.76 -52.23
N MET C 1 10.62 -50.11 -5.69
CA MET C 1 11.01 -51.07 -6.72
C MET C 1 12.24 -50.62 -7.51
N ASN C 2 13.14 -51.55 -7.90
CA ASN C 2 14.39 -51.27 -8.62
C ASN C 2 14.14 -51.13 -10.14
N ARG C 3 13.38 -50.10 -10.51
CA ARG C 3 13.11 -49.83 -11.91
C ARG C 3 13.17 -48.33 -12.17
N ARG C 4 13.29 -47.95 -13.45
CA ARG C 4 13.37 -46.58 -13.89
C ARG C 4 12.04 -46.13 -14.45
N VAL C 5 11.58 -44.93 -14.05
CA VAL C 5 10.33 -44.36 -14.53
C VAL C 5 10.55 -42.88 -14.94
N LEU C 6 10.02 -42.53 -16.13
CA LEU C 6 10.01 -41.19 -16.67
C LEU C 6 8.59 -40.66 -16.60
N VAL C 7 8.42 -39.52 -15.95
CA VAL C 7 7.10 -38.90 -15.80
C VAL C 7 7.11 -37.60 -16.64
N THR C 8 6.31 -37.56 -17.72
CA THR C 8 6.17 -36.32 -18.51
C THR C 8 5.15 -35.46 -17.76
N GLY C 9 5.20 -34.15 -17.95
CA GLY C 9 4.28 -33.25 -17.26
C GLY C 9 4.43 -33.25 -15.75
N ALA C 10 5.67 -33.56 -15.25
CA ALA C 10 6.07 -33.61 -13.84
C ALA C 10 5.92 -32.27 -13.15
N THR C 11 5.87 -31.14 -13.90
CA THR C 11 5.71 -29.81 -13.33
C THR C 11 4.21 -29.48 -13.12
N GLY C 12 3.34 -30.24 -13.79
CA GLY C 12 1.89 -30.09 -13.74
C GLY C 12 1.25 -30.57 -12.46
N LEU C 13 -0.07 -30.36 -12.33
CA LEU C 13 -0.84 -30.77 -11.13
C LEU C 13 -0.72 -32.26 -10.83
N LEU C 14 -0.97 -33.13 -11.84
CA LEU C 14 -0.90 -34.59 -11.68
C LEU C 14 0.56 -35.07 -11.65
N GLY C 15 1.34 -34.60 -12.61
CA GLY C 15 2.74 -34.99 -12.78
C GLY C 15 3.59 -34.88 -11.53
N ARG C 16 3.42 -33.79 -10.77
CA ARG C 16 4.15 -33.58 -9.52
C ARG C 16 3.88 -34.71 -8.53
N ALA C 17 2.61 -35.20 -8.45
CA ALA C 17 2.20 -36.26 -7.53
C ALA C 17 2.69 -37.61 -8.00
N VAL C 18 2.64 -37.86 -9.32
CA VAL C 18 3.10 -39.11 -9.91
C VAL C 18 4.60 -39.25 -9.63
N HIS C 19 5.36 -38.19 -9.94
CA HIS C 19 6.79 -38.21 -9.68
C HIS C 19 7.09 -38.56 -8.20
N LYS C 20 6.40 -37.87 -7.27
CA LYS C 20 6.55 -38.05 -5.83
C LYS C 20 6.27 -39.50 -5.42
N GLU C 21 5.16 -40.10 -5.90
CA GLU C 21 4.78 -41.46 -5.53
C GLU C 21 5.86 -42.45 -5.91
N PHE C 22 6.33 -42.36 -7.15
CA PHE C 22 7.32 -43.28 -7.63
C PHE C 22 8.63 -43.12 -6.86
N GLN C 23 9.12 -41.86 -6.73
CA GLN C 23 10.35 -41.56 -6.03
C GLN C 23 10.30 -42.04 -4.55
N GLN C 24 9.18 -41.79 -3.85
CA GLN C 24 9.02 -42.14 -2.45
C GLN C 24 8.95 -43.65 -2.24
N ASN C 25 8.67 -44.40 -3.33
CA ASN C 25 8.61 -45.87 -3.33
C ASN C 25 9.86 -46.46 -3.96
N ASN C 26 10.98 -45.72 -3.87
CA ASN C 26 12.35 -46.06 -4.27
C ASN C 26 12.53 -46.43 -5.76
N TRP C 27 11.69 -45.90 -6.64
CA TRP C 27 11.91 -46.05 -8.08
C TRP C 27 12.93 -45.02 -8.49
N HIS C 28 13.66 -45.26 -9.59
CA HIS C 28 14.56 -44.23 -10.12
C HIS C 28 13.65 -43.34 -10.97
N ALA C 29 13.08 -42.32 -10.32
CA ALA C 29 12.12 -41.43 -10.93
C ALA C 29 12.77 -40.21 -11.47
N VAL C 30 12.56 -39.98 -12.78
CA VAL C 30 13.01 -38.82 -13.52
C VAL C 30 11.77 -38.15 -14.08
N GLY C 31 11.55 -36.92 -13.69
CA GLY C 31 10.42 -36.20 -14.23
C GLY C 31 10.90 -35.16 -15.19
N CYS C 32 10.03 -34.76 -16.10
CA CYS C 32 10.37 -33.70 -17.01
C CYS C 32 9.18 -32.77 -17.23
N GLY C 33 9.52 -31.49 -17.30
CA GLY C 33 8.60 -30.39 -17.51
C GLY C 33 9.03 -29.56 -18.69
N PHE C 34 8.64 -28.32 -18.71
CA PHE C 34 8.94 -27.43 -19.81
C PHE C 34 9.19 -26.02 -19.25
N ARG C 35 8.16 -25.16 -19.19
CA ARG C 35 8.33 -23.79 -18.71
C ARG C 35 8.79 -23.76 -17.24
N ARG C 36 8.30 -24.69 -16.39
CA ARG C 36 8.62 -24.76 -14.96
C ARG C 36 9.61 -25.89 -14.58
N ALA C 37 10.27 -26.56 -15.57
CA ALA C 37 11.15 -27.71 -15.31
C ALA C 37 12.32 -27.41 -14.39
N ARG C 38 13.19 -26.51 -14.77
CA ARG C 38 14.40 -26.23 -14.02
C ARG C 38 14.18 -25.52 -12.66
N PRO C 39 14.91 -25.89 -11.58
CA PRO C 39 16.02 -26.87 -11.51
C PRO C 39 15.61 -28.31 -11.16
N LYS C 40 14.45 -28.52 -10.58
CA LYS C 40 13.96 -29.82 -10.11
C LYS C 40 13.85 -30.88 -11.21
N PHE C 41 13.43 -30.52 -12.44
CA PHE C 41 13.21 -31.52 -13.49
C PHE C 41 13.89 -31.22 -14.80
N GLU C 42 13.80 -32.20 -15.72
CA GLU C 42 14.35 -32.12 -17.06
C GLU C 42 13.50 -31.23 -17.92
N GLN C 43 14.15 -30.36 -18.72
CA GLN C 43 13.42 -29.47 -19.61
C GLN C 43 13.42 -30.12 -20.99
N VAL C 44 12.27 -30.70 -21.37
CA VAL C 44 12.09 -31.40 -22.65
C VAL C 44 10.78 -30.95 -23.31
N ASN C 45 10.89 -30.36 -24.52
CA ASN C 45 9.72 -29.98 -25.29
C ASN C 45 9.24 -31.25 -25.98
N LEU C 46 8.04 -31.71 -25.61
CA LEU C 46 7.46 -32.94 -26.18
C LEU C 46 7.14 -32.78 -27.66
N LEU C 47 7.08 -31.52 -28.15
CA LEU C 47 6.85 -31.19 -29.54
C LEU C 47 8.15 -31.30 -30.37
N ASP C 48 9.33 -31.44 -29.68
CA ASP C 48 10.63 -31.63 -30.34
C ASP C 48 10.99 -33.11 -30.29
N SER C 49 10.72 -33.81 -31.40
CA SER C 49 10.94 -35.25 -31.60
C SER C 49 12.33 -35.72 -31.18
N ASN C 50 13.38 -34.89 -31.40
CA ASN C 50 14.77 -35.24 -31.09
C ASN C 50 15.03 -35.20 -29.60
N ALA C 51 14.51 -34.19 -28.90
CA ALA C 51 14.69 -34.08 -27.47
C ALA C 51 14.06 -35.29 -26.76
N VAL C 52 12.81 -35.63 -27.15
CA VAL C 52 12.01 -36.75 -26.65
C VAL C 52 12.80 -38.05 -26.87
N HIS C 53 13.32 -38.23 -28.10
CA HIS C 53 14.09 -39.40 -28.47
C HIS C 53 15.31 -39.54 -27.60
N HIS C 54 16.07 -38.44 -27.43
CA HIS C 54 17.31 -38.45 -26.68
C HIS C 54 17.13 -38.72 -25.22
N ILE C 55 16.16 -38.09 -24.54
CA ILE C 55 15.99 -38.36 -23.11
C ILE C 55 15.54 -39.80 -22.88
N ILE C 56 14.62 -40.33 -23.71
CA ILE C 56 14.11 -41.70 -23.56
C ILE C 56 15.24 -42.71 -23.78
N HIS C 57 16.04 -42.52 -24.86
N HIS C 57 16.03 -42.55 -24.86
CA HIS C 57 17.16 -43.39 -25.21
CA HIS C 57 17.10 -43.48 -25.16
C HIS C 57 18.28 -43.33 -24.16
C HIS C 57 18.33 -43.31 -24.24
N ASP C 58 18.48 -42.16 -23.55
CA ASP C 58 19.58 -41.95 -22.59
C ASP C 58 19.21 -42.57 -21.25
N PHE C 59 17.97 -42.28 -20.78
CA PHE C 59 17.45 -42.76 -19.51
C PHE C 59 17.10 -44.24 -19.52
N GLN C 60 16.57 -44.72 -20.66
CA GLN C 60 16.14 -46.10 -20.85
C GLN C 60 15.13 -46.45 -19.77
N PRO C 61 13.95 -45.77 -19.74
CA PRO C 61 12.98 -46.05 -18.69
C PRO C 61 12.29 -47.39 -18.85
N HIS C 62 11.81 -47.98 -17.76
CA HIS C 62 11.05 -49.22 -17.80
C HIS C 62 9.59 -48.85 -17.97
N VAL C 63 9.19 -47.70 -17.38
CA VAL C 63 7.84 -47.16 -17.39
C VAL C 63 7.89 -45.69 -17.81
N ILE C 64 6.90 -45.25 -18.62
CA ILE C 64 6.71 -43.83 -18.96
C ILE C 64 5.28 -43.47 -18.56
N VAL C 65 5.11 -42.46 -17.70
CA VAL C 65 3.76 -42.00 -17.32
C VAL C 65 3.57 -40.67 -18.01
N HIS C 66 2.70 -40.64 -19.02
CA HIS C 66 2.45 -39.46 -19.85
C HIS C 66 1.29 -38.57 -19.31
N CYS C 67 1.67 -37.50 -18.58
CA CYS C 67 0.75 -36.54 -17.96
C CYS C 67 0.64 -35.30 -18.77
N ALA C 68 1.74 -34.82 -19.38
CA ALA C 68 1.77 -33.57 -20.14
C ALA C 68 0.65 -33.53 -21.17
N ALA C 69 -0.12 -32.41 -21.14
CA ALA C 69 -1.27 -32.15 -22.01
C ALA C 69 -1.74 -30.72 -21.91
N GLU C 70 -2.61 -30.31 -22.86
CA GLU C 70 -3.28 -29.02 -22.84
C GLU C 70 -4.73 -29.31 -22.45
N ARG C 71 -5.10 -29.04 -21.18
CA ARG C 71 -6.40 -29.38 -20.62
C ARG C 71 -7.28 -28.14 -20.37
N ARG C 72 -6.76 -26.95 -20.72
CA ARG C 72 -7.50 -25.72 -20.57
C ARG C 72 -8.38 -25.52 -21.81
N PRO C 73 -9.74 -25.55 -21.66
CA PRO C 73 -10.61 -25.36 -22.84
C PRO C 73 -10.46 -23.97 -23.47
N ASP C 74 -9.90 -23.00 -22.72
CA ASP C 74 -9.60 -21.64 -23.19
C ASP C 74 -8.46 -21.69 -24.21
N VAL C 75 -7.43 -22.53 -23.95
CA VAL C 75 -6.24 -22.70 -24.81
C VAL C 75 -6.53 -23.71 -25.94
N VAL C 76 -7.40 -24.71 -25.68
CA VAL C 76 -7.78 -25.75 -26.65
C VAL C 76 -8.67 -25.13 -27.76
N GLU C 77 -9.63 -24.26 -27.40
CA GLU C 77 -10.52 -23.59 -28.38
C GLU C 77 -9.81 -22.48 -29.16
N ASN C 78 -8.99 -21.63 -28.47
CA ASN C 78 -8.26 -20.50 -29.08
C ASN C 78 -7.09 -20.97 -29.98
N GLN C 79 -6.33 -21.99 -29.54
CA GLN C 79 -5.21 -22.58 -30.29
C GLN C 79 -5.51 -24.08 -30.53
N PRO C 80 -6.41 -24.44 -31.49
CA PRO C 80 -6.74 -25.86 -31.70
C PRO C 80 -5.62 -26.68 -32.34
N ASP C 81 -4.81 -25.99 -33.16
CA ASP C 81 -3.63 -26.46 -33.90
C ASP C 81 -2.58 -27.05 -32.91
N ALA C 82 -2.15 -26.23 -31.93
CA ALA C 82 -1.15 -26.54 -30.91
C ALA C 82 -1.64 -27.57 -29.89
N ALA C 83 -2.94 -27.53 -29.55
CA ALA C 83 -3.58 -28.43 -28.59
C ALA C 83 -3.55 -29.87 -29.09
N SER C 84 -3.92 -30.10 -30.37
CA SER C 84 -3.89 -31.45 -30.93
C SER C 84 -2.43 -31.92 -31.10
N GLN C 85 -1.48 -30.99 -31.39
CA GLN C 85 -0.04 -31.32 -31.50
C GLN C 85 0.52 -31.88 -30.21
N LEU C 86 0.10 -31.36 -29.03
CA LEU C 86 0.59 -31.84 -27.74
C LEU C 86 -0.23 -33.03 -27.22
N ASN C 87 -1.55 -32.97 -27.33
CA ASN C 87 -2.41 -34.02 -26.82
C ASN C 87 -2.50 -35.25 -27.73
N VAL C 88 -2.28 -35.11 -29.06
CA VAL C 88 -2.45 -36.28 -29.94
C VAL C 88 -1.12 -36.66 -30.64
N ASP C 89 -0.44 -35.70 -31.29
CA ASP C 89 0.81 -35.95 -32.02
C ASP C 89 1.99 -36.30 -31.09
N ALA C 90 2.19 -35.52 -29.99
CA ALA C 90 3.27 -35.74 -29.03
C ALA C 90 3.08 -37.07 -28.30
N SER C 91 1.81 -37.40 -27.95
CA SER C 91 1.43 -38.66 -27.29
C SER C 91 1.78 -39.84 -28.17
N GLY C 92 1.44 -39.74 -29.46
CA GLY C 92 1.68 -40.78 -30.44
C GLY C 92 3.17 -41.04 -30.66
N ASN C 93 3.96 -39.95 -30.74
CA ASN C 93 5.42 -40.02 -30.90
C ASN C 93 6.05 -40.67 -29.65
N LEU C 94 5.52 -40.32 -28.46
CA LEU C 94 5.95 -40.88 -27.19
C LEU C 94 5.73 -42.41 -27.20
N ALA C 95 4.58 -42.88 -27.73
CA ALA C 95 4.23 -44.30 -27.84
C ALA C 95 5.21 -45.02 -28.76
N LYS C 96 5.61 -44.39 -29.89
CA LYS C 96 6.61 -44.94 -30.84
C LYS C 96 7.96 -45.11 -30.13
N GLU C 97 8.37 -44.06 -29.41
CA GLU C 97 9.61 -43.98 -28.67
C GLU C 97 9.67 -45.01 -27.54
N ALA C 98 8.54 -45.16 -26.78
CA ALA C 98 8.44 -46.14 -25.69
C ALA C 98 8.53 -47.56 -26.23
N ALA C 99 7.90 -47.81 -27.40
CA ALA C 99 7.89 -49.09 -28.08
C ALA C 99 9.31 -49.52 -28.46
N ALA C 100 10.15 -48.57 -28.90
CA ALA C 100 11.53 -48.78 -29.32
C ALA C 100 12.48 -49.12 -28.15
N VAL C 101 12.20 -48.62 -26.94
CA VAL C 101 13.01 -48.81 -25.75
C VAL C 101 12.51 -50.02 -24.94
N GLY C 102 11.26 -50.39 -25.13
CA GLY C 102 10.63 -51.49 -24.40
C GLY C 102 10.14 -51.01 -23.05
N ALA C 103 9.50 -49.83 -23.06
CA ALA C 103 8.99 -49.18 -21.86
C ALA C 103 7.48 -49.26 -21.80
N PHE C 104 6.93 -49.50 -20.59
CA PHE C 104 5.49 -49.57 -20.35
C PHE C 104 4.95 -48.15 -20.29
N LEU C 105 4.15 -47.79 -21.30
CA LEU C 105 3.64 -46.43 -21.36
C LEU C 105 2.23 -46.35 -20.74
N ILE C 106 2.04 -45.42 -19.80
CA ILE C 106 0.73 -45.17 -19.21
C ILE C 106 0.29 -43.82 -19.72
N TYR C 107 -0.72 -43.82 -20.60
CA TYR C 107 -1.30 -42.59 -21.14
C TYR C 107 -2.45 -42.15 -20.23
N ILE C 108 -2.38 -40.91 -19.75
CA ILE C 108 -3.42 -40.39 -18.87
C ILE C 108 -4.50 -39.75 -19.74
N SER C 109 -5.73 -40.31 -19.68
CA SER C 109 -6.88 -39.83 -20.43
C SER C 109 -7.89 -39.14 -19.49
N SER C 110 -9.07 -38.83 -20.01
CA SER C 110 -10.10 -38.05 -19.34
C SER C 110 -11.49 -38.69 -19.40
N ASP C 111 -12.37 -38.35 -18.42
CA ASP C 111 -13.77 -38.82 -18.45
C ASP C 111 -14.55 -38.03 -19.54
N TYR C 112 -13.94 -36.95 -20.06
CA TYR C 112 -14.48 -36.07 -21.09
C TYR C 112 -14.50 -36.71 -22.49
N VAL C 113 -14.08 -38.00 -22.60
CA VAL C 113 -14.16 -38.77 -23.86
C VAL C 113 -15.61 -39.27 -24.03
N PHE C 114 -16.39 -39.28 -22.93
CA PHE C 114 -17.78 -39.72 -22.87
C PHE C 114 -18.77 -38.52 -22.90
N ASP C 115 -20.03 -38.77 -23.37
CA ASP C 115 -21.07 -37.74 -23.47
C ASP C 115 -21.86 -37.56 -22.16
N GLY C 116 -21.56 -38.41 -21.18
CA GLY C 116 -22.12 -38.36 -19.84
C GLY C 116 -23.64 -38.46 -19.77
N THR C 117 -24.21 -39.27 -20.67
CA THR C 117 -25.64 -39.51 -20.78
C THR C 117 -26.02 -40.86 -20.18
N ASN C 118 -25.10 -41.83 -20.22
CA ASN C 118 -25.37 -43.17 -19.71
C ASN C 118 -24.31 -43.65 -18.68
N PRO C 119 -24.23 -43.01 -17.48
CA PRO C 119 -23.27 -43.49 -16.46
C PRO C 119 -23.73 -44.76 -15.73
N PRO C 120 -22.84 -45.56 -15.07
CA PRO C 120 -21.38 -45.44 -15.03
C PRO C 120 -20.77 -46.01 -16.31
N TYR C 121 -19.66 -45.43 -16.75
CA TYR C 121 -19.00 -45.82 -17.97
C TYR C 121 -17.91 -46.85 -17.72
N ARG C 122 -18.04 -48.01 -18.37
CA ARG C 122 -17.07 -49.09 -18.34
C ARG C 122 -16.03 -48.79 -19.43
N GLU C 123 -14.83 -49.36 -19.33
CA GLU C 123 -13.70 -49.11 -20.24
C GLU C 123 -14.08 -49.31 -21.73
N GLU C 124 -14.82 -50.39 -22.02
CA GLU C 124 -15.29 -50.80 -23.35
C GLU C 124 -16.43 -49.93 -23.93
N ASP C 125 -17.11 -49.10 -23.09
CA ASP C 125 -18.24 -48.26 -23.53
C ASP C 125 -17.78 -47.27 -24.62
N ILE C 126 -18.65 -47.01 -25.61
CA ILE C 126 -18.33 -46.18 -26.78
C ILE C 126 -18.13 -44.70 -26.40
N PRO C 127 -16.91 -44.14 -26.61
CA PRO C 127 -16.70 -42.72 -26.30
C PRO C 127 -17.35 -41.81 -27.33
N ALA C 128 -17.90 -40.67 -26.87
CA ALA C 128 -18.56 -39.65 -27.67
C ALA C 128 -18.22 -38.26 -27.11
N PRO C 129 -17.02 -37.69 -27.40
CA PRO C 129 -16.64 -36.38 -26.82
C PRO C 129 -17.52 -35.23 -27.32
N LEU C 130 -17.96 -34.38 -26.38
CA LEU C 130 -18.83 -33.24 -26.67
C LEU C 130 -18.03 -31.93 -26.91
N ASN C 131 -16.70 -31.97 -26.69
CA ASN C 131 -15.80 -30.83 -26.83
C ASN C 131 -14.50 -31.24 -27.52
N LEU C 132 -13.77 -30.25 -28.05
CA LEU C 132 -12.50 -30.50 -28.76
C LEU C 132 -11.43 -31.10 -27.81
N TYR C 133 -11.44 -30.71 -26.52
CA TYR C 133 -10.52 -31.26 -25.54
C TYR C 133 -10.70 -32.77 -25.41
N GLY C 134 -11.96 -33.21 -25.24
CA GLY C 134 -12.32 -34.61 -25.14
C GLY C 134 -11.87 -35.38 -26.36
N LYS C 135 -12.08 -34.76 -27.56
CA LYS C 135 -11.70 -35.33 -28.84
C LYS C 135 -10.19 -35.48 -28.92
N THR C 136 -9.39 -34.47 -28.50
CA THR C 136 -7.91 -34.60 -28.52
C THR C 136 -7.45 -35.75 -27.59
N LYS C 137 -8.05 -35.87 -26.38
CA LYS C 137 -7.77 -36.93 -25.42
C LYS C 137 -8.07 -38.32 -26.02
N LEU C 138 -9.22 -38.45 -26.70
CA LEU C 138 -9.61 -39.70 -27.36
C LEU C 138 -8.67 -40.04 -28.51
N ASP C 139 -8.31 -39.03 -29.35
CA ASP C 139 -7.41 -39.18 -30.50
C ASP C 139 -6.01 -39.55 -30.03
N GLY C 140 -5.64 -39.06 -28.84
CA GLY C 140 -4.39 -39.38 -28.18
C GLY C 140 -4.37 -40.83 -27.73
N GLU C 141 -5.52 -41.32 -27.18
CA GLU C 141 -5.71 -42.72 -26.79
C GLU C 141 -5.42 -43.63 -27.98
N LYS C 142 -6.10 -43.33 -29.12
CA LYS C 142 -5.99 -44.03 -30.40
C LYS C 142 -4.54 -43.96 -30.90
N ALA C 143 -3.92 -42.75 -30.88
CA ALA C 143 -2.53 -42.52 -31.29
C ALA C 143 -1.56 -43.40 -30.49
N VAL C 144 -1.74 -43.46 -29.15
CA VAL C 144 -0.91 -44.25 -28.25
C VAL C 144 -1.07 -45.74 -28.55
N LEU C 145 -2.32 -46.26 -28.51
CA LEU C 145 -2.62 -47.67 -28.70
C LEU C 145 -2.33 -48.18 -30.11
N GLU C 146 -2.28 -47.29 -31.13
CA GLU C 146 -1.92 -47.66 -32.50
C GLU C 146 -0.44 -47.94 -32.60
N ASN C 147 0.38 -47.04 -32.04
CA ASN C 147 1.84 -47.03 -32.09
C ASN C 147 2.55 -47.88 -31.02
N ASN C 148 1.83 -48.35 -29.98
CA ASN C 148 2.36 -49.17 -28.89
C ASN C 148 1.26 -50.12 -28.41
N LEU C 149 1.45 -51.42 -28.63
CA LEU C 149 0.46 -52.45 -28.28
C LEU C 149 0.34 -52.63 -26.77
N GLY C 150 1.47 -52.82 -26.08
CA GLY C 150 1.51 -53.05 -24.63
C GLY C 150 1.17 -51.89 -23.70
N ALA C 151 0.85 -50.70 -24.27
CA ALA C 151 0.54 -49.48 -23.52
C ALA C 151 -0.78 -49.61 -22.77
N ALA C 152 -0.94 -48.77 -21.73
CA ALA C 152 -2.14 -48.67 -20.91
C ALA C 152 -2.71 -47.26 -20.98
N VAL C 153 -4.04 -47.14 -20.98
CA VAL C 153 -4.73 -45.87 -20.98
C VAL C 153 -5.44 -45.77 -19.63
N LEU C 154 -5.18 -44.70 -18.86
CA LEU C 154 -5.85 -44.51 -17.57
C LEU C 154 -6.78 -43.30 -17.65
N ARG C 155 -8.10 -43.54 -17.70
CA ARG C 155 -9.10 -42.46 -17.73
C ARG C 155 -9.45 -42.06 -16.32
N ILE C 156 -9.34 -40.75 -16.04
CA ILE C 156 -9.60 -40.19 -14.71
C ILE C 156 -10.51 -38.96 -14.80
N PRO C 157 -11.27 -38.60 -13.73
CA PRO C 157 -12.13 -37.41 -13.79
C PRO C 157 -11.45 -36.16 -13.18
N ILE C 158 -12.24 -35.11 -12.88
CA ILE C 158 -11.78 -33.83 -12.31
C ILE C 158 -10.77 -34.05 -11.15
N LEU C 159 -9.60 -33.45 -11.29
CA LEU C 159 -8.52 -33.60 -10.33
C LEU C 159 -8.38 -32.40 -9.43
N TYR C 160 -7.87 -32.66 -8.21
CA TYR C 160 -7.56 -31.67 -7.17
C TYR C 160 -6.31 -32.22 -6.44
N GLY C 161 -5.65 -31.36 -5.70
CA GLY C 161 -4.46 -31.72 -4.95
C GLY C 161 -3.72 -30.48 -4.52
N GLU C 162 -2.47 -30.61 -4.07
CA GLU C 162 -1.70 -29.46 -3.62
C GLU C 162 -1.36 -28.62 -4.83
N VAL C 163 -1.99 -27.44 -4.91
CA VAL C 163 -1.88 -26.52 -6.05
C VAL C 163 -0.88 -25.38 -5.81
N GLU C 164 -0.21 -24.94 -6.88
CA GLU C 164 0.71 -23.80 -6.85
C GLU C 164 -0.12 -22.50 -6.84
N LYS C 165 -1.27 -22.50 -7.55
CA LYS C 165 -2.26 -21.42 -7.69
C LYS C 165 -3.63 -22.05 -7.59
N LEU C 166 -4.63 -21.32 -7.08
CA LEU C 166 -5.97 -21.90 -6.98
C LEU C 166 -6.58 -22.29 -8.36
N GLU C 167 -6.17 -21.59 -9.45
CA GLU C 167 -6.61 -21.83 -10.83
C GLU C 167 -6.09 -23.14 -11.39
N GLU C 168 -5.06 -23.75 -10.75
CA GLU C 168 -4.44 -25.00 -11.20
C GLU C 168 -5.44 -26.16 -11.23
N SER C 169 -6.46 -26.13 -10.35
CA SER C 169 -7.51 -27.14 -10.32
C SER C 169 -8.86 -26.47 -10.45
N ALA C 170 -9.81 -27.17 -11.06
CA ALA C 170 -11.18 -26.70 -11.24
C ALA C 170 -11.93 -26.76 -9.91
N VAL C 171 -11.46 -27.63 -9.00
CA VAL C 171 -12.02 -27.83 -7.66
C VAL C 171 -11.54 -26.67 -6.77
N THR C 172 -10.22 -26.40 -6.78
CA THR C 172 -9.61 -25.39 -5.93
C THR C 172 -9.90 -23.92 -6.34
N VAL C 173 -10.35 -23.60 -7.59
CA VAL C 173 -10.63 -22.17 -7.93
C VAL C 173 -11.73 -21.54 -7.08
N MET C 174 -12.70 -22.35 -6.67
CA MET C 174 -13.87 -21.99 -5.88
C MET C 174 -13.54 -21.43 -4.51
N PHE C 175 -12.33 -21.73 -3.98
CA PHE C 175 -11.96 -21.34 -2.62
C PHE C 175 -12.18 -19.86 -2.32
N ASP C 176 -11.86 -18.94 -3.26
CA ASP C 176 -12.05 -17.52 -2.97
C ASP C 176 -13.55 -17.13 -2.90
N LYS C 177 -14.41 -17.79 -3.69
CA LYS C 177 -15.85 -17.56 -3.67
C LYS C 177 -16.43 -18.00 -2.34
N VAL C 178 -15.96 -19.13 -1.81
CA VAL C 178 -16.34 -19.70 -0.52
C VAL C 178 -15.93 -18.75 0.61
N GLN C 179 -14.69 -18.20 0.54
CA GLN C 179 -14.10 -17.33 1.56
C GLN C 179 -14.78 -15.93 1.63
N PHE C 180 -15.12 -15.34 0.47
CA PHE C 180 -15.78 -14.02 0.40
C PHE C 180 -17.30 -14.23 0.68
N SER C 181 -17.64 -14.29 1.99
CA SER C 181 -18.99 -14.56 2.52
C SER C 181 -19.95 -13.39 2.33
N ASN C 182 -19.39 -12.17 2.25
CA ASN C 182 -20.10 -10.90 2.09
C ASN C 182 -20.77 -10.78 0.70
N LYS C 183 -20.24 -11.52 -0.32
CA LYS C 183 -20.71 -11.54 -1.71
C LYS C 183 -21.34 -12.90 -2.03
N SER C 184 -22.56 -12.88 -2.61
CA SER C 184 -23.26 -14.11 -2.99
C SER C 184 -22.60 -14.66 -4.24
N ALA C 185 -22.45 -15.98 -4.30
CA ALA C 185 -21.77 -16.65 -5.39
C ALA C 185 -22.65 -17.71 -6.02
N ASN C 186 -22.81 -17.63 -7.36
CA ASN C 186 -23.59 -18.57 -8.13
C ASN C 186 -22.72 -19.78 -8.47
N MET C 187 -23.17 -20.97 -8.03
CA MET C 187 -22.45 -22.25 -8.15
C MET C 187 -23.22 -23.28 -8.96
N ASP C 188 -22.50 -24.02 -9.84
CA ASP C 188 -23.12 -25.05 -10.68
C ASP C 188 -23.60 -26.23 -9.84
N HIS C 189 -24.89 -26.57 -9.98
CA HIS C 189 -25.55 -27.68 -9.29
C HIS C 189 -26.25 -28.58 -10.32
N TRP C 190 -25.70 -28.61 -11.55
CA TRP C 190 -26.19 -29.40 -12.68
C TRP C 190 -25.25 -30.59 -13.00
N GLN C 191 -23.95 -30.29 -13.25
CA GLN C 191 -22.94 -31.27 -13.63
C GLN C 191 -22.41 -32.06 -12.45
N GLN C 192 -22.63 -33.41 -12.53
CA GLN C 192 -22.18 -34.43 -11.58
C GLN C 192 -20.74 -34.83 -11.88
N ARG C 193 -19.86 -34.60 -10.90
CA ARG C 193 -18.41 -34.84 -10.99
C ARG C 193 -17.93 -35.69 -9.82
N PHE C 194 -16.77 -36.32 -9.99
CA PHE C 194 -16.19 -37.17 -8.96
C PHE C 194 -14.77 -36.66 -8.68
N PRO C 195 -14.65 -35.63 -7.81
CA PRO C 195 -13.33 -35.07 -7.52
C PRO C 195 -12.36 -36.17 -7.07
N THR C 196 -11.22 -36.25 -7.75
CA THR C 196 -10.19 -37.26 -7.53
C THR C 196 -8.87 -36.60 -7.15
N HIS C 197 -8.25 -37.11 -6.08
CA HIS C 197 -6.98 -36.60 -5.61
C HIS C 197 -5.84 -37.12 -6.51
N VAL C 198 -4.97 -36.20 -6.95
CA VAL C 198 -3.78 -36.52 -7.74
C VAL C 198 -2.90 -37.57 -7.00
N LYS C 199 -2.89 -37.56 -5.67
CA LYS C 199 -2.19 -38.50 -4.81
C LYS C 199 -2.65 -39.92 -5.08
N ASP C 200 -4.00 -40.12 -5.20
CA ASP C 200 -4.63 -41.42 -5.42
C ASP C 200 -4.39 -41.92 -6.83
N VAL C 201 -4.52 -41.04 -7.85
CA VAL C 201 -4.20 -41.40 -9.26
C VAL C 201 -2.72 -41.82 -9.34
N ALA C 202 -1.80 -41.11 -8.64
CA ALA C 202 -0.37 -41.46 -8.61
C ALA C 202 -0.16 -42.87 -8.07
N THR C 203 -0.90 -43.26 -6.99
CA THR C 203 -0.84 -44.59 -6.39
C THR C 203 -1.27 -45.62 -7.43
N VAL C 204 -2.38 -45.35 -8.14
CA VAL C 204 -2.93 -46.22 -9.18
C VAL C 204 -1.87 -46.44 -10.28
N CYS C 205 -1.15 -45.37 -10.72
CA CYS C 205 -0.08 -45.46 -11.73
C CYS C 205 1.02 -46.34 -11.26
N ARG C 206 1.50 -46.13 -10.01
CA ARG C 206 2.57 -46.94 -9.43
C ARG C 206 2.18 -48.40 -9.30
N GLN C 207 0.96 -48.70 -8.81
CA GLN C 207 0.46 -50.06 -8.63
C GLN C 207 0.31 -50.79 -9.96
N LEU C 208 -0.16 -50.08 -10.98
CA LEU C 208 -0.32 -50.58 -12.34
C LEU C 208 1.06 -50.92 -12.94
N ALA C 209 2.03 -49.98 -12.82
CA ALA C 209 3.41 -50.13 -13.28
C ALA C 209 4.08 -51.27 -12.53
N GLU C 210 3.95 -51.33 -11.19
CA GLU C 210 4.55 -52.39 -10.36
C GLU C 210 3.96 -53.78 -10.69
N LYS C 211 2.67 -53.83 -11.12
CA LYS C 211 2.00 -55.09 -11.50
C LYS C 211 2.52 -55.57 -12.83
N ARG C 212 2.67 -54.63 -13.80
CA ARG C 212 3.14 -54.91 -15.15
C ARG C 212 4.59 -55.42 -15.12
N MET C 213 5.45 -54.90 -14.20
CA MET C 213 6.85 -55.32 -14.08
C MET C 213 6.99 -56.82 -13.81
N LEU C 214 5.89 -57.48 -13.42
CA LEU C 214 5.88 -58.93 -13.15
C LEU C 214 4.81 -59.69 -13.97
N ASP C 215 3.81 -58.98 -14.54
CA ASP C 215 2.70 -59.56 -15.31
C ASP C 215 2.57 -58.87 -16.66
N PRO C 216 2.86 -59.56 -17.78
CA PRO C 216 2.78 -58.91 -19.10
C PRO C 216 1.35 -58.69 -19.61
N SER C 217 0.34 -59.19 -18.88
CA SER C 217 -1.06 -59.02 -19.27
C SER C 217 -1.62 -57.63 -18.85
N ILE C 218 -0.85 -56.84 -18.07
CA ILE C 218 -1.30 -55.52 -17.63
C ILE C 218 -1.09 -54.52 -18.79
N LYS C 219 -2.14 -54.35 -19.62
CA LYS C 219 -2.18 -53.46 -20.77
C LYS C 219 -3.64 -53.08 -21.05
N GLY C 220 -3.86 -52.05 -21.86
CA GLY C 220 -5.20 -51.65 -22.24
C GLY C 220 -5.78 -50.47 -21.50
N THR C 221 -7.09 -50.29 -21.61
CA THR C 221 -7.75 -49.15 -20.99
C THR C 221 -8.22 -49.51 -19.57
N PHE C 222 -8.07 -48.54 -18.65
CA PHE C 222 -8.44 -48.63 -17.24
C PHE C 222 -9.11 -47.35 -16.78
N HIS C 223 -9.99 -47.46 -15.78
CA HIS C 223 -10.71 -46.32 -15.23
C HIS C 223 -10.42 -46.15 -13.74
N TRP C 224 -10.14 -44.91 -13.31
CA TRP C 224 -10.00 -44.60 -11.90
C TRP C 224 -10.69 -43.31 -11.56
N SER C 225 -11.41 -43.30 -10.42
CA SER C 225 -12.22 -42.18 -9.95
C SER C 225 -12.46 -42.26 -8.45
N GLY C 226 -12.66 -41.09 -7.83
CA GLY C 226 -13.07 -40.97 -6.44
C GLY C 226 -14.52 -41.41 -6.39
N ASN C 227 -14.99 -41.88 -5.22
CA ASN C 227 -16.36 -42.43 -5.13
C ASN C 227 -17.37 -41.42 -4.61
N GLU C 228 -16.97 -40.15 -4.39
CA GLU C 228 -17.86 -39.11 -3.89
C GLU C 228 -18.40 -38.29 -5.05
N GLN C 229 -19.70 -38.44 -5.35
CA GLN C 229 -20.37 -37.67 -6.40
C GLN C 229 -20.67 -36.30 -5.87
N MET C 230 -20.31 -35.26 -6.63
CA MET C 230 -20.47 -33.87 -6.24
C MET C 230 -20.57 -32.93 -7.42
N THR C 231 -21.42 -31.90 -7.29
CA THR C 231 -21.51 -30.82 -8.28
C THR C 231 -20.53 -29.78 -7.79
N LYS C 232 -20.29 -28.71 -8.57
CA LYS C 232 -19.38 -27.66 -8.11
C LYS C 232 -19.96 -26.99 -6.83
N TYR C 233 -21.30 -26.88 -6.71
CA TYR C 233 -21.98 -26.35 -5.53
C TYR C 233 -21.72 -27.23 -4.29
N GLU C 234 -21.89 -28.57 -4.42
CA GLU C 234 -21.71 -29.51 -3.31
C GLU C 234 -20.26 -29.48 -2.83
N MET C 235 -19.31 -29.35 -3.79
CA MET C 235 -17.88 -29.25 -3.54
C MET C 235 -17.60 -27.97 -2.76
N ALA C 236 -18.10 -26.82 -3.25
CA ALA C 236 -17.97 -25.50 -2.62
C ALA C 236 -18.47 -25.54 -1.17
N CYS C 237 -19.58 -26.22 -0.93
CA CYS C 237 -20.15 -26.38 0.40
C CYS C 237 -19.28 -27.28 1.27
N ALA C 238 -18.75 -28.41 0.70
CA ALA C 238 -17.86 -29.34 1.38
C ALA C 238 -16.56 -28.65 1.81
N ILE C 239 -16.03 -27.72 0.95
CA ILE C 239 -14.83 -26.92 1.21
C ILE C 239 -15.11 -26.01 2.41
N ALA C 240 -16.28 -25.34 2.40
CA ALA C 240 -16.72 -24.46 3.47
C ALA C 240 -16.79 -25.22 4.80
N ASP C 241 -17.35 -26.44 4.76
CA ASP C 241 -17.50 -27.30 5.94
C ASP C 241 -16.15 -27.77 6.49
N ALA C 242 -15.18 -28.05 5.61
CA ALA C 242 -13.83 -28.52 5.95
C ALA C 242 -13.05 -27.49 6.78
N PHE C 243 -13.31 -26.18 6.51
CA PHE C 243 -12.63 -25.07 7.17
C PHE C 243 -13.50 -24.40 8.21
N ASN C 244 -14.74 -24.85 8.37
CA ASN C 244 -15.73 -24.34 9.31
C ASN C 244 -16.09 -22.87 8.94
N LEU C 245 -16.36 -22.67 7.64
CA LEU C 245 -16.75 -21.39 7.05
C LEU C 245 -18.22 -21.43 6.64
N PRO C 246 -18.97 -20.30 6.68
CA PRO C 246 -20.37 -20.35 6.20
C PRO C 246 -20.47 -20.56 4.69
N SER C 247 -21.56 -21.18 4.24
CA SER C 247 -21.84 -21.48 2.83
C SER C 247 -23.25 -20.97 2.47
N SER C 248 -23.80 -20.07 3.32
CA SER C 248 -25.13 -19.48 3.14
C SER C 248 -25.20 -18.60 1.88
N HIS C 249 -24.04 -18.01 1.49
CA HIS C 249 -23.91 -17.10 0.36
C HIS C 249 -23.77 -17.84 -0.99
N LEU C 250 -23.52 -19.15 -0.98
CA LEU C 250 -23.41 -19.94 -2.22
C LEU C 250 -24.80 -20.32 -2.70
N ARG C 251 -25.15 -19.88 -3.93
CA ARG C 251 -26.44 -20.13 -4.54
C ARG C 251 -26.32 -21.25 -5.59
N PRO C 252 -27.06 -22.37 -5.45
CA PRO C 252 -26.97 -23.44 -6.45
C PRO C 252 -27.77 -23.14 -7.71
N ILE C 253 -27.19 -23.49 -8.87
CA ILE C 253 -27.80 -23.32 -10.19
C ILE C 253 -27.95 -24.72 -10.81
N THR C 254 -29.20 -25.24 -10.71
CA THR C 254 -29.64 -26.56 -11.18
C THR C 254 -29.88 -26.57 -12.70
N ASP C 255 -30.05 -25.38 -13.31
CA ASP C 255 -30.28 -25.23 -14.75
C ASP C 255 -29.00 -25.50 -15.53
N SER C 256 -29.15 -26.09 -16.73
CA SER C 256 -28.03 -26.38 -17.64
C SER C 256 -27.38 -25.07 -18.11
N PRO C 257 -26.04 -24.95 -18.09
CA PRO C 257 -25.40 -23.69 -18.53
C PRO C 257 -25.49 -23.44 -20.05
N VAL C 258 -25.00 -22.27 -20.50
CA VAL C 258 -24.96 -21.87 -21.92
C VAL C 258 -24.09 -22.86 -22.70
N LEU C 259 -22.92 -23.23 -22.11
CA LEU C 259 -21.91 -24.16 -22.64
C LEU C 259 -22.23 -25.63 -22.27
N GLY C 260 -23.38 -25.85 -21.61
CA GLY C 260 -23.88 -27.15 -21.14
C GLY C 260 -24.00 -28.26 -22.16
N ALA C 261 -24.18 -27.88 -23.43
CA ALA C 261 -24.27 -28.79 -24.58
C ALA C 261 -22.89 -29.41 -24.91
N GLN C 262 -21.79 -28.73 -24.51
CA GLN C 262 -20.40 -29.14 -24.73
C GLN C 262 -19.78 -29.81 -23.49
N ARG C 263 -20.58 -30.10 -22.45
CA ARG C 263 -20.10 -30.70 -21.20
C ARG C 263 -20.92 -31.96 -20.80
N PRO C 264 -20.25 -33.09 -20.46
CA PRO C 264 -21.00 -34.30 -20.06
C PRO C 264 -21.69 -34.14 -18.70
N ARG C 265 -23.01 -34.33 -18.65
CA ARG C 265 -23.79 -34.17 -17.42
C ARG C 265 -23.27 -35.09 -16.29
N ASN C 266 -23.07 -36.39 -16.57
CA ASN C 266 -22.53 -37.34 -15.60
C ASN C 266 -21.70 -38.39 -16.30
N ALA C 267 -20.38 -38.15 -16.46
CA ALA C 267 -19.48 -39.07 -17.15
C ALA C 267 -18.80 -40.02 -16.14
N GLN C 268 -19.59 -40.52 -15.15
CA GLN C 268 -19.12 -41.41 -14.08
C GLN C 268 -18.36 -42.59 -14.62
N LEU C 269 -17.15 -42.81 -14.11
CA LEU C 269 -16.31 -43.93 -14.54
C LEU C 269 -16.50 -45.12 -13.60
N ASP C 270 -16.77 -46.29 -14.19
CA ASP C 270 -16.88 -47.55 -13.45
C ASP C 270 -15.48 -48.10 -13.27
N CYS C 271 -15.04 -48.28 -12.00
CA CYS C 271 -13.68 -48.70 -11.64
C CYS C 271 -13.57 -50.19 -11.28
N SER C 272 -14.59 -51.01 -11.57
CA SER C 272 -14.59 -52.44 -11.23
C SER C 272 -13.37 -53.20 -11.76
N LYS C 273 -12.85 -52.83 -12.97
CA LYS C 273 -11.69 -53.46 -13.60
C LYS C 273 -10.49 -53.38 -12.68
N LEU C 274 -10.13 -52.16 -12.22
CA LEU C 274 -8.98 -51.93 -11.35
C LEU C 274 -9.21 -52.46 -9.96
N GLU C 275 -10.45 -52.33 -9.44
CA GLU C 275 -10.82 -52.82 -8.11
C GLU C 275 -10.65 -54.35 -8.02
N THR C 276 -11.00 -55.09 -9.09
CA THR C 276 -10.86 -56.54 -9.21
C THR C 276 -9.38 -56.93 -9.13
N LEU C 277 -8.52 -56.09 -9.73
CA LEU C 277 -7.07 -56.28 -9.76
C LEU C 277 -6.43 -55.93 -8.41
N GLY C 278 -7.18 -55.30 -7.51
CA GLY C 278 -6.70 -54.89 -6.22
C GLY C 278 -5.94 -53.57 -6.24
N ILE C 279 -6.00 -52.86 -7.38
CA ILE C 279 -5.39 -51.54 -7.60
C ILE C 279 -6.37 -50.52 -7.04
N GLY C 280 -5.85 -49.45 -6.44
CA GLY C 280 -6.71 -48.38 -5.94
C GLY C 280 -6.38 -47.78 -4.59
N GLN C 281 -6.82 -46.53 -4.41
CA GLN C 281 -6.65 -45.68 -3.24
C GLN C 281 -7.69 -44.60 -3.28
N ARG C 282 -8.34 -44.33 -2.13
CA ARG C 282 -9.35 -43.27 -2.11
C ARG C 282 -9.28 -42.40 -0.87
N THR C 283 -8.71 -41.20 -1.05
CA THR C 283 -8.62 -40.18 0.00
C THR C 283 -10.00 -39.51 0.15
N PRO C 284 -10.64 -39.56 1.35
CA PRO C 284 -11.92 -38.84 1.54
C PRO C 284 -11.78 -37.35 1.17
N PHE C 285 -12.71 -36.83 0.32
CA PHE C 285 -12.63 -35.46 -0.20
C PHE C 285 -12.41 -34.43 0.89
N ARG C 286 -13.19 -34.48 1.99
CA ARG C 286 -13.01 -33.49 3.05
C ARG C 286 -11.54 -33.45 3.57
N ILE C 287 -10.87 -34.61 3.70
CA ILE C 287 -9.48 -34.69 4.21
C ILE C 287 -8.55 -34.11 3.15
N GLY C 288 -8.67 -34.63 1.93
CA GLY C 288 -7.85 -34.21 0.79
C GLY C 288 -7.89 -32.72 0.48
N ILE C 289 -9.10 -32.12 0.49
CA ILE C 289 -9.25 -30.71 0.12
C ILE C 289 -8.69 -29.76 1.21
N LYS C 290 -8.81 -30.14 2.48
CA LYS C 290 -8.27 -29.40 3.62
C LYS C 290 -6.71 -29.35 3.47
N GLU C 291 -6.05 -30.49 3.24
CA GLU C 291 -4.60 -30.57 3.05
C GLU C 291 -4.15 -29.72 1.82
N SER C 292 -5.03 -29.58 0.80
CA SER C 292 -4.75 -28.85 -0.45
C SER C 292 -4.87 -27.36 -0.36
N LEU C 293 -5.91 -26.84 0.31
CA LEU C 293 -6.28 -25.44 0.33
C LEU C 293 -5.88 -24.64 1.55
N TRP C 294 -5.55 -25.29 2.68
CA TRP C 294 -5.25 -24.51 3.90
C TRP C 294 -4.23 -23.37 3.65
N PRO C 295 -3.18 -23.45 2.77
CA PRO C 295 -2.30 -22.28 2.60
C PRO C 295 -2.99 -21.05 2.02
N PHE C 296 -4.11 -21.25 1.30
CA PHE C 296 -4.88 -20.19 0.65
C PHE C 296 -5.99 -19.65 1.55
N LEU C 297 -6.10 -20.16 2.79
CA LEU C 297 -7.10 -19.70 3.74
C LEU C 297 -6.64 -18.35 4.33
N ILE C 298 -7.36 -17.27 3.98
CA ILE C 298 -7.05 -15.92 4.43
C ILE C 298 -7.37 -15.74 5.93
N ASP C 299 -6.37 -15.26 6.68
CA ASP C 299 -6.47 -14.87 8.09
C ASP C 299 -6.64 -13.37 8.07
N LYS C 300 -7.84 -12.85 8.38
CA LYS C 300 -8.10 -11.41 8.33
C LYS C 300 -7.07 -10.63 9.16
N ARG C 301 -7.06 -10.83 10.50
CA ARG C 301 -6.17 -10.10 11.42
C ARG C 301 -6.35 -8.58 11.19
N TRP C 302 -5.29 -7.88 10.76
CA TRP C 302 -5.25 -6.45 10.44
C TRP C 302 -5.89 -6.10 9.08
N ARG C 303 -6.14 -7.12 8.21
CA ARG C 303 -6.67 -6.93 6.85
C ARG C 303 -8.17 -6.62 6.87
N GLN C 304 -8.53 -5.43 7.38
CA GLN C 304 -9.93 -5.05 7.49
C GLN C 304 -10.64 -4.95 6.15
N THR C 305 -10.03 -4.29 5.16
CA THR C 305 -10.68 -4.10 3.86
C THR C 305 -10.27 -5.16 2.81
N VAL C 306 -9.71 -6.33 3.20
CA VAL C 306 -9.28 -7.32 2.19
C VAL C 306 -10.50 -7.95 1.49
N PHE C 307 -11.60 -8.17 2.23
CA PHE C 307 -12.81 -8.79 1.68
C PHE C 307 -13.76 -7.75 1.05
N HIS C 308 -13.23 -6.55 0.74
CA HIS C 308 -13.94 -5.45 0.09
C HIS C 308 -14.47 -5.86 -1.28
N ALA C 309 -15.67 -5.33 -1.63
CA ALA C 309 -16.44 -5.58 -2.86
C ALA C 309 -15.62 -5.37 -4.16
N GLU C 310 -14.86 -4.24 -4.25
CA GLU C 310 -14.05 -3.88 -5.42
C GLU C 310 -12.65 -4.56 -5.37
N ASN C 311 -12.56 -5.72 -4.69
CA ASN C 311 -11.35 -6.52 -4.56
C ASN C 311 -11.65 -8.03 -4.78
N LEU C 312 -10.79 -8.71 -5.60
CA LEU C 312 -10.78 -10.16 -5.91
C LEU C 312 -9.58 -10.47 -6.81
N MET D 1 -12.75 -7.03 35.62
CA MET D 1 -12.21 -8.12 34.82
C MET D 1 -11.68 -7.65 33.47
N ASN D 2 -10.68 -8.38 32.90
CA ASN D 2 -10.06 -8.09 31.59
C ASN D 2 -10.93 -8.66 30.43
N ARG D 3 -12.16 -8.15 30.32
CA ARG D 3 -13.08 -8.60 29.29
C ARG D 3 -13.85 -7.42 28.72
N ARG D 4 -14.44 -7.62 27.54
CA ARG D 4 -15.24 -6.62 26.83
C ARG D 4 -16.71 -6.87 27.04
N VAL D 5 -17.46 -5.80 27.36
CA VAL D 5 -18.90 -5.87 27.56
C VAL D 5 -19.61 -4.74 26.77
N LEU D 6 -20.68 -5.12 26.05
CA LEU D 6 -21.53 -4.22 25.30
C LEU D 6 -22.87 -4.13 26.05
N VAL D 7 -23.28 -2.92 26.43
CA VAL D 7 -24.50 -2.66 27.16
C VAL D 7 -25.47 -1.97 26.23
N THR D 8 -26.55 -2.65 25.77
CA THR D 8 -27.57 -1.98 24.96
C THR D 8 -28.46 -1.20 25.94
N GLY D 9 -29.10 -0.14 25.45
CA GLY D 9 -29.95 0.68 26.30
C GLY D 9 -29.22 1.39 27.42
N ALA D 10 -27.91 1.69 27.19
CA ALA D 10 -27.00 2.36 28.12
C ALA D 10 -27.45 3.78 28.45
N THR D 11 -28.31 4.39 27.62
CA THR D 11 -28.84 5.74 27.87
C THR D 11 -30.06 5.68 28.80
N GLY D 12 -30.67 4.50 28.91
CA GLY D 12 -31.85 4.24 29.73
C GLY D 12 -31.60 4.20 31.22
N LEU D 13 -32.68 4.07 32.02
CA LEU D 13 -32.61 4.05 33.48
C LEU D 13 -31.68 2.92 34.01
N LEU D 14 -31.88 1.66 33.56
CA LEU D 14 -31.06 0.52 33.99
C LEU D 14 -29.69 0.53 33.30
N GLY D 15 -29.69 0.69 31.98
CA GLY D 15 -28.49 0.72 31.15
C GLY D 15 -27.38 1.60 31.66
N ARG D 16 -27.70 2.81 32.11
CA ARG D 16 -26.73 3.75 32.65
C ARG D 16 -25.97 3.15 33.85
N ALA D 17 -26.70 2.43 34.74
CA ALA D 17 -26.13 1.82 35.93
C ALA D 17 -25.29 0.59 35.58
N VAL D 18 -25.77 -0.23 34.63
CA VAL D 18 -25.07 -1.43 34.18
C VAL D 18 -23.73 -1.00 33.57
N HIS D 19 -23.75 -0.01 32.68
CA HIS D 19 -22.53 0.50 32.07
C HIS D 19 -21.54 0.94 33.15
N LYS D 20 -22.00 1.73 34.14
CA LYS D 20 -21.18 2.26 35.24
C LYS D 20 -20.56 1.13 36.06
N GLU D 21 -21.34 0.09 36.44
CA GLU D 21 -20.84 -1.05 37.24
C GLU D 21 -19.71 -1.76 36.55
N PHE D 22 -19.90 -2.08 35.26
CA PHE D 22 -18.88 -2.78 34.52
C PHE D 22 -17.63 -1.94 34.36
N GLN D 23 -17.78 -0.67 33.92
CA GLN D 23 -16.68 0.25 33.73
C GLN D 23 -15.88 0.49 35.03
N GLN D 24 -16.56 0.65 36.16
CA GLN D 24 -15.94 0.91 37.46
C GLN D 24 -15.20 -0.30 37.99
N ASN D 25 -15.51 -1.48 37.44
CA ASN D 25 -14.87 -2.76 37.78
C ASN D 25 -13.87 -3.19 36.71
N ASN D 26 -13.31 -2.19 36.01
CA ASN D 26 -12.28 -2.27 34.99
C ASN D 26 -12.59 -3.19 33.79
N TRP D 27 -13.85 -3.34 33.42
CA TRP D 27 -14.20 -4.05 32.20
C TRP D 27 -14.06 -3.06 31.07
N HIS D 28 -13.87 -3.55 29.83
CA HIS D 28 -13.88 -2.65 28.69
C HIS D 28 -15.35 -2.51 28.35
N ALA D 29 -15.99 -1.52 28.93
CA ALA D 29 -17.42 -1.30 28.78
C ALA D 29 -17.71 -0.30 27.69
N VAL D 30 -18.52 -0.74 26.72
CA VAL D 30 -19.03 0.05 25.60
C VAL D 30 -20.55 0.04 25.70
N GLY D 31 -21.14 1.23 25.75
CA GLY D 31 -22.59 1.37 25.82
C GLY D 31 -23.26 1.83 24.55
N CYS D 32 -24.51 1.42 24.38
CA CYS D 32 -25.36 1.73 23.24
C CYS D 32 -26.54 2.49 23.62
N GLY D 33 -26.83 3.47 22.80
CA GLY D 33 -28.03 4.27 22.97
C GLY D 33 -28.66 4.48 21.61
N PHE D 34 -29.58 5.42 21.57
CA PHE D 34 -30.23 5.77 20.33
C PHE D 34 -30.47 7.29 20.30
N ARG D 35 -31.63 7.74 20.78
CA ARG D 35 -31.95 9.15 20.76
C ARG D 35 -31.00 9.96 21.66
N ARG D 36 -30.56 9.40 22.79
CA ARG D 36 -29.68 10.10 23.74
C ARG D 36 -28.23 9.59 23.75
N ALA D 37 -27.81 8.75 22.77
CA ALA D 37 -26.49 8.13 22.75
C ALA D 37 -25.32 9.12 22.78
N ARG D 38 -25.21 9.97 21.78
CA ARG D 38 -24.07 10.85 21.60
C ARG D 38 -23.98 11.98 22.63
N PRO D 39 -22.76 12.35 23.13
CA PRO D 39 -21.43 11.82 22.78
C PRO D 39 -20.94 10.63 23.63
N LYS D 40 -21.50 10.43 24.84
CA LYS D 40 -21.10 9.41 25.79
C LYS D 40 -21.13 7.98 25.21
N PHE D 41 -22.13 7.66 24.37
CA PHE D 41 -22.31 6.32 23.89
C PHE D 41 -22.42 6.18 22.39
N GLU D 42 -22.48 4.91 21.92
CA GLU D 42 -22.63 4.53 20.52
C GLU D 42 -24.09 4.67 20.11
N GLN D 43 -24.34 5.29 18.96
CA GLN D 43 -25.70 5.43 18.42
C GLN D 43 -25.93 4.27 17.46
N VAL D 44 -26.73 3.28 17.92
CA VAL D 44 -27.05 2.08 17.15
C VAL D 44 -28.55 1.81 17.26
N ASN D 45 -29.24 1.79 16.09
CA ASN D 45 -30.66 1.45 16.07
C ASN D 45 -30.73 -0.06 16.08
N LEU D 46 -31.29 -0.63 17.17
CA LEU D 46 -31.40 -2.07 17.34
C LEU D 46 -32.35 -2.70 16.33
N LEU D 47 -33.18 -1.86 15.69
CA LEU D 47 -34.12 -2.25 14.63
C LEU D 47 -33.41 -2.33 13.27
N ASP D 48 -32.12 -1.87 13.18
CA ASP D 48 -31.31 -1.94 11.96
C ASP D 48 -30.29 -3.07 12.11
N SER D 49 -30.67 -4.25 11.61
CA SER D 49 -29.92 -5.51 11.65
C SER D 49 -28.44 -5.37 11.26
N ASN D 50 -28.11 -4.45 10.32
CA ASN D 50 -26.74 -4.22 9.84
C ASN D 50 -25.92 -3.49 10.88
N ALA D 51 -26.50 -2.45 11.49
CA ALA D 51 -25.81 -1.67 12.51
C ALA D 51 -25.44 -2.56 13.69
N VAL D 52 -26.42 -3.37 14.17
CA VAL D 52 -26.29 -4.32 15.27
C VAL D 52 -25.19 -5.32 14.95
N HIS D 53 -25.21 -5.87 13.72
CA HIS D 53 -24.22 -6.82 13.27
C HIS D 53 -22.83 -6.21 13.30
N HIS D 54 -22.69 -4.98 12.77
CA HIS D 54 -21.40 -4.32 12.66
C HIS D 54 -20.81 -3.94 13.98
N ILE D 55 -21.60 -3.42 14.92
CA ILE D 55 -21.02 -3.05 16.22
C ILE D 55 -20.55 -4.33 16.95
N ILE D 56 -21.40 -5.38 17.01
CA ILE D 56 -21.07 -6.63 17.71
C ILE D 56 -19.81 -7.32 17.09
N HIS D 57 -19.70 -7.34 15.74
N HIS D 57 -19.69 -7.36 15.75
CA HIS D 57 -18.57 -7.93 15.03
CA HIS D 57 -18.55 -8.01 15.11
C HIS D 57 -17.29 -7.10 15.20
C HIS D 57 -17.29 -7.10 15.09
N ASP D 58 -17.43 -5.78 15.31
CA ASP D 58 -16.26 -4.88 15.41
C ASP D 58 -15.67 -4.94 16.80
N PHE D 59 -16.53 -4.77 17.81
CA PHE D 59 -16.16 -4.78 19.23
C PHE D 59 -15.71 -6.16 19.69
N GLN D 60 -16.43 -7.21 19.24
CA GLN D 60 -16.21 -8.61 19.63
C GLN D 60 -16.39 -8.70 21.14
N PRO D 61 -17.61 -8.43 21.68
CA PRO D 61 -17.77 -8.44 23.13
C PRO D 61 -17.75 -9.84 23.71
N HIS D 62 -17.39 -9.96 24.98
CA HIS D 62 -17.42 -11.25 25.67
C HIS D 62 -18.78 -11.44 26.26
N VAL D 63 -19.40 -10.32 26.68
CA VAL D 63 -20.71 -10.23 27.31
C VAL D 63 -21.53 -9.16 26.61
N ILE D 64 -22.84 -9.40 26.46
CA ILE D 64 -23.80 -8.41 25.96
C ILE D 64 -24.90 -8.33 27.00
N VAL D 65 -25.14 -7.15 27.57
CA VAL D 65 -26.25 -6.94 28.52
C VAL D 65 -27.31 -6.17 27.76
N HIS D 66 -28.43 -6.82 27.45
CA HIS D 66 -29.49 -6.22 26.66
C HIS D 66 -30.59 -5.60 27.57
N CYS D 67 -30.55 -4.24 27.68
CA CYS D 67 -31.47 -3.43 28.48
C CYS D 67 -32.48 -2.72 27.62
N ALA D 68 -32.10 -2.31 26.39
CA ALA D 68 -32.96 -1.56 25.49
C ALA D 68 -34.30 -2.29 25.28
N ALA D 69 -35.42 -1.56 25.48
CA ALA D 69 -36.79 -2.06 25.36
C ALA D 69 -37.81 -0.92 25.39
N GLU D 70 -39.07 -1.24 25.03
CA GLU D 70 -40.20 -0.31 25.14
C GLU D 70 -41.01 -0.78 26.33
N ARG D 71 -40.88 -0.09 27.48
CA ARG D 71 -41.51 -0.50 28.73
C ARG D 71 -42.68 0.41 29.16
N ARG D 72 -42.97 1.42 28.33
CA ARG D 72 -44.07 2.35 28.59
C ARG D 72 -45.38 1.71 28.07
N PRO D 73 -46.37 1.40 28.96
CA PRO D 73 -47.64 0.80 28.48
C PRO D 73 -48.42 1.74 27.56
N ASP D 74 -48.12 3.07 27.61
CA ASP D 74 -48.72 4.09 26.75
C ASP D 74 -48.22 3.91 25.32
N VAL D 75 -46.90 3.62 25.16
CA VAL D 75 -46.23 3.41 23.89
C VAL D 75 -46.44 1.98 23.36
N VAL D 76 -46.61 0.99 24.25
CA VAL D 76 -46.82 -0.44 23.93
C VAL D 76 -48.27 -0.64 23.40
N GLU D 77 -49.29 0.00 24.02
CA GLU D 77 -50.69 -0.12 23.59
C GLU D 77 -50.98 0.70 22.31
N ASN D 78 -50.46 1.95 22.21
CA ASN D 78 -50.66 2.84 21.05
C ASN D 78 -49.90 2.37 19.80
N GLN D 79 -48.65 1.91 19.97
CA GLN D 79 -47.80 1.40 18.88
C GLN D 79 -47.43 -0.09 19.18
N PRO D 80 -48.36 -1.06 18.99
CA PRO D 80 -48.05 -2.47 19.32
C PRO D 80 -47.07 -3.12 18.35
N ASP D 81 -47.08 -2.63 17.09
CA ASP D 81 -46.24 -3.02 15.96
C ASP D 81 -44.75 -2.80 16.28
N ALA D 82 -44.38 -1.55 16.66
CA ALA D 82 -43.03 -1.12 17.00
C ALA D 82 -42.52 -1.73 18.30
N ALA D 83 -43.42 -1.92 19.30
CA ALA D 83 -43.11 -2.49 20.62
C ALA D 83 -42.64 -3.94 20.49
N SER D 84 -43.35 -4.75 19.67
CA SER D 84 -43.01 -6.14 19.40
C SER D 84 -41.66 -6.21 18.66
N GLN D 85 -41.44 -5.28 17.71
CA GLN D 85 -40.19 -5.19 16.94
C GLN D 85 -38.94 -4.96 17.80
N LEU D 86 -39.04 -4.14 18.87
CA LEU D 86 -37.91 -3.85 19.73
C LEU D 86 -37.74 -4.87 20.87
N ASN D 87 -38.86 -5.30 21.47
CA ASN D 87 -38.80 -6.23 22.60
C ASN D 87 -38.67 -7.69 22.19
N VAL D 88 -39.22 -8.09 21.03
CA VAL D 88 -39.17 -9.50 20.61
C VAL D 88 -38.18 -9.71 19.46
N ASP D 89 -38.37 -8.99 18.33
CA ASP D 89 -37.57 -9.14 17.11
C ASP D 89 -36.11 -8.71 17.32
N ALA D 90 -35.86 -7.49 17.84
CA ALA D 90 -34.51 -6.96 18.08
C ALA D 90 -33.73 -7.82 19.08
N SER D 91 -34.42 -8.34 20.12
CA SER D 91 -33.88 -9.20 21.16
C SER D 91 -33.40 -10.53 20.60
N GLY D 92 -34.21 -11.12 19.70
CA GLY D 92 -33.94 -12.38 19.02
C GLY D 92 -32.80 -12.25 18.04
N ASN D 93 -32.70 -11.09 17.34
CA ASN D 93 -31.61 -10.82 16.39
C ASN D 93 -30.31 -10.64 17.17
N LEU D 94 -30.39 -9.96 18.34
CA LEU D 94 -29.25 -9.76 19.23
C LEU D 94 -28.69 -11.12 19.69
N ALA D 95 -29.62 -12.07 20.02
CA ALA D 95 -29.34 -13.44 20.42
C ALA D 95 -28.60 -14.21 19.33
N LYS D 96 -29.01 -14.03 18.05
CA LYS D 96 -28.35 -14.64 16.88
C LYS D 96 -26.93 -14.10 16.74
N GLU D 97 -26.79 -12.78 16.84
CA GLU D 97 -25.55 -12.04 16.70
C GLU D 97 -24.54 -12.43 17.80
N ALA D 98 -25.02 -12.54 19.08
CA ALA D 98 -24.23 -12.93 20.25
C ALA D 98 -23.72 -14.37 20.12
N ALA D 99 -24.55 -15.24 19.50
CA ALA D 99 -24.23 -16.64 19.27
C ALA D 99 -23.09 -16.80 18.27
N ALA D 100 -23.07 -15.93 17.24
CA ALA D 100 -22.09 -15.90 16.16
C ALA D 100 -20.70 -15.41 16.61
N VAL D 101 -20.64 -14.53 17.61
CA VAL D 101 -19.40 -13.96 18.14
C VAL D 101 -18.88 -14.78 19.34
N GLY D 102 -19.78 -15.53 19.99
CA GLY D 102 -19.47 -16.33 21.18
C GLY D 102 -19.47 -15.45 22.41
N ALA D 103 -20.50 -14.59 22.49
CA ALA D 103 -20.69 -13.65 23.58
C ALA D 103 -21.81 -14.11 24.50
N PHE D 104 -21.62 -13.92 25.82
CA PHE D 104 -22.61 -14.28 26.83
C PHE D 104 -23.68 -13.18 26.85
N LEU D 105 -24.90 -13.54 26.43
CA LEU D 105 -25.97 -12.54 26.37
C LEU D 105 -26.82 -12.61 27.62
N ILE D 106 -27.03 -11.46 28.27
CA ILE D 106 -27.92 -11.34 29.41
C ILE D 106 -29.11 -10.54 28.95
N TYR D 107 -30.27 -11.20 28.83
CA TYR D 107 -31.52 -10.57 28.43
C TYR D 107 -32.25 -10.12 29.69
N ILE D 108 -32.58 -8.83 29.76
CA ILE D 108 -33.28 -8.30 30.93
C ILE D 108 -34.78 -8.45 30.69
N SER D 109 -35.42 -9.30 31.50
CA SER D 109 -36.86 -9.54 31.45
C SER D 109 -37.55 -8.87 32.67
N SER D 110 -38.88 -9.06 32.82
CA SER D 110 -39.77 -8.42 33.79
C SER D 110 -40.57 -9.38 34.67
N ASP D 111 -41.02 -8.93 35.85
CA ASP D 111 -41.88 -9.73 36.73
C ASP D 111 -43.31 -9.78 36.14
N TYR D 112 -43.57 -8.91 35.12
CA TYR D 112 -44.83 -8.76 34.41
C TYR D 112 -45.14 -9.94 33.47
N VAL D 113 -44.26 -10.96 33.44
CA VAL D 113 -44.48 -12.19 32.65
C VAL D 113 -45.44 -13.11 33.44
N PHE D 114 -45.59 -12.86 34.75
CA PHE D 114 -46.45 -13.60 35.68
C PHE D 114 -47.78 -12.87 35.95
N ASP D 115 -48.83 -13.63 36.34
CA ASP D 115 -50.17 -13.09 36.62
C ASP D 115 -50.32 -12.57 38.07
N GLY D 116 -49.27 -12.78 38.88
CA GLY D 116 -49.18 -12.31 40.25
C GLY D 116 -50.27 -12.78 41.17
N THR D 117 -50.71 -14.03 40.96
CA THR D 117 -51.77 -14.69 41.73
C THR D 117 -51.19 -15.68 42.73
N ASN D 118 -50.03 -16.28 42.39
CA ASN D 118 -49.40 -17.27 43.24
C ASN D 118 -47.91 -16.91 43.58
N PRO D 119 -47.66 -15.84 44.35
CA PRO D 119 -46.27 -15.52 44.72
C PRO D 119 -45.71 -16.42 45.84
N PRO D 120 -44.37 -16.58 46.03
CA PRO D 120 -43.27 -16.04 45.21
C PRO D 120 -43.06 -16.90 43.97
N TYR D 121 -42.66 -16.27 42.88
CA TYR D 121 -42.47 -16.96 41.63
C TYR D 121 -41.02 -17.41 41.44
N ARG D 122 -40.85 -18.73 41.25
CA ARG D 122 -39.57 -19.36 40.96
C ARG D 122 -39.37 -19.28 39.44
N GLU D 123 -38.12 -19.35 38.98
CA GLU D 123 -37.75 -19.24 37.56
C GLU D 123 -38.54 -20.21 36.65
N GLU D 124 -38.71 -21.46 37.10
CA GLU D 124 -39.41 -22.55 36.40
C GLU D 124 -40.98 -22.40 36.38
N ASP D 125 -41.55 -21.52 37.22
CA ASP D 125 -43.01 -21.30 37.31
C ASP D 125 -43.56 -20.80 35.95
N ILE D 126 -44.77 -21.27 35.58
CA ILE D 126 -45.40 -20.99 34.29
C ILE D 126 -45.80 -19.50 34.15
N PRO D 127 -45.21 -18.76 33.19
CA PRO D 127 -45.59 -17.35 33.00
C PRO D 127 -46.98 -17.22 32.35
N ALA D 128 -47.74 -16.20 32.78
CA ALA D 128 -49.08 -15.86 32.30
C ALA D 128 -49.24 -14.33 32.25
N PRO D 129 -48.71 -13.64 31.20
CA PRO D 129 -48.78 -12.16 31.16
C PRO D 129 -50.20 -11.62 31.01
N LEU D 130 -50.53 -10.60 31.81
CA LEU D 130 -51.87 -10.00 31.82
C LEU D 130 -51.96 -8.76 30.91
N ASN D 131 -50.83 -8.34 30.33
CA ASN D 131 -50.74 -7.16 29.46
C ASN D 131 -49.85 -7.44 28.26
N LEU D 132 -49.95 -6.60 27.21
CA LEU D 132 -49.17 -6.74 25.98
C LEU D 132 -47.66 -6.58 26.26
N TYR D 133 -47.29 -5.70 27.22
CA TYR D 133 -45.90 -5.49 27.60
C TYR D 133 -45.28 -6.78 28.15
N GLY D 134 -45.98 -7.44 29.08
CA GLY D 134 -45.55 -8.71 29.67
C GLY D 134 -45.41 -9.80 28.63
N LYS D 135 -46.33 -9.79 27.63
CA LYS D 135 -46.33 -10.74 26.52
C LYS D 135 -45.10 -10.49 25.65
N THR D 136 -44.75 -9.21 25.33
CA THR D 136 -43.56 -8.88 24.52
C THR D 136 -42.26 -9.26 25.24
N LYS D 137 -42.22 -9.09 26.58
CA LYS D 137 -41.07 -9.47 27.41
C LYS D 137 -40.89 -10.98 27.39
N LEU D 138 -42.00 -11.74 27.56
CA LEU D 138 -41.99 -13.20 27.52
C LEU D 138 -41.55 -13.70 26.14
N ASP D 139 -42.13 -13.12 25.07
CA ASP D 139 -41.81 -13.48 23.67
C ASP D 139 -40.35 -13.15 23.35
N GLY D 140 -39.80 -12.12 24.01
CA GLY D 140 -38.41 -11.74 23.90
C GLY D 140 -37.53 -12.81 24.51
N GLU D 141 -37.93 -13.32 25.70
CA GLU D 141 -37.26 -14.40 26.44
C GLU D 141 -37.11 -15.61 25.54
N LYS D 142 -38.25 -16.04 24.94
CA LYS D 142 -38.37 -17.17 24.02
C LYS D 142 -37.47 -16.93 22.80
N ALA D 143 -37.53 -15.72 22.17
CA ALA D 143 -36.72 -15.36 20.99
C ALA D 143 -35.22 -15.42 21.29
N VAL D 144 -34.82 -14.99 22.50
CA VAL D 144 -33.42 -15.01 22.94
C VAL D 144 -32.96 -16.46 23.13
N LEU D 145 -33.66 -17.24 23.98
CA LEU D 145 -33.29 -18.61 24.31
C LEU D 145 -33.39 -19.58 23.13
N GLU D 146 -34.22 -19.25 22.10
CA GLU D 146 -34.35 -20.08 20.89
C GLU D 146 -33.10 -19.91 20.02
N ASN D 147 -32.65 -18.65 19.79
CA ASN D 147 -31.53 -18.29 18.93
C ASN D 147 -30.13 -18.29 19.62
N ASN D 148 -30.06 -18.47 20.94
CA ASN D 148 -28.81 -18.51 21.70
C ASN D 148 -28.99 -19.44 22.89
N LEU D 149 -28.29 -20.58 22.87
CA LEU D 149 -28.39 -21.61 23.89
C LEU D 149 -27.79 -21.17 25.23
N GLY D 150 -26.55 -20.67 25.20
CA GLY D 150 -25.83 -20.23 26.40
C GLY D 150 -26.26 -18.94 27.08
N ALA D 151 -27.31 -18.26 26.55
CA ALA D 151 -27.83 -16.99 27.06
C ALA D 151 -28.48 -17.13 28.42
N ALA D 152 -28.58 -16.00 29.13
CA ALA D 152 -29.22 -15.89 30.43
C ALA D 152 -30.36 -14.89 30.37
N VAL D 153 -31.45 -15.18 31.08
CA VAL D 153 -32.60 -14.27 31.20
C VAL D 153 -32.63 -13.81 32.66
N LEU D 154 -32.62 -12.48 32.88
CA LEU D 154 -32.69 -11.94 34.24
C LEU D 154 -33.99 -11.22 34.42
N ARG D 155 -34.91 -11.81 35.19
CA ARG D 155 -36.21 -11.21 35.50
C ARG D 155 -36.07 -10.34 36.74
N ILE D 156 -36.54 -9.08 36.63
CA ILE D 156 -36.46 -8.06 37.68
C ILE D 156 -37.79 -7.30 37.84
N PRO D 157 -38.10 -6.75 39.04
CA PRO D 157 -39.36 -6.00 39.21
C PRO D 157 -39.17 -4.48 39.03
N ILE D 158 -40.14 -3.67 39.48
CA ILE D 158 -40.13 -2.21 39.39
C ILE D 158 -38.78 -1.61 39.80
N LEU D 159 -38.22 -0.77 38.91
CA LEU D 159 -36.93 -0.15 39.11
C LEU D 159 -37.00 1.30 39.43
N TYR D 160 -35.99 1.72 40.21
CA TYR D 160 -35.73 3.10 40.63
C TYR D 160 -34.19 3.29 40.63
N GLY D 161 -33.76 4.54 40.68
CA GLY D 161 -32.34 4.89 40.64
C GLY D 161 -32.17 6.34 40.26
N GLU D 162 -30.94 6.76 39.94
CA GLU D 162 -30.67 8.16 39.61
C GLU D 162 -31.33 8.46 38.28
N VAL D 163 -32.40 9.28 38.31
CA VAL D 163 -33.23 9.60 37.15
C VAL D 163 -32.87 10.96 36.55
N GLU D 164 -32.99 11.05 35.21
CA GLU D 164 -32.80 12.31 34.48
C GLU D 164 -34.05 13.19 34.67
N LYS D 165 -35.25 12.54 34.72
CA LYS D 165 -36.58 13.13 34.93
C LYS D 165 -37.33 12.25 35.91
N LEU D 166 -38.29 12.81 36.65
CA LEU D 166 -39.06 12.04 37.63
C LEU D 166 -39.91 10.93 36.98
N GLU D 167 -40.31 11.15 35.72
CA GLU D 167 -41.11 10.22 34.90
C GLU D 167 -40.33 9.02 34.48
N GLU D 168 -38.98 9.05 34.56
CA GLU D 168 -38.11 7.94 34.14
C GLU D 168 -38.36 6.65 34.97
N SER D 169 -38.85 6.75 36.22
CA SER D 169 -39.14 5.60 37.06
C SER D 169 -40.52 5.73 37.65
N ALA D 170 -41.25 4.61 37.77
CA ALA D 170 -42.60 4.55 38.32
C ALA D 170 -42.59 4.85 39.81
N VAL D 171 -41.42 4.65 40.47
CA VAL D 171 -41.22 4.91 41.88
C VAL D 171 -41.00 6.41 42.05
N THR D 172 -40.13 7.00 41.24
CA THR D 172 -39.76 8.40 41.33
C THR D 172 -40.85 9.40 40.86
N VAL D 173 -41.86 9.02 40.03
CA VAL D 173 -42.87 10.01 39.59
C VAL D 173 -43.69 10.61 40.75
N MET D 174 -43.91 9.81 41.79
CA MET D 174 -44.65 10.14 43.00
C MET D 174 -44.08 11.32 43.79
N PHE D 175 -42.78 11.64 43.62
CA PHE D 175 -42.10 12.66 44.40
C PHE D 175 -42.80 14.02 44.40
N ASP D 176 -43.38 14.47 43.27
CA ASP D 176 -44.09 15.76 43.28
C ASP D 176 -45.38 15.71 44.10
N LYS D 177 -46.08 14.55 44.12
CA LYS D 177 -47.31 14.35 44.90
C LYS D 177 -46.99 14.42 46.38
N VAL D 178 -45.81 13.88 46.77
CA VAL D 178 -45.31 13.86 48.14
C VAL D 178 -44.95 15.31 48.59
N GLN D 179 -44.29 16.06 47.70
CA GLN D 179 -43.85 17.42 47.95
C GLN D 179 -44.99 18.45 48.07
N PHE D 180 -46.05 18.29 47.24
CA PHE D 180 -47.21 19.19 47.25
C PHE D 180 -48.19 18.71 48.35
N SER D 181 -47.90 19.09 49.62
CA SER D 181 -48.63 18.70 50.84
C SER D 181 -49.98 19.38 50.97
N ASN D 182 -50.14 20.53 50.30
CA ASN D 182 -51.36 21.36 50.27
C ASN D 182 -52.49 20.68 49.49
N LYS D 183 -52.15 19.76 48.55
CA LYS D 183 -53.09 19.00 47.72
C LYS D 183 -53.09 17.51 48.12
N SER D 184 -54.29 16.94 48.37
CA SER D 184 -54.41 15.53 48.76
C SER D 184 -54.15 14.67 47.54
N ALA D 185 -53.40 13.57 47.73
CA ALA D 185 -53.00 12.69 46.64
C ALA D 185 -53.44 11.27 46.86
N ASN D 186 -54.13 10.70 45.87
CA ASN D 186 -54.61 9.32 45.91
C ASN D 186 -53.49 8.39 45.44
N MET D 187 -53.09 7.44 46.30
CA MET D 187 -51.99 6.51 46.05
C MET D 187 -52.44 5.07 46.15
N ASP D 188 -52.02 4.23 45.17
CA ASP D 188 -52.40 2.82 45.10
C ASP D 188 -51.86 2.04 46.31
N HIS D 189 -52.76 1.31 47.00
CA HIS D 189 -52.46 0.48 48.17
C HIS D 189 -53.01 -0.92 47.95
N TRP D 190 -53.06 -1.34 46.67
CA TRP D 190 -53.56 -2.64 46.23
C TRP D 190 -52.41 -3.56 45.69
N GLN D 191 -51.73 -3.13 44.61
CA GLN D 191 -50.65 -3.87 43.96
C GLN D 191 -49.38 -3.89 44.81
N GLN D 192 -48.90 -5.11 45.14
CA GLN D 192 -47.67 -5.33 45.91
C GLN D 192 -46.50 -5.31 44.97
N ARG D 193 -45.56 -4.37 45.21
CA ARG D 193 -44.35 -4.13 44.43
C ARG D 193 -43.09 -4.35 45.26
N PHE D 194 -41.98 -4.61 44.56
CA PHE D 194 -40.68 -4.84 45.19
C PHE D 194 -39.69 -3.89 44.55
N PRO D 195 -39.68 -2.59 44.97
CA PRO D 195 -38.77 -1.61 44.36
C PRO D 195 -37.33 -2.07 44.43
N THR D 196 -36.67 -2.11 43.26
CA THR D 196 -35.32 -2.58 43.08
C THR D 196 -34.44 -1.47 42.48
N HIS D 197 -33.27 -1.26 43.09
CA HIS D 197 -32.31 -0.26 42.64
C HIS D 197 -31.60 -0.74 41.39
N VAL D 198 -31.43 0.15 40.42
CA VAL D 198 -30.74 -0.20 39.19
C VAL D 198 -29.26 -0.49 39.48
N LYS D 199 -28.70 0.08 40.58
CA LYS D 199 -27.33 -0.16 41.06
C LYS D 199 -27.15 -1.65 41.45
N ASP D 200 -28.16 -2.23 42.13
CA ASP D 200 -28.19 -3.61 42.61
C ASP D 200 -28.34 -4.60 41.44
N VAL D 201 -29.24 -4.33 40.48
CA VAL D 201 -29.41 -5.16 39.27
C VAL D 201 -28.11 -5.15 38.48
N ALA D 202 -27.44 -3.97 38.35
CA ALA D 202 -26.16 -3.85 37.65
C ALA D 202 -25.10 -4.76 38.29
N THR D 203 -25.05 -4.82 39.65
CA THR D 203 -24.11 -5.69 40.39
C THR D 203 -24.39 -7.14 40.04
N VAL D 204 -25.68 -7.54 40.03
CA VAL D 204 -26.13 -8.90 39.69
C VAL D 204 -25.65 -9.27 38.26
N CYS D 205 -25.79 -8.34 37.28
CA CYS D 205 -25.32 -8.54 35.89
C CYS D 205 -23.85 -8.76 35.85
N ARG D 206 -23.06 -7.91 36.55
CA ARG D 206 -21.59 -8.03 36.59
C ARG D 206 -21.16 -9.34 37.22
N GLN D 207 -21.75 -9.72 38.35
CA GLN D 207 -21.42 -10.96 39.07
C GLN D 207 -21.73 -12.19 38.24
N LEU D 208 -22.86 -12.16 37.54
CA LEU D 208 -23.32 -13.24 36.66
C LEU D 208 -22.35 -13.39 35.48
N ALA D 209 -21.99 -12.26 34.84
CA ALA D 209 -21.04 -12.20 33.74
C ALA D 209 -19.66 -12.66 34.20
N GLU D 210 -19.15 -12.16 35.35
CA GLU D 210 -17.85 -12.55 35.91
C GLU D 210 -17.80 -14.05 36.29
N LYS D 211 -18.94 -14.63 36.70
CA LYS D 211 -19.03 -16.06 37.05
C LYS D 211 -18.95 -16.91 35.79
N ARG D 212 -19.69 -16.50 34.74
CA ARG D 212 -19.75 -17.19 33.45
C ARG D 212 -18.38 -17.20 32.78
N MET D 213 -17.59 -16.12 32.90
CA MET D 213 -16.25 -16.00 32.30
C MET D 213 -15.33 -17.12 32.74
N LEU D 214 -15.68 -17.84 33.83
CA LEU D 214 -14.88 -18.96 34.34
C LEU D 214 -15.67 -20.28 34.47
N ASP D 215 -17.02 -20.20 34.51
CA ASP D 215 -17.93 -21.36 34.65
C ASP D 215 -18.93 -21.41 33.47
N PRO D 216 -18.83 -22.40 32.58
CA PRO D 216 -19.75 -22.44 31.42
C PRO D 216 -21.18 -22.89 31.78
N SER D 217 -21.42 -23.27 33.03
CA SER D 217 -22.75 -23.71 33.46
C SER D 217 -23.68 -22.51 33.79
N ILE D 218 -23.14 -21.27 33.81
CA ILE D 218 -23.93 -20.09 34.10
C ILE D 218 -24.73 -19.67 32.84
N LYS D 219 -25.96 -20.20 32.74
CA LYS D 219 -26.90 -19.92 31.64
C LYS D 219 -28.33 -20.14 32.17
N GLY D 220 -29.32 -19.68 31.42
CA GLY D 220 -30.72 -19.89 31.78
C GLY D 220 -31.42 -18.73 32.42
N THR D 221 -32.59 -19.00 33.01
CA THR D 221 -33.39 -17.94 33.62
C THR D 221 -33.00 -17.75 35.10
N PHE D 222 -32.95 -16.47 35.54
CA PHE D 222 -32.61 -16.01 36.89
C PHE D 222 -33.58 -14.90 37.33
N HIS D 223 -33.83 -14.80 38.65
CA HIS D 223 -34.69 -13.79 39.23
C HIS D 223 -33.95 -12.90 40.23
N TRP D 224 -34.05 -11.57 40.09
CA TRP D 224 -33.50 -10.68 41.09
C TRP D 224 -34.53 -9.61 41.50
N SER D 225 -34.61 -9.32 42.81
CA SER D 225 -35.58 -8.40 43.39
C SER D 225 -35.11 -7.87 44.75
N GLY D 226 -35.57 -6.68 45.09
CA GLY D 226 -35.38 -6.10 46.41
C GLY D 226 -36.26 -6.88 47.37
N ASN D 227 -35.91 -6.90 48.67
CA ASN D 227 -36.67 -7.70 49.63
C ASN D 227 -37.70 -6.89 50.40
N GLU D 228 -37.90 -5.59 50.04
CA GLU D 228 -38.88 -4.72 50.71
C GLU D 228 -40.18 -4.68 49.90
N GLN D 229 -41.24 -5.30 50.45
CA GLN D 229 -42.56 -5.31 49.80
C GLN D 229 -43.23 -3.97 50.09
N MET D 230 -43.77 -3.34 49.03
CA MET D 230 -44.39 -2.02 49.10
C MET D 230 -45.41 -1.77 48.03
N THR D 231 -46.49 -1.06 48.37
CA THR D 231 -47.48 -0.59 47.41
C THR D 231 -46.99 0.80 46.98
N LYS D 232 -47.64 1.43 45.99
CA LYS D 232 -47.21 2.79 45.60
C LYS D 232 -47.41 3.75 46.81
N TYR D 233 -48.45 3.52 47.64
CA TYR D 233 -48.74 4.29 48.85
C TYR D 233 -47.61 4.15 49.88
N GLU D 234 -47.18 2.92 50.19
CA GLU D 234 -46.13 2.64 51.17
C GLU D 234 -44.82 3.28 50.72
N MET D 235 -44.55 3.24 49.38
CA MET D 235 -43.38 3.84 48.75
C MET D 235 -43.42 5.35 48.94
N ALA D 236 -44.56 5.99 48.56
CA ALA D 236 -44.81 7.41 48.70
C ALA D 236 -44.56 7.88 50.14
N CYS D 237 -45.01 7.07 51.13
CA CYS D 237 -44.81 7.36 52.55
C CYS D 237 -43.33 7.19 52.93
N ALA D 238 -42.66 6.15 52.42
CA ALA D 238 -41.24 5.89 52.66
C ALA D 238 -40.37 7.04 52.12
N ILE D 239 -40.76 7.59 50.93
CA ILE D 239 -40.09 8.73 50.28
C ILE D 239 -40.24 9.97 51.21
N ALA D 240 -41.45 10.19 51.71
CA ALA D 240 -41.75 11.28 52.61
C ALA D 240 -40.90 11.19 53.88
N ASP D 241 -40.76 9.97 54.42
CA ASP D 241 -39.99 9.71 55.64
C ASP D 241 -38.49 9.94 55.44
N ALA D 242 -37.97 9.58 54.25
CA ALA D 242 -36.57 9.71 53.86
C ALA D 242 -36.11 11.18 53.87
N PHE D 243 -37.02 12.10 53.52
CA PHE D 243 -36.74 13.53 53.41
C PHE D 243 -37.30 14.33 54.58
N ASN D 244 -38.00 13.63 55.50
CA ASN D 244 -38.62 14.21 56.70
C ASN D 244 -39.75 15.19 56.27
N LEU D 245 -40.57 14.73 55.32
CA LEU D 245 -41.73 15.46 54.77
C LEU D 245 -43.02 14.83 55.27
N PRO D 246 -44.12 15.60 55.44
CA PRO D 246 -45.37 14.96 55.88
C PRO D 246 -45.98 14.09 54.78
N SER D 247 -46.72 13.06 55.21
CA SER D 247 -47.41 12.09 54.34
C SER D 247 -48.89 11.99 54.74
N SER D 248 -49.38 13.00 55.51
CA SER D 248 -50.77 13.08 55.98
C SER D 248 -51.75 13.27 54.81
N HIS D 249 -51.29 13.91 53.70
CA HIS D 249 -52.10 14.24 52.53
C HIS D 249 -52.21 13.06 51.55
N LEU D 250 -51.40 12.01 51.72
CA LEU D 250 -51.45 10.83 50.85
C LEU D 250 -52.53 9.90 51.32
N ARG D 251 -53.52 9.64 50.45
CA ARG D 251 -54.67 8.79 50.71
C ARG D 251 -54.49 7.41 50.06
N PRO D 252 -54.51 6.31 50.86
CA PRO D 252 -54.35 4.98 50.27
C PRO D 252 -55.65 4.46 49.63
N ILE D 253 -55.52 3.80 48.46
CA ILE D 253 -56.63 3.19 47.73
C ILE D 253 -56.35 1.67 47.65
N THR D 254 -57.03 0.94 48.55
CA THR D 254 -56.95 -0.51 48.74
C THR D 254 -57.78 -1.26 47.69
N ASP D 255 -58.73 -0.57 47.03
CA ASP D 255 -59.58 -1.14 45.99
C ASP D 255 -58.81 -1.38 44.71
N SER D 256 -59.14 -2.46 43.98
CA SER D 256 -58.53 -2.81 42.70
C SER D 256 -58.86 -1.73 41.65
N PRO D 257 -57.85 -1.24 40.87
CA PRO D 257 -58.14 -0.17 39.89
C PRO D 257 -58.93 -0.66 38.67
N VAL D 258 -59.28 0.30 37.77
CA VAL D 258 -60.01 0.05 36.52
C VAL D 258 -59.16 -0.88 35.62
N LEU D 259 -57.85 -0.61 35.51
CA LEU D 259 -56.89 -1.39 34.73
C LEU D 259 -56.27 -2.57 35.56
N GLY D 260 -56.80 -2.80 36.77
CA GLY D 260 -56.38 -3.82 37.74
C GLY D 260 -56.36 -5.26 37.24
N ALA D 261 -57.24 -5.56 36.25
CA ALA D 261 -57.34 -6.88 35.62
C ALA D 261 -56.10 -7.17 34.72
N GLN D 262 -55.44 -6.10 34.22
CA GLN D 262 -54.27 -6.15 33.35
C GLN D 262 -52.94 -5.96 34.12
N ARG D 263 -52.99 -5.98 35.46
CA ARG D 263 -51.78 -5.80 36.29
C ARG D 263 -51.65 -6.92 37.33
N PRO D 264 -50.45 -7.53 37.50
CA PRO D 264 -50.31 -8.62 38.51
C PRO D 264 -50.33 -8.08 39.93
N ARG D 265 -51.24 -8.58 40.78
CA ARG D 265 -51.40 -8.09 42.16
C ARG D 265 -50.08 -8.21 42.97
N ASN D 266 -49.44 -9.38 42.92
CA ASN D 266 -48.18 -9.60 43.61
C ASN D 266 -47.40 -10.62 42.82
N ALA D 267 -46.52 -10.14 41.90
CA ALA D 267 -45.67 -10.99 41.06
C ALA D 267 -44.28 -11.15 41.69
N GLN D 268 -44.24 -11.37 43.04
CA GLN D 268 -43.01 -11.52 43.82
C GLN D 268 -42.09 -12.56 43.21
N LEU D 269 -40.83 -12.17 42.96
CA LEU D 269 -39.84 -13.07 42.40
C LEU D 269 -39.04 -13.73 43.52
N ASP D 270 -38.93 -15.07 43.46
CA ASP D 270 -38.13 -15.83 44.41
C ASP D 270 -36.70 -15.81 43.88
N CYS D 271 -35.75 -15.28 44.68
CA CYS D 271 -34.35 -15.10 44.29
C CYS D 271 -33.41 -16.18 44.85
N SER D 272 -33.94 -17.31 45.37
CA SER D 272 -33.12 -18.34 45.98
C SER D 272 -32.04 -18.89 45.06
N LYS D 273 -32.32 -18.96 43.71
CA LYS D 273 -31.37 -19.46 42.71
C LYS D 273 -30.09 -18.65 42.75
N LEU D 274 -30.20 -17.30 42.64
CA LEU D 274 -29.05 -16.41 42.63
C LEU D 274 -28.40 -16.32 44.00
N GLU D 275 -29.21 -16.33 45.08
CA GLU D 275 -28.72 -16.27 46.46
C GLU D 275 -27.82 -17.48 46.78
N THR D 276 -28.20 -18.67 46.27
CA THR D 276 -27.47 -19.93 46.45
C THR D 276 -26.11 -19.82 45.76
N LEU D 277 -26.06 -19.13 44.60
CA LEU D 277 -24.85 -18.90 43.80
C LEU D 277 -23.94 -17.84 44.44
N GLY D 278 -24.47 -17.12 45.42
CA GLY D 278 -23.75 -16.04 46.09
C GLY D 278 -23.82 -14.73 45.35
N ILE D 279 -24.69 -14.65 44.30
CA ILE D 279 -24.92 -13.44 43.50
C ILE D 279 -25.91 -12.58 44.26
N GLY D 280 -25.73 -11.26 44.23
CA GLY D 280 -26.68 -10.37 44.86
C GLY D 280 -26.14 -9.19 45.64
N GLN D 281 -26.99 -8.15 45.73
CA GLN D 281 -26.76 -6.89 46.41
C GLN D 281 -28.11 -6.27 46.73
N ARG D 282 -28.25 -5.71 47.94
CA ARG D 282 -29.51 -5.08 48.30
C ARG D 282 -29.34 -3.78 49.05
N THR D 283 -29.53 -2.66 48.30
CA THR D 283 -29.50 -1.30 48.86
C THR D 283 -30.83 -1.06 49.58
N PRO D 284 -30.81 -0.73 50.90
CA PRO D 284 -32.08 -0.43 51.62
C PRO D 284 -32.85 0.69 50.91
N PHE D 285 -34.16 0.50 50.63
CA PHE D 285 -34.97 1.46 49.88
C PHE D 285 -34.82 2.92 50.39
N ARG D 286 -34.90 3.14 51.73
CA ARG D 286 -34.78 4.49 52.30
C ARG D 286 -33.45 5.16 51.92
N ILE D 287 -32.34 4.39 51.80
CA ILE D 287 -31.04 4.93 51.43
C ILE D 287 -31.03 5.23 49.93
N GLY D 288 -31.39 4.23 49.13
CA GLY D 288 -31.44 4.30 47.67
C GLY D 288 -32.32 5.42 47.13
N ILE D 289 -33.52 5.60 47.67
CA ILE D 289 -34.44 6.61 47.15
C ILE D 289 -33.98 8.06 47.48
N LYS D 290 -33.29 8.23 48.59
CA LYS D 290 -32.76 9.52 49.04
C LYS D 290 -31.56 9.90 48.10
N GLU D 291 -30.71 8.93 47.65
CA GLU D 291 -29.61 9.31 46.73
C GLU D 291 -30.14 9.56 45.30
N SER D 292 -31.36 9.05 45.02
CA SER D 292 -32.08 9.13 43.74
C SER D 292 -32.88 10.40 43.51
N LEU D 293 -33.59 10.92 44.55
CA LEU D 293 -34.53 12.03 44.45
C LEU D 293 -34.09 13.36 45.02
N TRP D 294 -33.07 13.40 45.87
CA TRP D 294 -32.68 14.65 46.50
C TRP D 294 -32.52 15.83 45.48
N PRO D 295 -32.02 15.66 44.21
CA PRO D 295 -31.95 16.84 43.32
C PRO D 295 -33.30 17.44 42.97
N PHE D 296 -34.38 16.64 43.07
CA PHE D 296 -35.74 17.07 42.76
C PHE D 296 -36.49 17.62 43.97
N LEU D 297 -35.82 17.70 45.13
CA LEU D 297 -36.40 18.23 46.36
C LEU D 297 -36.42 19.75 46.26
N ILE D 298 -37.63 20.33 46.16
CA ILE D 298 -37.82 21.77 46.01
C ILE D 298 -37.52 22.52 47.30
N ASP D 299 -36.62 23.52 47.21
CA ASP D 299 -36.25 24.45 48.29
C ASP D 299 -37.09 25.69 48.04
N LYS D 300 -38.13 25.93 48.84
CA LYS D 300 -39.04 27.06 48.62
C LYS D 300 -38.25 28.38 48.51
N ARG D 301 -37.60 28.81 49.63
CA ARG D 301 -36.85 30.08 49.70
C ARG D 301 -37.80 31.23 49.28
N TRP D 302 -37.48 31.93 48.19
CA TRP D 302 -38.26 33.02 47.59
C TRP D 302 -39.50 32.54 46.80
N ARG D 303 -39.58 31.24 46.48
CA ARG D 303 -40.66 30.66 45.65
C ARG D 303 -41.95 30.51 46.46
N GLN D 304 -42.58 31.63 46.81
CA GLN D 304 -43.80 31.62 47.62
C GLN D 304 -44.98 30.92 46.97
N THR D 305 -45.24 31.21 45.69
CA THR D 305 -46.39 30.61 44.99
C THR D 305 -46.00 29.37 44.13
N VAL D 306 -44.86 28.70 44.39
CA VAL D 306 -44.47 27.55 43.57
C VAL D 306 -45.42 26.36 43.83
N PHE D 307 -45.87 26.17 45.08
CA PHE D 307 -46.74 25.05 45.43
C PHE D 307 -48.23 25.40 45.23
N HIS D 308 -48.51 26.43 44.42
CA HIS D 308 -49.85 26.88 44.07
C HIS D 308 -50.62 25.77 43.32
N ALA D 309 -51.94 25.68 43.58
CA ALA D 309 -52.90 24.71 43.04
C ALA D 309 -52.87 24.60 41.51
N GLU D 310 -52.88 25.76 40.80
CA GLU D 310 -52.88 25.83 39.33
C GLU D 310 -51.45 25.73 38.73
N ASN D 311 -50.52 24.98 39.41
CA ASN D 311 -49.13 24.75 38.98
C ASN D 311 -48.65 23.32 39.32
N LEU D 312 -48.03 22.61 38.33
CA LEU D 312 -47.42 21.27 38.48
C LEU D 312 -46.57 20.92 37.24
N MET E 1 -21.79 40.77 41.03
CA MET E 1 -22.54 41.84 41.67
C MET E 1 -23.61 41.30 42.63
N ASN E 2 -23.98 42.12 43.65
CA ASN E 2 -25.01 41.79 44.66
C ASN E 2 -26.44 42.10 44.14
N ARG E 3 -26.82 41.44 43.04
CA ARG E 3 -28.12 41.64 42.44
C ARG E 3 -28.71 40.31 41.99
N ARG E 4 -30.02 40.31 41.75
CA ARG E 4 -30.78 39.14 41.31
C ARG E 4 -31.03 39.22 39.82
N VAL E 5 -30.81 38.10 39.10
CA VAL E 5 -31.03 37.98 37.66
C VAL E 5 -31.80 36.69 37.33
N LEU E 6 -32.84 36.84 36.50
CA LEU E 6 -33.66 35.75 36.00
C LEU E 6 -33.34 35.57 34.54
N VAL E 7 -32.93 34.36 34.17
CA VAL E 7 -32.56 34.02 32.81
C VAL E 7 -33.61 33.08 32.26
N THR E 8 -34.42 33.55 31.28
CA THR E 8 -35.39 32.68 30.63
C THR E 8 -34.60 31.89 29.56
N GLY E 9 -35.10 30.71 29.18
CA GLY E 9 -34.42 29.88 28.20
C GLY E 9 -33.05 29.38 28.64
N ALA E 10 -32.88 29.23 29.98
CA ALA E 10 -31.65 28.77 30.65
C ALA E 10 -31.27 27.36 30.28
N THR E 11 -32.21 26.56 29.76
CA THR E 11 -31.93 25.18 29.32
C THR E 11 -31.41 25.17 27.88
N GLY E 12 -31.64 26.27 27.15
CA GLY E 12 -31.22 26.44 25.76
C GLY E 12 -29.73 26.67 25.57
N LEU E 13 -29.29 26.74 24.29
CA LEU E 13 -27.88 26.93 23.93
C LEU E 13 -27.28 28.21 24.53
N LEU E 14 -27.95 29.39 24.35
CA LEU E 14 -27.48 30.67 24.89
C LEU E 14 -27.76 30.77 26.39
N GLY E 15 -28.99 30.46 26.80
CA GLY E 15 -29.43 30.54 28.19
C GLY E 15 -28.53 29.88 29.20
N ARG E 16 -28.01 28.67 28.88
CA ARG E 16 -27.08 27.92 29.74
C ARG E 16 -25.84 28.74 30.04
N ALA E 17 -25.30 29.44 29.01
CA ALA E 17 -24.08 30.26 29.13
C ALA E 17 -24.33 31.53 29.90
N VAL E 18 -25.49 32.19 29.66
CA VAL E 18 -25.90 33.41 30.33
C VAL E 18 -26.02 33.13 31.81
N HIS E 19 -26.76 32.05 32.17
CA HIS E 19 -26.90 31.66 33.57
C HIS E 19 -25.53 31.46 34.23
N LYS E 20 -24.63 30.73 33.58
CA LYS E 20 -23.30 30.43 34.09
C LYS E 20 -22.48 31.72 34.31
N GLU E 21 -22.49 32.67 33.35
CA GLU E 21 -21.73 33.92 33.48
C GLU E 21 -22.16 34.71 34.69
N PHE E 22 -23.48 34.87 34.86
CA PHE E 22 -23.98 35.63 35.97
C PHE E 22 -23.67 34.95 37.29
N GLN E 23 -23.94 33.64 37.38
CA GLN E 23 -23.70 32.87 38.60
C GLN E 23 -22.21 32.87 39.02
N GLN E 24 -21.31 32.72 38.03
CA GLN E 24 -19.87 32.70 38.26
C GLN E 24 -19.31 34.04 38.70
N ASN E 25 -20.08 35.11 38.45
CA ASN E 25 -19.75 36.48 38.83
C ASN E 25 -20.54 36.93 40.04
N ASN E 26 -20.93 35.96 40.88
CA ASN E 26 -21.61 36.07 42.16
C ASN E 26 -22.96 36.80 42.13
N TRP E 27 -23.68 36.75 41.01
CA TRP E 27 -25.04 37.27 40.96
C TRP E 27 -25.95 36.21 41.55
N HIS E 28 -27.14 36.60 42.05
CA HIS E 28 -28.10 35.61 42.47
C HIS E 28 -28.84 35.24 41.18
N ALA E 29 -28.30 34.23 40.50
CA ALA E 29 -28.82 33.81 39.20
C ALA E 29 -29.80 32.68 39.34
N VAL E 30 -31.03 32.90 38.81
CA VAL E 30 -32.11 31.93 38.75
C VAL E 30 -32.43 31.73 37.26
N GLY E 31 -32.41 30.48 36.81
CA GLY E 31 -32.72 30.14 35.44
C GLY E 31 -34.06 29.48 35.23
N CYS E 32 -34.62 29.69 34.04
CA CYS E 32 -35.90 29.14 33.59
C CYS E 32 -35.76 28.27 32.43
N GLY E 33 -36.49 27.18 32.49
CA GLY E 33 -36.57 26.26 31.38
C GLY E 33 -38.00 25.83 31.21
N PHE E 34 -38.18 24.77 30.46
CA PHE E 34 -39.48 24.22 30.23
C PHE E 34 -39.36 22.69 30.18
N ARG E 35 -39.19 22.12 28.98
CA ARG E 35 -39.15 20.67 28.84
C ARG E 35 -37.91 20.10 29.54
N ARG E 36 -36.77 20.82 29.56
CA ARG E 36 -35.51 20.37 30.17
C ARG E 36 -35.18 21.07 31.52
N ALA E 37 -36.12 21.83 32.10
CA ALA E 37 -35.85 22.62 33.32
C ALA E 37 -35.37 21.81 34.53
N ARG E 38 -36.20 20.93 35.03
CA ARG E 38 -35.93 20.18 36.24
C ARG E 38 -34.75 19.16 36.10
N PRO E 39 -33.88 19.02 37.12
CA PRO E 39 -33.91 19.66 38.45
C PRO E 39 -33.13 20.98 38.57
N LYS E 40 -32.17 21.23 37.68
CA LYS E 40 -31.28 22.39 37.69
C LYS E 40 -32.04 23.74 37.68
N PHE E 41 -33.14 23.83 36.92
CA PHE E 41 -33.83 25.09 36.75
C PHE E 41 -35.31 25.07 37.10
N GLU E 42 -35.93 26.28 37.03
CA GLU E 42 -37.34 26.50 37.25
C GLU E 42 -38.11 26.14 36.00
N GLN E 43 -39.20 25.38 36.17
CA GLN E 43 -40.08 25.00 35.06
C GLN E 43 -41.20 26.03 34.99
N VAL E 44 -41.12 26.93 34.00
CA VAL E 44 -42.10 28.00 33.81
C VAL E 44 -42.47 28.07 32.32
N ASN E 45 -43.77 27.87 32.00
CA ASN E 45 -44.21 28.02 30.62
C ASN E 45 -44.44 29.50 30.41
N LEU E 46 -43.64 30.10 29.50
CA LEU E 46 -43.72 31.52 29.20
C LEU E 46 -45.02 31.90 28.53
N LEU E 47 -45.75 30.89 28.01
CA LEU E 47 -47.06 31.05 27.40
C LEU E 47 -48.18 31.09 28.47
N ASP E 48 -47.85 30.76 29.75
CA ASP E 48 -48.80 30.83 30.87
C ASP E 48 -48.52 32.12 31.64
N SER E 49 -49.31 33.15 31.36
CA SER E 49 -49.21 34.49 31.94
C SER E 49 -49.12 34.51 33.47
N ASN E 50 -49.83 33.56 34.16
CA ASN E 50 -49.86 33.48 35.63
C ASN E 50 -48.56 32.96 36.18
N ALA E 51 -48.00 31.92 35.55
CA ALA E 51 -46.74 31.34 35.99
C ALA E 51 -45.63 32.39 35.91
N VAL E 52 -45.58 33.11 34.75
CA VAL E 52 -44.62 34.16 34.43
C VAL E 52 -44.72 35.25 35.48
N HIS E 53 -45.95 35.68 35.79
CA HIS E 53 -46.23 36.70 36.78
C HIS E 53 -45.74 36.29 38.15
N HIS E 54 -46.07 35.06 38.57
CA HIS E 54 -45.73 34.56 39.88
C HIS E 54 -44.24 34.41 40.11
N ILE E 55 -43.49 33.83 39.17
CA ILE E 55 -42.05 33.69 39.39
C ILE E 55 -41.37 35.09 39.46
N ILE E 56 -41.76 36.02 38.57
CA ILE E 56 -41.15 37.35 38.54
C ILE E 56 -41.45 38.10 39.85
N HIS E 57 -42.71 38.08 40.31
N HIS E 57 -42.70 38.10 40.30
CA HIS E 57 -43.16 38.73 41.54
CA HIS E 57 -43.09 38.82 41.52
C HIS E 57 -42.51 38.11 42.78
C HIS E 57 -42.61 38.10 42.81
N ASP E 58 -42.27 36.80 42.75
CA ASP E 58 -41.73 36.07 43.90
C ASP E 58 -40.23 36.33 44.02
N PHE E 59 -39.51 36.21 42.89
CA PHE E 59 -38.06 36.37 42.81
C PHE E 59 -37.64 37.81 42.92
N GLN E 60 -38.44 38.74 42.36
CA GLN E 60 -38.19 40.19 42.32
C GLN E 60 -36.81 40.43 41.70
N PRO E 61 -36.60 40.03 40.41
CA PRO E 61 -35.27 40.20 39.81
C PRO E 61 -34.90 41.65 39.54
N HIS E 62 -33.61 41.95 39.49
CA HIS E 62 -33.15 43.29 39.14
C HIS E 62 -32.99 43.34 37.64
N VAL E 63 -32.61 42.19 37.04
CA VAL E 63 -32.37 41.99 35.61
C VAL E 63 -33.12 40.75 35.14
N ILE E 64 -33.67 40.80 33.92
CA ILE E 64 -34.28 39.64 33.26
C ILE E 64 -33.59 39.52 31.90
N VAL E 65 -32.96 38.37 31.61
CA VAL E 65 -32.33 38.13 30.31
C VAL E 65 -33.23 37.15 29.61
N HIS E 66 -33.92 37.63 28.56
CA HIS E 66 -34.89 36.84 27.83
C HIS E 66 -34.28 36.11 26.59
N CYS E 67 -33.96 34.82 26.78
CA CYS E 67 -33.35 33.98 25.76
C CYS E 67 -34.35 33.07 25.12
N ALA E 68 -35.33 32.55 25.88
CA ALA E 68 -36.34 31.62 25.38
C ALA E 68 -36.99 32.13 24.09
N ALA E 69 -37.00 31.26 23.05
CA ALA E 69 -37.56 31.53 21.72
C ALA E 69 -37.66 30.27 20.88
N GLU E 70 -38.38 30.36 19.74
CA GLU E 70 -38.48 29.31 18.74
C GLU E 70 -37.65 29.79 17.55
N ARG E 71 -36.43 29.22 17.40
CA ARG E 71 -35.47 29.67 16.38
C ARG E 71 -35.27 28.66 15.24
N ARG E 72 -36.00 27.54 15.32
CA ARG E 72 -35.95 26.51 14.28
C ARG E 72 -36.90 26.90 13.15
N PRO E 73 -36.39 27.15 11.91
CA PRO E 73 -37.28 27.53 10.80
C PRO E 73 -38.26 26.40 10.42
N ASP E 74 -37.95 25.15 10.82
CA ASP E 74 -38.80 23.98 10.63
C ASP E 74 -40.05 24.09 11.50
N VAL E 75 -39.88 24.56 12.76
CA VAL E 75 -40.97 24.73 13.73
C VAL E 75 -41.69 26.05 13.53
N VAL E 76 -40.97 27.10 13.05
CA VAL E 76 -41.53 28.45 12.80
C VAL E 76 -42.48 28.41 11.57
N GLU E 77 -42.08 27.69 10.48
CA GLU E 77 -42.91 27.57 9.28
C GLU E 77 -44.10 26.61 9.47
N ASN E 78 -43.89 25.43 10.13
CA ASN E 78 -44.94 24.42 10.38
C ASN E 78 -45.97 24.89 11.43
N GLN E 79 -45.51 25.54 12.52
CA GLN E 79 -46.37 26.08 13.59
C GLN E 79 -46.16 27.62 13.66
N PRO E 80 -46.74 28.42 12.72
CA PRO E 80 -46.54 29.89 12.75
C PRO E 80 -47.29 30.58 13.90
N ASP E 81 -48.40 29.96 14.32
CA ASP E 81 -49.31 30.34 15.39
C ASP E 81 -48.57 30.40 16.75
N ALA E 82 -47.97 29.27 17.17
CA ALA E 82 -47.27 29.14 18.45
C ALA E 82 -45.92 29.85 18.50
N ALA E 83 -45.21 29.94 17.34
CA ALA E 83 -43.91 30.62 17.25
C ALA E 83 -44.10 32.12 17.42
N SER E 84 -45.24 32.68 16.94
CA SER E 84 -45.58 34.08 17.10
C SER E 84 -45.91 34.34 18.59
N GLN E 85 -46.56 33.35 19.22
CA GLN E 85 -46.96 33.38 20.62
C GLN E 85 -45.77 33.39 21.58
N LEU E 86 -44.69 32.66 21.26
CA LEU E 86 -43.51 32.60 22.15
C LEU E 86 -42.51 33.74 21.87
N ASN E 87 -42.26 34.06 20.59
CA ASN E 87 -41.27 35.07 20.21
C ASN E 87 -41.77 36.51 20.35
N VAL E 88 -43.08 36.79 20.15
CA VAL E 88 -43.58 38.17 20.22
C VAL E 88 -44.54 38.38 21.42
N ASP E 89 -45.56 37.49 21.61
CA ASP E 89 -46.56 37.63 22.69
C ASP E 89 -45.96 37.37 24.09
N ALA E 90 -45.20 36.28 24.26
CA ALA E 90 -44.56 35.96 25.55
C ALA E 90 -43.52 37.02 25.93
N SER E 91 -42.81 37.56 24.92
CA SER E 91 -41.78 38.58 25.04
C SER E 91 -42.42 39.89 25.49
N GLY E 92 -43.56 40.22 24.93
CA GLY E 92 -44.32 41.42 25.26
C GLY E 92 -44.83 41.35 26.67
N ASN E 93 -45.35 40.17 27.09
CA ASN E 93 -45.88 39.95 28.45
C ASN E 93 -44.74 40.04 29.47
N LEU E 94 -43.57 39.50 29.11
CA LEU E 94 -42.38 39.55 29.94
C LEU E 94 -41.97 41.01 30.20
N ALA E 95 -42.05 41.86 29.14
CA ALA E 95 -41.75 43.28 29.21
C ALA E 95 -42.70 44.00 30.16
N LYS E 96 -44.02 43.66 30.12
CA LYS E 96 -45.06 44.22 31.00
C LYS E 96 -44.74 43.87 32.46
N GLU E 97 -44.40 42.58 32.69
CA GLU E 97 -44.08 42.01 33.98
C GLU E 97 -42.81 42.62 34.58
N ALA E 98 -41.75 42.77 33.74
CA ALA E 98 -40.47 43.38 34.13
C ALA E 98 -40.71 44.85 34.54
N ALA E 99 -41.53 45.57 33.77
CA ALA E 99 -41.88 46.97 34.00
C ALA E 99 -42.54 47.18 35.36
N ALA E 100 -43.40 46.23 35.78
CA ALA E 100 -44.14 46.24 37.05
C ALA E 100 -43.24 46.00 38.27
N VAL E 101 -42.16 45.23 38.13
CA VAL E 101 -41.22 44.87 39.20
C VAL E 101 -40.04 45.88 39.25
N GLY E 102 -39.79 46.57 38.13
CA GLY E 102 -38.68 47.52 38.00
C GLY E 102 -37.39 46.76 37.72
N ALA E 103 -37.47 45.81 36.80
CA ALA E 103 -36.37 44.97 36.39
C ALA E 103 -35.87 45.37 35.02
N PHE E 104 -34.55 45.34 34.83
CA PHE E 104 -33.93 45.66 33.55
C PHE E 104 -34.05 44.45 32.63
N LEU E 105 -34.84 44.59 31.56
CA LEU E 105 -35.05 43.47 30.66
C LEU E 105 -34.12 43.55 29.47
N ILE E 106 -33.39 42.44 29.21
CA ILE E 106 -32.54 42.34 28.03
C ILE E 106 -33.21 41.34 27.12
N TYR E 107 -33.74 41.82 25.99
CA TYR E 107 -34.38 40.98 24.98
C TYR E 107 -33.33 40.56 23.97
N ILE E 108 -33.18 39.26 23.76
CA ILE E 108 -32.19 38.75 22.81
C ILE E 108 -32.85 38.65 21.44
N SER E 109 -32.34 39.43 20.48
CA SER E 109 -32.82 39.47 19.10
C SER E 109 -31.82 38.80 18.14
N SER E 110 -32.05 38.91 16.84
CA SER E 110 -31.30 38.25 15.77
C SER E 110 -30.83 39.18 14.65
N ASP E 111 -29.75 38.80 13.93
CA ASP E 111 -29.27 39.56 12.77
C ASP E 111 -30.23 39.33 11.57
N TYR E 112 -31.14 38.33 11.71
CA TYR E 112 -32.16 37.96 10.72
C TYR E 112 -33.31 38.97 10.61
N VAL E 113 -33.23 40.10 11.35
CA VAL E 113 -34.19 41.20 11.24
C VAL E 113 -33.84 42.05 10.01
N PHE E 114 -32.58 41.93 9.53
CA PHE E 114 -32.04 42.63 8.36
C PHE E 114 -32.06 41.77 7.08
N ASP E 115 -32.07 42.42 5.88
CA ASP E 115 -32.10 41.71 4.59
C ASP E 115 -30.70 41.34 4.10
N GLY E 116 -29.68 41.78 4.83
CA GLY E 116 -28.26 41.48 4.57
C GLY E 116 -27.76 41.89 3.21
N THR E 117 -28.24 43.04 2.72
CA THR E 117 -27.88 43.61 1.43
C THR E 117 -26.91 44.76 1.60
N ASN E 118 -26.99 45.47 2.74
CA ASN E 118 -26.15 46.62 3.00
C ASN E 118 -25.37 46.52 4.34
N PRO E 119 -24.41 45.57 4.47
CA PRO E 119 -23.64 45.49 5.72
C PRO E 119 -22.53 46.56 5.83
N PRO E 120 -21.99 46.90 7.03
CA PRO E 120 -22.40 46.46 8.37
C PRO E 120 -23.65 47.23 8.84
N TYR E 121 -24.50 46.54 9.59
CA TYR E 121 -25.74 47.12 10.08
C TYR E 121 -25.59 47.76 11.46
N ARG E 122 -25.90 49.05 11.55
CA ARG E 122 -25.90 49.82 12.79
C ARG E 122 -27.28 49.60 13.44
N GLU E 123 -27.39 49.83 14.75
CA GLU E 123 -28.61 49.60 15.53
C GLU E 123 -29.86 50.31 14.93
N GLU E 124 -29.69 51.57 14.50
CA GLU E 124 -30.71 52.45 13.92
C GLU E 124 -31.12 52.07 12.47
N ASP E 125 -30.33 51.24 11.76
CA ASP E 125 -30.60 50.85 10.37
C ASP E 125 -31.96 50.14 10.27
N ILE E 126 -32.68 50.39 9.17
CA ILE E 126 -34.05 49.90 8.96
C ILE E 126 -34.09 48.38 8.79
N PRO E 127 -34.76 47.64 9.71
CA PRO E 127 -34.85 46.19 9.55
C PRO E 127 -35.82 45.80 8.42
N ALA E 128 -35.50 44.74 7.69
CA ALA E 128 -36.28 44.17 6.59
C ALA E 128 -36.18 42.63 6.63
N PRO E 129 -36.95 41.93 7.50
CA PRO E 129 -36.82 40.47 7.61
C PRO E 129 -37.29 39.73 6.37
N LEU E 130 -36.49 38.76 5.91
CA LEU E 130 -36.77 37.98 4.71
C LEU E 130 -37.51 36.65 5.03
N ASN E 131 -37.68 36.34 6.32
CA ASN E 131 -38.33 35.12 6.81
C ASN E 131 -39.22 35.42 8.00
N LEU E 132 -40.16 34.48 8.30
CA LEU E 132 -41.11 34.62 9.40
C LEU E 132 -40.39 34.67 10.77
N TYR E 133 -39.26 33.93 10.91
CA TYR E 133 -38.48 33.93 12.14
C TYR E 133 -37.92 35.34 12.44
N GLY E 134 -37.27 35.96 11.44
CA GLY E 134 -36.72 37.31 11.51
C GLY E 134 -37.80 38.36 11.69
N LYS E 135 -39.04 38.00 11.29
CA LYS E 135 -40.24 38.83 11.42
C LYS E 135 -40.75 38.75 12.86
N THR E 136 -40.85 37.53 13.46
CA THR E 136 -41.30 37.34 14.85
C THR E 136 -40.26 37.93 15.82
N LYS E 137 -39.01 37.96 15.39
CA LYS E 137 -37.88 38.50 16.15
C LYS E 137 -38.00 40.03 16.19
N LEU E 138 -38.35 40.66 15.05
CA LEU E 138 -38.55 42.10 14.95
C LEU E 138 -39.81 42.51 15.72
N ASP E 139 -40.89 41.70 15.59
CA ASP E 139 -42.19 41.90 16.25
C ASP E 139 -42.07 41.66 17.74
N GLY E 140 -41.03 40.92 18.14
CA GLY E 140 -40.68 40.66 19.53
C GLY E 140 -40.06 41.92 20.12
N GLU E 141 -39.11 42.51 19.37
CA GLU E 141 -38.40 43.76 19.69
C GLU E 141 -39.39 44.90 19.96
N LYS E 142 -40.32 45.11 19.00
CA LYS E 142 -41.37 46.11 19.05
C LYS E 142 -42.27 45.86 20.27
N ALA E 143 -42.69 44.59 20.51
CA ALA E 143 -43.51 44.20 21.66
C ALA E 143 -42.85 44.54 22.98
N VAL E 144 -41.53 44.24 23.11
CA VAL E 144 -40.78 44.52 24.33
C VAL E 144 -40.65 46.04 24.54
N LEU E 145 -40.13 46.77 23.53
CA LEU E 145 -39.90 48.23 23.64
C LEU E 145 -41.19 49.05 23.78
N GLU E 146 -42.35 48.51 23.33
CA GLU E 146 -43.64 49.17 23.50
C GLU E 146 -44.09 49.11 24.94
N ASN E 147 -43.98 47.91 25.55
CA ASN E 147 -44.43 47.57 26.90
C ASN E 147 -43.43 47.87 28.03
N ASN E 148 -42.16 48.17 27.70
CA ASN E 148 -41.12 48.49 28.69
C ASN E 148 -40.17 49.50 28.06
N LEU E 149 -40.17 50.74 28.59
CA LEU E 149 -39.35 51.84 28.08
C LEU E 149 -37.84 51.60 28.33
N GLY E 150 -37.47 51.30 29.58
CA GLY E 150 -36.08 51.07 29.97
C GLY E 150 -35.38 49.80 29.53
N ALA E 151 -36.07 48.93 28.74
CA ALA E 151 -35.56 47.66 28.24
C ALA E 151 -34.46 47.86 27.22
N ALA E 152 -33.65 46.81 27.02
CA ALA E 152 -32.58 46.75 26.03
C ALA E 152 -32.81 45.59 25.07
N VAL E 153 -32.46 45.80 23.80
CA VAL E 153 -32.54 44.76 22.77
C VAL E 153 -31.10 44.43 22.38
N LEU E 154 -30.71 43.15 22.43
CA LEU E 154 -29.36 42.75 22.04
C LEU E 154 -29.46 41.86 20.82
N ARG E 155 -29.08 42.39 19.64
CA ARG E 155 -29.08 41.63 18.37
C ARG E 155 -27.76 40.91 18.21
N ILE E 156 -27.83 39.60 17.97
CA ILE E 156 -26.65 38.75 17.83
C ILE E 156 -26.75 37.83 16.61
N PRO E 157 -25.62 37.38 16.01
CA PRO E 157 -25.70 36.50 14.84
C PRO E 157 -25.60 35.01 15.21
N ILE E 158 -25.33 34.13 14.23
CA ILE E 158 -25.21 32.67 14.39
C ILE E 158 -24.36 32.30 15.63
N LEU E 159 -24.97 31.53 16.53
CA LEU E 159 -24.33 31.12 17.78
C LEU E 159 -23.81 29.70 17.74
N TYR E 160 -22.75 29.47 18.54
CA TYR E 160 -22.10 28.19 18.76
C TYR E 160 -21.63 28.18 20.24
N GLY E 161 -21.33 27.01 20.75
CA GLY E 161 -20.90 26.86 22.13
C GLY E 161 -21.01 25.39 22.53
N GLU E 162 -20.90 25.11 23.83
CA GLU E 162 -20.96 23.74 24.34
C GLU E 162 -22.38 23.21 24.14
N VAL E 163 -22.54 22.28 23.20
CA VAL E 163 -23.83 21.73 22.80
C VAL E 163 -24.13 20.37 23.47
N GLU E 164 -25.43 20.13 23.73
CA GLU E 164 -25.93 18.85 24.24
C GLU E 164 -25.97 17.84 23.10
N LYS E 165 -26.33 18.30 21.89
CA LYS E 165 -26.42 17.57 20.62
C LYS E 165 -25.80 18.43 19.53
N LEU E 166 -25.22 17.84 18.48
CA LEU E 166 -24.61 18.64 17.41
C LEU E 166 -25.64 19.56 16.68
N GLU E 167 -26.93 19.12 16.62
CA GLU E 167 -28.05 19.85 15.99
C GLU E 167 -28.42 21.10 16.76
N GLU E 168 -27.96 21.24 18.02
CA GLU E 168 -28.27 22.41 18.87
C GLU E 168 -27.74 23.73 18.26
N SER E 169 -26.67 23.70 17.43
CA SER E 169 -26.12 24.88 16.79
C SER E 169 -25.92 24.63 15.30
N ALA E 170 -26.16 25.66 14.48
CA ALA E 170 -26.00 25.59 13.03
C ALA E 170 -24.54 25.44 12.63
N VAL E 171 -23.63 25.87 13.53
CA VAL E 171 -22.18 25.77 13.35
C VAL E 171 -21.74 24.34 13.66
N THR E 172 -22.22 23.79 14.80
CA THR E 172 -21.84 22.46 15.27
C THR E 172 -22.45 21.28 14.48
N VAL E 173 -23.55 21.44 13.71
CA VAL E 173 -24.11 20.27 12.97
C VAL E 173 -23.16 19.71 11.95
N MET E 174 -22.34 20.59 11.36
CA MET E 174 -21.36 20.28 10.32
C MET E 174 -20.30 19.27 10.74
N PHE E 175 -20.04 19.12 12.06
CA PHE E 175 -18.99 18.27 12.58
C PHE E 175 -19.01 16.84 12.02
N ASP E 176 -20.18 16.20 11.85
CA ASP E 176 -20.19 14.83 11.30
C ASP E 176 -19.78 14.80 9.81
N LYS E 177 -20.12 15.86 9.04
CA LYS E 177 -19.76 15.97 7.62
C LYS E 177 -18.25 16.10 7.50
N VAL E 178 -17.63 16.84 8.44
CA VAL E 178 -16.17 17.05 8.53
C VAL E 178 -15.45 15.70 8.89
N GLN E 179 -16.03 14.95 9.85
CA GLN E 179 -15.48 13.69 10.34
C GLN E 179 -15.57 12.55 9.33
N PHE E 180 -16.66 12.47 8.53
CA PHE E 180 -16.86 11.44 7.50
C PHE E 180 -16.12 11.87 6.21
N SER E 181 -14.79 11.65 6.19
CA SER E 181 -13.85 12.05 5.13
C SER E 181 -14.00 11.21 3.86
N ASN E 182 -14.54 9.98 4.00
CA ASN E 182 -14.77 9.01 2.93
C ASN E 182 -15.89 9.47 1.98
N LYS E 183 -16.82 10.32 2.48
CA LYS E 183 -17.95 10.88 1.72
C LYS E 183 -17.76 12.38 1.46
N SER E 184 -17.91 12.81 0.18
CA SER E 184 -17.77 14.24 -0.16
C SER E 184 -19.01 14.97 0.32
N ALA E 185 -18.81 16.15 0.91
CA ALA E 185 -19.89 16.96 1.45
C ALA E 185 -19.94 18.31 0.79
N ASN E 186 -21.14 18.75 0.44
CA ASN E 186 -21.42 20.05 -0.17
C ASN E 186 -21.70 21.07 0.94
N MET E 187 -20.89 22.15 0.98
CA MET E 187 -20.96 23.20 2.00
C MET E 187 -21.19 24.56 1.40
N ASP E 188 -22.12 25.34 1.99
CA ASP E 188 -22.48 26.68 1.53
C ASP E 188 -21.28 27.64 1.61
N HIS E 189 -20.98 28.31 0.48
CA HIS E 189 -19.89 29.28 0.35
C HIS E 189 -20.43 30.58 -0.25
N TRP E 190 -21.73 30.86 0.04
CA TRP E 190 -22.46 32.04 -0.42
C TRP E 190 -22.77 33.01 0.75
N GLN E 191 -23.54 32.58 1.76
CA GLN E 191 -23.97 33.37 2.92
C GLN E 191 -22.81 33.65 3.87
N GLN E 192 -22.54 34.96 4.12
CA GLN E 192 -21.47 35.45 5.01
C GLN E 192 -21.97 35.49 6.47
N ARG E 193 -21.41 34.61 7.31
CA ARG E 193 -21.79 34.48 8.71
C ARG E 193 -20.70 34.95 9.66
N PHE E 194 -21.11 35.31 10.88
CA PHE E 194 -20.20 35.77 11.92
C PHE E 194 -20.40 34.91 13.15
N PRO E 195 -19.81 33.69 13.16
CA PRO E 195 -20.02 32.77 14.29
C PRO E 195 -19.63 33.44 15.60
N THR E 196 -20.57 33.45 16.56
CA THR E 196 -20.41 34.08 17.86
C THR E 196 -20.59 33.04 18.98
N HIS E 197 -19.66 33.05 19.93
CA HIS E 197 -19.67 32.17 21.07
C HIS E 197 -20.70 32.64 22.09
N VAL E 198 -21.56 31.69 22.55
CA VAL E 198 -22.55 31.96 23.58
C VAL E 198 -21.87 32.53 24.86
N LYS E 199 -20.63 32.09 25.17
CA LYS E 199 -19.80 32.57 26.29
C LYS E 199 -19.59 34.08 26.19
N ASP E 200 -19.28 34.59 24.96
CA ASP E 200 -19.04 36.01 24.66
C ASP E 200 -20.32 36.84 24.81
N VAL E 201 -21.45 36.35 24.23
CA VAL E 201 -22.75 37.02 24.34
C VAL E 201 -23.13 37.11 25.81
N ALA E 202 -22.90 36.03 26.61
CA ALA E 202 -23.18 36.00 28.06
C ALA E 202 -22.41 37.10 28.78
N THR E 203 -21.13 37.33 28.41
CA THR E 203 -20.28 38.38 28.98
C THR E 203 -20.89 39.72 28.68
N VAL E 204 -21.31 39.94 27.42
CA VAL E 204 -21.93 41.19 26.95
C VAL E 204 -23.22 41.48 27.77
N CYS E 205 -24.06 40.44 28.03
CA CYS E 205 -25.28 40.56 28.85
C CYS E 205 -24.94 41.00 30.25
N ARG E 206 -23.95 40.33 30.89
CA ARG E 206 -23.51 40.64 32.25
C ARG E 206 -22.96 42.07 32.34
N GLN E 207 -22.10 42.47 31.39
CA GLN E 207 -21.48 43.80 31.37
C GLN E 207 -22.52 44.89 31.20
N LEU E 208 -23.51 44.66 30.33
CA LEU E 208 -24.62 45.56 30.07
C LEU E 208 -25.49 45.72 31.31
N ALA E 209 -25.84 44.59 31.97
CA ALA E 209 -26.62 44.55 33.20
C ALA E 209 -25.86 45.24 34.33
N GLU E 210 -24.56 44.91 34.51
CA GLU E 210 -23.71 45.53 35.55
C GLU E 210 -23.54 47.05 35.33
N LYS E 211 -23.57 47.52 34.06
CA LYS E 211 -23.47 48.94 33.72
C LYS E 211 -24.75 49.67 34.09
N ARG E 212 -25.91 49.05 33.75
CA ARG E 212 -27.23 49.59 34.01
C ARG E 212 -27.48 49.72 35.52
N MET E 213 -26.97 48.78 36.34
CA MET E 213 -27.14 48.80 37.80
C MET E 213 -26.57 50.08 38.43
N LEU E 214 -25.77 50.85 37.68
CA LEU E 214 -25.18 52.10 38.14
C LEU E 214 -25.47 53.31 37.21
N ASP E 215 -25.89 53.05 35.95
CA ASP E 215 -26.18 54.07 34.95
C ASP E 215 -27.58 53.83 34.34
N PRO E 216 -28.54 54.74 34.61
CA PRO E 216 -29.89 54.54 34.05
C PRO E 216 -30.02 54.84 32.54
N SER E 217 -28.94 55.30 31.89
CA SER E 217 -28.96 55.58 30.47
C SER E 217 -28.75 54.31 29.62
N ILE E 218 -28.42 53.17 30.25
CA ILE E 218 -28.20 51.91 29.54
C ILE E 218 -29.58 51.28 29.20
N LYS E 219 -30.09 51.63 28.01
CA LYS E 219 -31.35 51.14 27.46
C LYS E 219 -31.29 51.22 25.94
N GLY E 220 -32.23 50.58 25.25
CA GLY E 220 -32.30 50.62 23.79
C GLY E 220 -31.70 49.43 23.07
N THR E 221 -31.49 49.59 21.76
CA THR E 221 -30.97 48.51 20.93
C THR E 221 -29.44 48.54 20.90
N PHE E 222 -28.82 47.33 20.95
CA PHE E 222 -27.38 47.07 20.92
C PHE E 222 -27.08 45.89 20.00
N HIS E 223 -25.86 45.87 19.43
CA HIS E 223 -25.41 44.84 18.51
C HIS E 223 -24.14 44.16 18.97
N TRP E 224 -24.14 42.81 19.06
CA TRP E 224 -22.91 42.09 19.37
C TRP E 224 -22.67 40.95 18.39
N SER E 225 -21.42 40.80 17.94
CA SER E 225 -21.00 39.82 16.93
C SER E 225 -19.50 39.51 17.02
N GLY E 226 -19.15 38.30 16.59
CA GLY E 226 -17.77 37.88 16.46
C GLY E 226 -17.20 38.63 15.27
N ASN E 227 -15.87 38.82 15.23
CA ASN E 227 -15.25 39.58 14.16
C ASN E 227 -14.70 38.71 13.02
N GLU E 228 -14.91 37.38 13.06
CA GLU E 228 -14.44 36.46 12.03
C GLU E 228 -15.56 36.16 11.04
N GLN E 229 -15.42 36.68 9.81
CA GLN E 229 -16.38 36.44 8.73
C GLN E 229 -16.10 35.08 8.14
N MET E 230 -17.17 34.27 8.01
CA MET E 230 -17.08 32.90 7.54
C MET E 230 -18.36 32.40 6.90
N THR E 231 -18.21 31.63 5.83
CA THR E 231 -19.33 30.94 5.19
C THR E 231 -19.42 29.58 5.89
N LYS E 232 -20.49 28.79 5.68
CA LYS E 232 -20.55 27.47 6.31
C LYS E 232 -19.35 26.61 5.87
N TYR E 233 -18.87 26.76 4.60
CA TYR E 233 -17.69 26.08 4.06
C TYR E 233 -16.42 26.45 4.82
N GLU E 234 -16.18 27.77 5.02
CA GLU E 234 -14.98 28.28 5.72
C GLU E 234 -14.97 27.78 7.17
N MET E 235 -16.17 27.72 7.80
CA MET E 235 -16.36 27.22 9.15
C MET E 235 -15.99 25.74 9.21
N ALA E 236 -16.57 24.93 8.31
CA ALA E 236 -16.32 23.50 8.19
C ALA E 236 -14.83 23.23 8.04
N CYS E 237 -14.11 24.06 7.26
CA CYS E 237 -12.67 23.96 7.06
C CYS E 237 -11.91 24.34 8.32
N ALA E 238 -12.35 25.41 9.01
CA ALA E 238 -11.75 25.87 10.28
C ALA E 238 -11.87 24.81 11.37
N ILE E 239 -13.02 24.08 11.41
CA ILE E 239 -13.32 22.99 12.34
C ILE E 239 -12.33 21.85 12.05
N ALA E 240 -12.17 21.50 10.77
CA ALA E 240 -11.25 20.47 10.33
C ALA E 240 -9.82 20.79 10.77
N ASP E 241 -9.40 22.07 10.62
CA ASP E 241 -8.07 22.54 10.97
C ASP E 241 -7.82 22.49 12.47
N ALA E 242 -8.86 22.79 13.27
CA ALA E 242 -8.82 22.81 14.74
C ALA E 242 -8.50 21.42 15.32
N PHE E 243 -8.99 20.36 14.64
CA PHE E 243 -8.83 18.97 15.08
C PHE E 243 -7.77 18.22 14.30
N ASN E 244 -7.15 18.90 13.30
CA ASN E 244 -6.11 18.36 12.43
C ASN E 244 -6.71 17.21 11.56
N LEU E 245 -7.90 17.46 11.01
CA LEU E 245 -8.64 16.55 10.14
C LEU E 245 -8.61 17.05 8.71
N PRO E 246 -8.67 16.18 7.69
CA PRO E 246 -8.69 16.68 6.30
C PRO E 246 -10.01 17.38 5.96
N SER E 247 -9.93 18.35 5.03
CA SER E 247 -11.06 19.14 4.53
C SER E 247 -11.11 19.09 3.00
N SER E 248 -10.38 18.12 2.41
CA SER E 248 -10.31 17.91 0.95
C SER E 248 -11.68 17.51 0.36
N HIS E 249 -12.50 16.80 1.16
CA HIS E 249 -13.83 16.26 0.81
C HIS E 249 -14.94 17.30 0.85
N LEU E 250 -14.70 18.44 1.53
CA LEU E 250 -15.70 19.50 1.60
C LEU E 250 -15.66 20.33 0.30
N ARG E 251 -16.80 20.36 -0.40
CA ARG E 251 -16.97 21.06 -1.67
C ARG E 251 -17.72 22.39 -1.44
N PRO E 252 -17.11 23.55 -1.82
CA PRO E 252 -17.82 24.82 -1.64
C PRO E 252 -18.85 25.09 -2.74
N ILE E 253 -20.01 25.64 -2.33
CA ILE E 253 -21.11 26.02 -3.24
C ILE E 253 -21.31 27.55 -3.09
N THR E 254 -20.75 28.27 -4.08
CA THR E 254 -20.74 29.73 -4.19
C THR E 254 -22.08 30.27 -4.72
N ASP E 255 -22.88 29.40 -5.37
CA ASP E 255 -24.18 29.76 -5.92
C ASP E 255 -25.22 29.93 -4.82
N SER E 256 -26.17 30.88 -5.01
CA SER E 256 -27.26 31.15 -4.07
C SER E 256 -28.19 29.94 -3.97
N PRO E 257 -28.56 29.49 -2.75
CA PRO E 257 -29.42 28.29 -2.61
C PRO E 257 -30.88 28.54 -3.04
N VAL E 258 -31.70 27.46 -3.03
CA VAL E 258 -33.12 27.50 -3.36
C VAL E 258 -33.88 28.41 -2.38
N LEU E 259 -33.58 28.28 -1.07
CA LEU E 259 -34.17 29.09 0.00
C LEU E 259 -33.37 30.42 0.25
N GLY E 260 -32.38 30.69 -0.62
CA GLY E 260 -31.49 31.86 -0.59
C GLY E 260 -32.16 33.22 -0.57
N ALA E 261 -33.35 33.31 -1.17
CA ALA E 261 -34.17 34.53 -1.22
C ALA E 261 -34.77 34.87 0.16
N GLN E 262 -34.92 33.84 1.04
CA GLN E 262 -35.48 33.97 2.39
C GLN E 262 -34.38 34.07 3.46
N ARG E 263 -33.11 34.27 3.08
CA ARG E 263 -32.07 34.47 4.09
C ARG E 263 -31.09 35.58 3.67
N PRO E 264 -30.63 36.39 4.65
CA PRO E 264 -29.72 37.50 4.34
C PRO E 264 -28.34 37.03 3.92
N ARG E 265 -27.79 37.61 2.85
CA ARG E 265 -26.46 37.25 2.34
C ARG E 265 -25.35 37.62 3.34
N ASN E 266 -25.35 38.86 3.84
CA ASN E 266 -24.38 39.32 4.82
C ASN E 266 -25.05 40.36 5.71
N ALA E 267 -25.65 39.88 6.83
CA ALA E 267 -26.34 40.75 7.80
C ALA E 267 -25.39 41.17 8.95
N GLN E 268 -24.13 41.52 8.58
CA GLN E 268 -23.06 41.90 9.51
C GLN E 268 -23.53 43.00 10.44
N LEU E 269 -23.36 42.77 11.74
CA LEU E 269 -23.75 43.74 12.75
C LEU E 269 -22.56 44.59 13.13
N ASP E 270 -22.75 45.93 13.09
CA ASP E 270 -21.74 46.91 13.51
C ASP E 270 -21.85 47.02 15.03
N CYS E 271 -20.75 46.71 15.75
CA CYS E 271 -20.71 46.68 17.22
C CYS E 271 -20.07 47.94 17.84
N SER E 272 -19.88 49.03 17.08
CA SER E 272 -19.23 50.23 17.59
C SER E 272 -19.89 50.82 18.84
N LYS E 273 -21.24 50.70 18.95
CA LYS E 273 -22.00 51.23 20.10
C LYS E 273 -21.51 50.60 21.39
N LEU E 274 -21.45 49.24 21.44
CA LEU E 274 -21.00 48.51 22.62
C LEU E 274 -19.51 48.65 22.84
N GLU E 275 -18.71 48.67 21.76
CA GLU E 275 -17.25 48.82 21.82
C GLU E 275 -16.88 50.19 22.46
N THR E 276 -17.64 51.26 22.14
CA THR E 276 -17.45 52.61 22.67
C THR E 276 -17.70 52.59 24.18
N LEU E 277 -18.67 51.79 24.63
CA LEU E 277 -19.05 51.64 26.03
C LEU E 277 -18.06 50.76 26.80
N GLY E 278 -17.13 50.13 26.09
CA GLY E 278 -16.14 49.23 26.68
C GLY E 278 -16.66 47.84 26.96
N ILE E 279 -17.88 47.52 26.46
CA ILE E 279 -18.55 46.23 26.57
C ILE E 279 -17.99 45.33 25.46
N GLY E 280 -17.82 44.04 25.75
CA GLY E 280 -17.37 43.11 24.74
C GLY E 280 -16.36 42.07 25.14
N GLN E 281 -16.36 40.95 24.41
CA GLN E 281 -15.48 39.80 24.56
C GLN E 281 -15.46 39.03 23.25
N ARG E 282 -14.27 38.60 22.81
CA ARG E 282 -14.20 37.84 21.57
C ARG E 282 -13.25 36.63 21.64
N THR E 283 -13.85 35.43 21.78
CA THR E 283 -13.12 34.17 21.78
C THR E 283 -12.78 33.81 20.33
N PRO E 284 -11.46 33.62 20.00
CA PRO E 284 -11.08 33.23 18.62
C PRO E 284 -11.81 31.95 18.21
N PHE E 285 -12.47 31.94 17.03
CA PHE E 285 -13.27 30.79 16.58
C PHE E 285 -12.55 29.45 16.72
N ARG E 286 -11.28 29.34 16.28
CA ARG E 286 -10.51 28.09 16.36
C ARG E 286 -10.40 27.56 17.80
N ILE E 287 -10.32 28.45 18.81
CA ILE E 287 -10.23 28.06 20.23
C ILE E 287 -11.63 27.62 20.70
N GLY E 288 -12.62 28.49 20.49
CA GLY E 288 -14.01 28.26 20.87
C GLY E 288 -14.63 26.99 20.32
N ILE E 289 -14.41 26.69 19.04
CA ILE E 289 -15.04 25.53 18.41
C ILE E 289 -14.41 24.21 18.88
N LYS E 290 -13.10 24.20 19.14
CA LYS E 290 -12.35 23.05 19.66
C LYS E 290 -12.93 22.69 21.06
N GLU E 291 -13.12 23.73 21.90
CA GLU E 291 -13.66 23.68 23.27
C GLU E 291 -15.08 23.03 23.27
N SER E 292 -15.86 23.28 22.20
CA SER E 292 -17.25 22.87 22.05
C SER E 292 -17.46 21.50 21.49
N LEU E 293 -16.70 21.13 20.46
CA LEU E 293 -16.92 19.91 19.71
C LEU E 293 -16.08 18.70 20.09
N TRP E 294 -14.98 18.89 20.82
CA TRP E 294 -14.10 17.75 21.11
C TRP E 294 -14.86 16.52 21.68
N PRO E 295 -15.95 16.60 22.50
CA PRO E 295 -16.61 15.37 22.97
C PRO E 295 -17.24 14.57 21.84
N PHE E 296 -17.57 15.23 20.71
CA PHE E 296 -18.20 14.60 19.55
C PHE E 296 -17.19 14.09 18.52
N LEU E 297 -15.88 14.23 18.81
CA LEU E 297 -14.81 13.74 17.94
C LEU E 297 -14.71 12.22 18.10
N ILE E 298 -15.08 11.48 17.05
CA ILE E 298 -15.06 10.01 17.03
C ILE E 298 -13.63 9.46 17.00
N ASP E 299 -13.32 8.59 17.99
CA ASP E 299 -12.09 7.81 18.09
C ASP E 299 -12.42 6.44 17.49
N LYS E 300 -11.91 6.14 16.28
CA LYS E 300 -12.23 4.88 15.61
C LYS E 300 -11.92 3.67 16.51
N ARG E 301 -10.63 3.46 16.86
CA ARG E 301 -10.17 2.32 17.67
C ARG E 301 -10.68 1.02 17.01
N TRP E 302 -11.52 0.23 17.68
CA TRP E 302 -12.15 -1.01 17.22
C TRP E 302 -13.31 -0.77 16.23
N ARG E 303 -13.83 0.46 16.13
CA ARG E 303 -15.00 0.80 15.29
C ARG E 303 -14.64 0.87 13.82
N GLN E 304 -14.33 -0.28 13.22
CA GLN E 304 -13.88 -0.36 11.83
C GLN E 304 -14.94 0.12 10.83
N THR E 305 -16.19 -0.32 10.96
CA THR E 305 -17.24 0.06 10.01
C THR E 305 -18.12 1.24 10.51
N VAL E 306 -17.65 2.07 11.46
CA VAL E 306 -18.48 3.19 11.98
C VAL E 306 -18.66 4.26 10.90
N PHE E 307 -17.63 4.50 10.08
CA PHE E 307 -17.68 5.52 9.03
C PHE E 307 -18.27 4.98 7.71
N HIS E 308 -19.00 3.84 7.79
CA HIS E 308 -19.68 3.19 6.66
C HIS E 308 -20.74 4.12 6.06
N ALA E 309 -20.88 4.05 4.72
CA ALA E 309 -21.79 4.85 3.88
C ALA E 309 -23.26 4.81 4.35
N GLU E 310 -23.80 3.62 4.68
CA GLU E 310 -25.19 3.44 5.14
C GLU E 310 -25.35 3.71 6.66
N ASN E 311 -24.52 4.60 7.26
CA ASN E 311 -24.55 4.97 8.68
C ASN E 311 -24.25 6.48 8.88
N LEU E 312 -25.08 7.18 9.70
CA LEU E 312 -24.95 8.59 10.09
C LEU E 312 -25.95 8.95 11.21
#